data_2COT
#
_entry.id   2COT
#
loop_
_entity.id
_entity.type
_entity.pdbx_description
1 polymer 'Zinc finger protein 435'
2 non-polymer 'ZINC ION'
#
_entity_poly.entity_id   1
_entity_poly.type   'polypeptide(L)'
_entity_poly.pdbx_seq_one_letter_code
;GSSGSSGRSEWQQRERRRYKCDECGKSFSHSSDLSKHRRTHTGEKPYKCDECGKAFIQRSHLIGHHRVHTGSGPSSG
;
_entity_poly.pdbx_strand_id   A
#
# COMPACT_ATOMS: atom_id res chain seq x y z
N GLY A 1 -10.93 36.29 -5.67
CA GLY A 1 -11.56 34.99 -5.85
C GLY A 1 -11.30 34.06 -4.68
N SER A 2 -11.30 32.76 -4.94
CA SER A 2 -11.07 31.76 -3.91
C SER A 2 -10.17 30.64 -4.42
N SER A 3 -9.35 30.11 -3.53
CA SER A 3 -8.44 29.02 -3.89
C SER A 3 -7.90 28.33 -2.65
N GLY A 4 -7.19 27.22 -2.85
CA GLY A 4 -6.63 26.49 -1.73
C GLY A 4 -6.58 24.99 -1.99
N SER A 5 -5.49 24.36 -1.55
CA SER A 5 -5.33 22.92 -1.74
C SER A 5 -6.54 22.15 -1.22
N SER A 6 -7.17 21.38 -2.10
CA SER A 6 -8.34 20.60 -1.73
C SER A 6 -8.16 19.14 -2.12
N GLY A 7 -7.86 18.90 -3.39
CA GLY A 7 -7.67 17.54 -3.86
C GLY A 7 -8.76 16.60 -3.39
N ARG A 8 -8.43 15.32 -3.28
CA ARG A 8 -9.39 14.31 -2.83
C ARG A 8 -10.74 14.52 -3.51
N SER A 9 -10.71 14.82 -4.80
CA SER A 9 -11.93 15.04 -5.57
C SER A 9 -12.37 13.77 -6.27
N GLU A 10 -12.26 12.65 -5.56
CA GLU A 10 -12.65 11.36 -6.12
C GLU A 10 -14.06 10.97 -5.68
N TRP A 11 -14.71 10.13 -6.47
CA TRP A 11 -16.07 9.68 -6.15
C TRP A 11 -16.06 8.26 -5.60
N GLN A 12 -15.25 7.40 -6.21
CA GLN A 12 -15.15 6.01 -5.78
C GLN A 12 -13.69 5.56 -5.74
N GLN A 13 -13.24 5.14 -4.57
CA GLN A 13 -11.87 4.67 -4.41
C GLN A 13 -11.81 3.14 -4.36
N ARG A 14 -11.02 2.57 -5.26
CA ARG A 14 -10.87 1.11 -5.33
C ARG A 14 -9.40 0.71 -5.26
N GLU A 15 -8.81 0.84 -4.08
CA GLU A 15 -7.40 0.49 -3.89
C GLU A 15 -7.26 -1.01 -3.61
N ARG A 16 -6.11 -1.55 -4.02
CA ARG A 16 -5.84 -2.97 -3.82
C ARG A 16 -6.17 -3.40 -2.40
N ARG A 17 -6.30 -4.70 -2.19
CA ARG A 17 -6.62 -5.24 -0.88
C ARG A 17 -5.78 -4.58 0.21
N ARG A 18 -6.40 -4.34 1.36
CA ARG A 18 -5.70 -3.70 2.48
C ARG A 18 -4.38 -4.40 2.77
N TYR A 19 -4.40 -5.73 2.79
CA TYR A 19 -3.20 -6.51 3.06
C TYR A 19 -3.00 -7.57 1.98
N LYS A 20 -2.20 -7.22 0.96
CA LYS A 20 -1.91 -8.14 -0.13
C LYS A 20 -0.47 -8.00 -0.59
N CYS A 21 0.12 -9.11 -1.01
CA CYS A 21 1.51 -9.11 -1.48
C CYS A 21 1.56 -8.94 -2.99
N ASP A 22 2.57 -8.20 -3.46
CA ASP A 22 2.73 -7.96 -4.89
C ASP A 22 3.67 -8.99 -5.51
N GLU A 23 4.54 -9.57 -4.68
CA GLU A 23 5.49 -10.57 -5.14
C GLU A 23 4.77 -11.77 -5.73
N CYS A 24 3.95 -12.42 -4.91
CA CYS A 24 3.20 -13.59 -5.34
C CYS A 24 1.79 -13.21 -5.77
N GLY A 25 1.10 -12.44 -4.93
CA GLY A 25 -0.25 -12.02 -5.25
C GLY A 25 -1.28 -12.61 -4.31
N LYS A 26 -0.95 -12.68 -3.02
CA LYS A 26 -1.85 -13.24 -2.02
C LYS A 26 -2.37 -12.15 -1.09
N SER A 27 -3.46 -12.44 -0.40
CA SER A 27 -4.07 -11.49 0.52
C SER A 27 -4.22 -12.09 1.91
N PHE A 28 -4.39 -11.23 2.90
CA PHE A 28 -4.55 -11.67 4.29
C PHE A 28 -5.50 -10.77 5.05
N SER A 29 -6.12 -11.31 6.10
CA SER A 29 -7.06 -10.54 6.91
C SER A 29 -6.32 -9.62 7.88
N HIS A 30 -5.20 -10.10 8.40
CA HIS A 30 -4.39 -9.32 9.33
C HIS A 30 -3.09 -8.86 8.68
N SER A 31 -2.66 -7.66 9.04
CA SER A 31 -1.43 -7.10 8.49
C SER A 31 -0.20 -7.78 9.09
N SER A 32 -0.30 -8.16 10.36
CA SER A 32 0.79 -8.82 11.05
C SER A 32 1.20 -10.10 10.33
N ASP A 33 0.20 -10.85 9.88
CA ASP A 33 0.46 -12.11 9.17
C ASP A 33 1.12 -11.84 7.82
N LEU A 34 0.58 -10.89 7.08
CA LEU A 34 1.12 -10.54 5.77
C LEU A 34 2.58 -10.12 5.88
N SER A 35 2.89 -9.33 6.91
CA SER A 35 4.25 -8.86 7.12
C SER A 35 5.23 -10.03 7.20
N LYS A 36 4.84 -11.07 7.93
CA LYS A 36 5.68 -12.25 8.07
C LYS A 36 5.76 -13.04 6.77
N HIS A 37 4.75 -12.87 5.92
CA HIS A 37 4.71 -13.55 4.64
C HIS A 37 5.76 -12.99 3.68
N ARG A 38 5.71 -11.68 3.48
CA ARG A 38 6.65 -11.02 2.59
C ARG A 38 8.07 -11.56 2.78
N ARG A 39 8.36 -12.02 3.99
CA ARG A 39 9.67 -12.57 4.31
C ARG A 39 10.03 -13.71 3.37
N THR A 40 9.06 -14.60 3.13
CA THR A 40 9.27 -15.73 2.25
C THR A 40 9.87 -15.30 0.91
N HIS A 41 9.76 -14.01 0.61
CA HIS A 41 10.28 -13.46 -0.63
C HIS A 41 11.53 -12.63 -0.37
N THR A 42 11.56 -11.94 0.77
CA THR A 42 12.70 -11.11 1.13
C THR A 42 12.56 -10.58 2.56
N GLY A 43 13.68 -10.48 3.26
CA GLY A 43 13.66 -9.99 4.62
C GLY A 43 14.10 -8.54 4.72
N GLU A 44 13.26 -7.64 4.23
CA GLU A 44 13.57 -6.21 4.27
C GLU A 44 12.39 -5.41 4.82
N LYS A 45 12.53 -4.09 4.81
CA LYS A 45 11.47 -3.21 5.30
C LYS A 45 10.10 -3.79 5.02
N PRO A 46 9.21 -3.71 6.01
CA PRO A 46 7.84 -4.22 5.90
C PRO A 46 6.99 -3.40 4.94
N TYR A 47 7.59 -2.36 4.38
CA TYR A 47 6.88 -1.48 3.44
C TYR A 47 7.72 -1.25 2.18
N LYS A 48 7.03 -1.17 1.04
CA LYS A 48 7.70 -0.95 -0.24
C LYS A 48 6.71 -0.48 -1.29
N CYS A 49 6.95 0.71 -1.84
CA CYS A 49 6.08 1.27 -2.87
C CYS A 49 6.20 0.49 -4.17
N ASP A 50 5.22 0.65 -5.05
CA ASP A 50 5.22 -0.04 -6.33
C ASP A 50 5.53 0.93 -7.47
N GLU A 51 4.88 2.09 -7.45
CA GLU A 51 5.09 3.10 -8.48
C GLU A 51 6.58 3.42 -8.62
N CYS A 52 7.18 3.90 -7.55
CA CYS A 52 8.60 4.25 -7.56
C CYS A 52 9.46 3.02 -7.29
N GLY A 53 8.99 2.15 -6.39
CA GLY A 53 9.73 0.95 -6.06
C GLY A 53 10.76 1.19 -4.98
N LYS A 54 10.35 1.86 -3.90
CA LYS A 54 11.24 2.15 -2.79
C LYS A 54 10.73 1.51 -1.51
N ALA A 55 11.66 1.22 -0.58
CA ALA A 55 11.30 0.60 0.68
C ALA A 55 11.37 1.61 1.82
N PHE A 56 10.46 1.49 2.78
CA PHE A 56 10.42 2.40 3.92
C PHE A 56 10.32 1.61 5.23
N ILE A 57 10.87 2.19 6.30
CA ILE A 57 10.85 1.55 7.60
C ILE A 57 9.58 1.91 8.37
N GLN A 58 9.36 3.20 8.56
CA GLN A 58 8.18 3.68 9.28
C GLN A 58 6.97 3.75 8.35
N ARG A 59 5.79 3.78 8.94
CA ARG A 59 4.55 3.84 8.16
C ARG A 59 4.38 5.22 7.54
N SER A 60 4.26 6.24 8.39
CA SER A 60 4.08 7.61 7.91
C SER A 60 4.98 7.88 6.71
N HIS A 61 6.20 7.36 6.75
CA HIS A 61 7.15 7.56 5.67
C HIS A 61 6.50 7.25 4.32
N LEU A 62 5.77 6.14 4.27
CA LEU A 62 5.10 5.73 3.03
C LEU A 62 3.76 6.43 2.89
N ILE A 63 2.99 6.47 3.98
CA ILE A 63 1.68 7.11 3.97
C ILE A 63 1.73 8.45 3.25
N GLY A 64 2.71 9.28 3.61
CA GLY A 64 2.85 10.58 3.00
C GLY A 64 3.48 10.51 1.62
N HIS A 65 4.49 9.66 1.49
CA HIS A 65 5.19 9.49 0.20
C HIS A 65 4.19 9.22 -0.92
N HIS A 66 3.27 8.30 -0.67
CA HIS A 66 2.26 7.94 -1.66
C HIS A 66 1.81 9.18 -2.44
N ARG A 67 1.79 10.32 -1.77
CA ARG A 67 1.37 11.56 -2.41
C ARG A 67 2.00 11.70 -3.79
N VAL A 68 3.33 11.61 -3.85
CA VAL A 68 4.05 11.73 -5.12
C VAL A 68 3.28 11.06 -6.25
N HIS A 69 2.59 9.97 -5.92
CA HIS A 69 1.81 9.24 -6.91
C HIS A 69 0.32 9.56 -6.80
N THR A 70 -0.31 9.82 -7.94
CA THR A 70 -1.73 10.15 -7.96
C THR A 70 -2.57 9.04 -7.34
N GLY A 71 -3.56 9.43 -6.55
CA GLY A 71 -4.42 8.44 -5.91
C GLY A 71 -5.89 8.64 -6.27
N SER A 72 -6.41 7.78 -7.14
CA SER A 72 -7.79 7.86 -7.55
C SER A 72 -8.28 6.53 -8.10
N GLY A 73 -9.40 6.05 -7.56
CA GLY A 73 -9.96 4.77 -7.99
C GLY A 73 -10.37 4.80 -9.46
N PRO A 74 -10.27 3.64 -10.11
CA PRO A 74 -10.62 3.50 -11.53
C PRO A 74 -12.13 3.62 -11.76
N SER A 75 -12.51 4.45 -12.73
CA SER A 75 -13.92 4.67 -13.05
C SER A 75 -14.32 3.88 -14.29
N SER A 76 -15.62 3.67 -14.45
CA SER A 76 -16.13 2.92 -15.60
C SER A 76 -17.54 3.37 -15.95
N GLY A 77 -17.87 3.35 -17.24
CA GLY A 77 -19.18 3.75 -17.69
C GLY A 77 -20.29 3.27 -16.76
N GLY A 1 -22.60 -8.55 -28.64
CA GLY A 1 -21.73 -9.01 -27.59
C GLY A 1 -20.69 -7.97 -27.20
N SER A 2 -20.04 -8.18 -26.07
CA SER A 2 -19.02 -7.24 -25.58
C SER A 2 -17.74 -7.98 -25.20
N SER A 3 -17.88 -9.03 -24.39
CA SER A 3 -16.74 -9.82 -23.95
C SER A 3 -15.53 -8.91 -23.69
N GLY A 4 -15.77 -7.77 -23.06
CA GLY A 4 -14.70 -6.84 -22.77
C GLY A 4 -14.26 -6.92 -21.33
N SER A 5 -14.05 -8.13 -20.83
CA SER A 5 -13.62 -8.34 -19.45
C SER A 5 -12.61 -7.28 -19.03
N SER A 6 -13.06 -6.33 -18.20
CA SER A 6 -12.19 -5.26 -17.73
C SER A 6 -12.24 -5.16 -16.22
N GLY A 7 -11.24 -4.48 -15.64
CA GLY A 7 -11.19 -4.33 -14.19
C GLY A 7 -11.90 -3.08 -13.73
N ARG A 8 -13.03 -3.26 -13.04
CA ARG A 8 -13.80 -2.13 -12.55
C ARG A 8 -13.21 -1.59 -11.25
N SER A 9 -13.05 -0.27 -11.18
CA SER A 9 -12.48 0.37 -10.00
C SER A 9 -13.33 1.56 -9.57
N GLU A 10 -13.51 1.70 -8.25
CA GLU A 10 -14.31 2.80 -7.71
C GLU A 10 -13.68 3.34 -6.43
N TRP A 11 -13.78 4.65 -6.23
CA TRP A 11 -13.22 5.29 -5.05
C TRP A 11 -14.00 4.90 -3.80
N GLN A 12 -13.34 4.97 -2.66
CA GLN A 12 -13.98 4.62 -1.39
C GLN A 12 -14.63 3.24 -1.47
N GLN A 13 -13.94 2.30 -2.09
CA GLN A 13 -14.46 0.94 -2.24
C GLN A 13 -13.47 -0.09 -1.70
N ARG A 14 -13.62 -0.45 -0.44
CA ARG A 14 -12.75 -1.42 0.20
C ARG A 14 -12.43 -2.57 -0.75
N GLU A 15 -11.22 -3.10 -0.65
CA GLU A 15 -10.80 -4.21 -1.50
C GLU A 15 -11.61 -5.46 -1.21
N ARG A 16 -12.30 -5.46 -0.07
CA ARG A 16 -13.12 -6.60 0.32
C ARG A 16 -12.46 -7.92 -0.10
N ARG A 17 -11.19 -8.08 0.25
CA ARG A 17 -10.46 -9.29 -0.10
C ARG A 17 -10.37 -10.23 1.10
N ARG A 18 -10.20 -11.52 0.82
CA ARG A 18 -10.11 -12.53 1.86
C ARG A 18 -9.06 -12.14 2.90
N TYR A 19 -7.82 -12.00 2.45
CA TYR A 19 -6.72 -11.65 3.34
C TYR A 19 -6.00 -10.39 2.83
N LYS A 20 -5.21 -9.77 3.71
CA LYS A 20 -4.47 -8.58 3.35
C LYS A 20 -3.50 -8.18 4.46
N CYS A 21 -2.51 -7.36 4.12
CA CYS A 21 -1.53 -6.90 5.09
C CYS A 21 -1.65 -5.39 5.33
N ASP A 22 -2.67 -5.01 6.10
CA ASP A 22 -2.90 -3.61 6.41
C ASP A 22 -1.57 -2.86 6.60
N GLU A 23 -0.58 -3.56 7.14
CA GLU A 23 0.73 -2.97 7.38
C GLU A 23 1.22 -2.22 6.14
N CYS A 24 1.24 -2.93 5.01
CA CYS A 24 1.69 -2.34 3.75
C CYS A 24 0.52 -2.14 2.80
N GLY A 25 -0.29 -3.18 2.64
CA GLY A 25 -1.44 -3.11 1.75
C GLY A 25 -1.40 -4.16 0.67
N LYS A 26 -0.87 -5.33 1.00
CA LYS A 26 -0.78 -6.43 0.05
C LYS A 26 -1.77 -7.53 0.40
N SER A 27 -2.25 -8.25 -0.62
CA SER A 27 -3.19 -9.33 -0.42
C SER A 27 -2.63 -10.65 -0.95
N PHE A 28 -3.36 -11.73 -0.71
CA PHE A 28 -2.94 -13.06 -1.16
C PHE A 28 -4.13 -14.02 -1.23
N SER A 29 -4.06 -14.97 -2.15
CA SER A 29 -5.14 -15.94 -2.32
C SER A 29 -5.14 -16.95 -1.16
N HIS A 30 -3.96 -17.43 -0.80
CA HIS A 30 -3.82 -18.39 0.28
C HIS A 30 -3.24 -17.73 1.52
N SER A 31 -3.76 -18.12 2.70
CA SER A 31 -3.29 -17.56 3.95
C SER A 31 -1.80 -17.77 4.12
N SER A 32 -1.34 -18.99 3.85
CA SER A 32 0.07 -19.32 3.98
C SER A 32 0.94 -18.26 3.34
N ASP A 33 0.70 -17.99 2.06
CA ASP A 33 1.45 -16.99 1.32
C ASP A 33 1.64 -15.73 2.15
N LEU A 34 0.53 -15.10 2.52
CA LEU A 34 0.56 -13.87 3.31
C LEU A 34 1.53 -14.02 4.48
N SER A 35 1.45 -15.14 5.17
CA SER A 35 2.32 -15.40 6.32
C SER A 35 3.79 -15.20 5.94
N LYS A 36 4.21 -15.82 4.85
CA LYS A 36 5.57 -15.71 4.37
C LYS A 36 5.93 -14.26 4.03
N HIS A 37 5.00 -13.58 3.36
CA HIS A 37 5.20 -12.19 2.98
C HIS A 37 5.67 -11.36 4.16
N ARG A 38 4.90 -11.41 5.25
CA ARG A 38 5.23 -10.66 6.46
C ARG A 38 6.73 -10.65 6.69
N ARG A 39 7.36 -11.81 6.53
CA ARG A 39 8.80 -11.95 6.74
C ARG A 39 9.54 -10.77 6.13
N THR A 40 9.20 -10.44 4.88
CA THR A 40 9.84 -9.34 4.18
C THR A 40 10.01 -8.12 5.10
N HIS A 41 8.96 -7.83 5.86
CA HIS A 41 9.01 -6.69 6.78
C HIS A 41 10.23 -6.77 7.69
N THR A 42 10.33 -7.85 8.45
CA THR A 42 11.45 -8.05 9.36
C THR A 42 12.78 -7.91 8.63
N GLY A 43 12.89 -8.59 7.50
CA GLY A 43 14.12 -8.54 6.72
C GLY A 43 14.24 -7.26 5.92
N GLU A 44 13.98 -7.34 4.62
CA GLU A 44 14.08 -6.18 3.75
C GLU A 44 13.34 -4.98 4.35
N LYS A 45 13.59 -3.80 3.81
CA LYS A 45 12.95 -2.59 4.29
C LYS A 45 11.52 -2.87 4.75
N PRO A 46 11.15 -2.35 5.93
CA PRO A 46 9.82 -2.53 6.49
C PRO A 46 8.75 -1.76 5.72
N TYR A 47 9.17 -1.06 4.68
CA TYR A 47 8.25 -0.28 3.86
C TYR A 47 8.51 -0.52 2.38
N LYS A 48 7.44 -0.52 1.59
CA LYS A 48 7.55 -0.73 0.14
C LYS A 48 6.25 -0.34 -0.56
N CYS A 49 6.38 0.16 -1.79
CA CYS A 49 5.22 0.56 -2.57
C CYS A 49 4.93 -0.44 -3.67
N ASP A 50 3.67 -0.47 -4.12
CA ASP A 50 3.26 -1.39 -5.18
C ASP A 50 3.19 -0.67 -6.53
N GLU A 51 2.61 0.52 -6.53
CA GLU A 51 2.49 1.29 -7.76
C GLU A 51 3.80 1.28 -8.55
N CYS A 52 4.87 1.76 -7.93
CA CYS A 52 6.17 1.80 -8.58
C CYS A 52 6.96 0.53 -8.29
N GLY A 53 7.00 0.14 -7.02
CA GLY A 53 7.72 -1.06 -6.63
C GLY A 53 9.09 -0.75 -6.06
N LYS A 54 9.14 0.18 -5.12
CA LYS A 54 10.39 0.57 -4.50
C LYS A 54 10.31 0.40 -2.98
N ALA A 55 11.47 0.33 -2.33
CA ALA A 55 11.54 0.17 -0.89
C ALA A 55 12.13 1.42 -0.22
N PHE A 56 11.73 1.66 1.02
CA PHE A 56 12.22 2.83 1.77
C PHE A 56 12.52 2.45 3.21
N ILE A 57 13.68 2.86 3.70
CA ILE A 57 14.09 2.57 5.07
C ILE A 57 13.26 3.37 6.06
N GLN A 58 13.24 4.68 5.90
CA GLN A 58 12.48 5.55 6.79
C GLN A 58 11.01 5.59 6.38
N ARG A 59 10.13 5.71 7.37
CA ARG A 59 8.70 5.75 7.14
C ARG A 59 8.32 6.98 6.30
N SER A 60 8.79 8.15 6.75
CA SER A 60 8.50 9.40 6.06
C SER A 60 8.84 9.29 4.58
N HIS A 61 10.04 8.80 4.29
CA HIS A 61 10.50 8.65 2.90
C HIS A 61 9.38 8.08 2.03
N LEU A 62 8.50 7.29 2.64
CA LEU A 62 7.39 6.69 1.92
C LEU A 62 6.18 7.62 1.88
N ILE A 63 5.82 8.16 3.04
CA ILE A 63 4.69 9.07 3.14
C ILE A 63 4.75 10.13 2.04
N GLY A 64 5.93 10.70 1.84
CA GLY A 64 6.08 11.72 0.81
C GLY A 64 6.02 11.15 -0.59
N HIS A 65 6.85 10.14 -0.86
CA HIS A 65 6.89 9.50 -2.18
C HIS A 65 5.49 9.22 -2.67
N HIS A 66 4.67 8.58 -1.83
CA HIS A 66 3.30 8.25 -2.19
C HIS A 66 2.70 9.32 -3.09
N ARG A 67 3.09 10.57 -2.86
CA ARG A 67 2.59 11.69 -3.65
C ARG A 67 2.58 11.35 -5.14
N VAL A 68 3.71 10.90 -5.65
CA VAL A 68 3.84 10.54 -7.05
C VAL A 68 2.56 9.87 -7.55
N HIS A 69 1.95 9.06 -6.70
CA HIS A 69 0.71 8.36 -7.06
C HIS A 69 -0.50 9.08 -6.48
N THR A 70 -1.69 8.65 -6.90
CA THR A 70 -2.93 9.25 -6.42
C THR A 70 -3.46 8.50 -5.21
N GLY A 71 -3.20 7.19 -5.16
CA GLY A 71 -3.67 6.39 -4.04
C GLY A 71 -5.10 5.93 -4.22
N SER A 72 -5.32 4.63 -4.03
CA SER A 72 -6.66 4.05 -4.17
C SER A 72 -7.10 3.37 -2.88
N GLY A 73 -8.36 2.96 -2.84
CA GLY A 73 -8.89 2.29 -1.67
C GLY A 73 -9.82 3.17 -0.86
N PRO A 74 -10.19 2.71 0.34
CA PRO A 74 -11.08 3.46 1.24
C PRO A 74 -10.43 4.71 1.80
N SER A 75 -9.18 4.95 1.40
CA SER A 75 -8.44 6.12 1.88
C SER A 75 -9.02 7.40 1.30
N SER A 76 -9.33 7.37 0.01
CA SER A 76 -9.89 8.54 -0.66
C SER A 76 -11.41 8.59 -0.50
N GLY A 77 -11.94 9.79 -0.32
CA GLY A 77 -13.38 9.95 -0.16
C GLY A 77 -13.93 11.12 -0.96
N GLY A 1 -7.96 21.32 -9.74
CA GLY A 1 -8.74 20.71 -10.81
C GLY A 1 -7.88 19.87 -11.73
N SER A 2 -8.03 18.55 -11.63
CA SER A 2 -7.27 17.62 -12.46
C SER A 2 -8.03 17.28 -13.73
N SER A 3 -7.48 17.68 -14.87
CA SER A 3 -8.12 17.40 -16.16
C SER A 3 -7.15 16.67 -17.09
N GLY A 4 -7.52 15.45 -17.47
CA GLY A 4 -6.69 14.66 -18.36
C GLY A 4 -6.49 13.24 -17.87
N SER A 5 -7.57 12.45 -17.91
CA SER A 5 -7.51 11.07 -17.47
C SER A 5 -6.32 10.35 -18.08
N SER A 6 -6.32 10.24 -19.41
CA SER A 6 -5.24 9.57 -20.12
C SER A 6 -5.26 8.07 -19.85
N GLY A 7 -6.46 7.49 -19.86
CA GLY A 7 -6.60 6.07 -19.61
C GLY A 7 -8.05 5.62 -19.55
N ARG A 8 -8.45 4.78 -20.49
CA ARG A 8 -9.82 4.30 -20.55
C ARG A 8 -9.95 2.97 -19.79
N SER A 9 -9.29 2.89 -18.65
CA SER A 9 -9.32 1.68 -17.82
C SER A 9 -9.58 2.02 -16.36
N GLU A 10 -10.61 1.39 -15.78
CA GLU A 10 -10.96 1.63 -14.39
C GLU A 10 -9.98 0.92 -13.45
N TRP A 11 -9.50 1.66 -12.45
CA TRP A 11 -8.56 1.11 -11.49
C TRP A 11 -9.29 0.53 -10.28
N GLN A 12 -8.90 -0.68 -9.88
CA GLN A 12 -9.52 -1.34 -8.74
C GLN A 12 -8.46 -1.91 -7.80
N GLN A 13 -7.39 -1.15 -7.59
CA GLN A 13 -6.31 -1.57 -6.72
C GLN A 13 -6.72 -1.47 -5.25
N ARG A 14 -7.43 -0.40 -4.92
CA ARG A 14 -7.87 -0.17 -3.54
C ARG A 14 -8.53 -1.42 -2.98
N GLU A 15 -9.40 -2.05 -3.77
CA GLU A 15 -10.09 -3.26 -3.34
C GLU A 15 -9.15 -4.18 -2.56
N ARG A 16 -9.63 -4.69 -1.44
CA ARG A 16 -8.84 -5.59 -0.60
C ARG A 16 -9.53 -6.93 -0.45
N ARG A 17 -8.76 -8.01 -0.56
CA ARG A 17 -9.30 -9.36 -0.43
C ARG A 17 -9.33 -9.78 1.04
N ARG A 18 -9.96 -10.92 1.31
CA ARG A 18 -10.07 -11.44 2.66
C ARG A 18 -8.81 -11.12 3.46
N TYR A 19 -7.67 -11.61 2.99
CA TYR A 19 -6.39 -11.37 3.66
C TYR A 19 -5.37 -10.81 2.70
N LYS A 20 -5.17 -9.49 2.74
CA LYS A 20 -4.21 -8.83 1.87
C LYS A 20 -3.07 -8.23 2.69
N CYS A 21 -1.91 -8.07 2.04
CA CYS A 21 -0.74 -7.49 2.70
C CYS A 21 -0.55 -6.03 2.30
N ASP A 22 -1.33 -5.15 2.91
CA ASP A 22 -1.24 -3.72 2.62
C ASP A 22 0.22 -3.30 2.40
N GLU A 23 1.13 -3.97 3.10
CA GLU A 23 2.55 -3.66 2.98
C GLU A 23 2.97 -3.60 1.52
N CYS A 24 2.70 -4.67 0.79
CA CYS A 24 3.05 -4.74 -0.62
C CYS A 24 1.81 -4.69 -1.50
N GLY A 25 0.81 -5.49 -1.15
CA GLY A 25 -0.42 -5.52 -1.92
C GLY A 25 -0.74 -6.90 -2.47
N LYS A 26 -0.35 -7.94 -1.73
CA LYS A 26 -0.58 -9.31 -2.15
C LYS A 26 -1.72 -9.94 -1.35
N SER A 27 -2.39 -10.91 -1.96
CA SER A 27 -3.51 -11.59 -1.31
C SER A 27 -3.31 -13.10 -1.31
N PHE A 28 -3.65 -13.74 -0.19
CA PHE A 28 -3.50 -15.18 -0.06
C PHE A 28 -4.83 -15.83 0.29
N SER A 29 -5.05 -17.03 -0.24
CA SER A 29 -6.29 -17.77 0.02
C SER A 29 -6.43 -18.08 1.51
N HIS A 30 -5.33 -18.50 2.13
CA HIS A 30 -5.33 -18.83 3.55
C HIS A 30 -4.53 -17.81 4.35
N SER A 31 -5.10 -17.37 5.46
CA SER A 31 -4.44 -16.38 6.32
C SER A 31 -3.07 -16.90 6.78
N SER A 32 -3.07 -18.07 7.41
CA SER A 32 -1.84 -18.67 7.90
C SER A 32 -0.69 -18.41 6.93
N ASP A 33 -0.94 -18.63 5.65
CA ASP A 33 0.08 -18.42 4.62
C ASP A 33 0.54 -16.97 4.61
N LEU A 34 -0.40 -16.05 4.66
CA LEU A 34 -0.09 -14.62 4.66
C LEU A 34 0.87 -14.28 5.79
N SER A 35 0.62 -14.84 6.97
CA SER A 35 1.46 -14.58 8.14
C SER A 35 2.93 -14.79 7.80
N LYS A 36 3.24 -15.94 7.20
CA LYS A 36 4.61 -16.27 6.83
C LYS A 36 5.13 -15.29 5.79
N HIS A 37 4.28 -14.93 4.84
CA HIS A 37 4.66 -14.00 3.77
C HIS A 37 5.23 -12.71 4.37
N ARG A 38 4.48 -12.09 5.27
CA ARG A 38 4.91 -10.86 5.91
C ARG A 38 6.38 -10.93 6.29
N ARG A 39 6.82 -12.10 6.73
CA ARG A 39 8.20 -12.30 7.13
C ARG A 39 9.15 -11.60 6.16
N THR A 40 8.93 -11.81 4.87
CA THR A 40 9.77 -11.19 3.84
C THR A 40 10.16 -9.77 4.23
N HIS A 41 9.18 -8.96 4.55
CA HIS A 41 9.42 -7.57 4.93
C HIS A 41 10.16 -7.50 6.26
N THR A 42 9.52 -7.99 7.32
CA THR A 42 10.11 -7.98 8.65
C THR A 42 11.60 -8.31 8.58
N GLY A 43 12.43 -7.28 8.60
CA GLY A 43 13.87 -7.48 8.54
C GLY A 43 14.57 -6.45 7.68
N GLU A 44 13.97 -6.11 6.55
CA GLU A 44 14.54 -5.13 5.64
C GLU A 44 13.61 -3.93 5.48
N LYS A 45 14.01 -2.99 4.63
CA LYS A 45 13.21 -1.80 4.37
C LYS A 45 11.72 -2.10 4.48
N PRO A 46 11.15 -1.84 5.67
CA PRO A 46 9.73 -2.07 5.94
C PRO A 46 8.83 -1.10 5.17
N TYR A 47 9.44 -0.14 4.49
CA TYR A 47 8.70 0.85 3.72
C TYR A 47 8.78 0.55 2.23
N LYS A 48 7.62 0.31 1.61
CA LYS A 48 7.56 0.02 0.19
C LYS A 48 6.21 0.44 -0.39
N CYS A 49 6.26 1.11 -1.55
CA CYS A 49 5.05 1.56 -2.20
C CYS A 49 4.40 0.43 -3.01
N ASP A 50 3.12 0.59 -3.31
CA ASP A 50 2.39 -0.41 -4.08
C ASP A 50 2.22 0.03 -5.53
N GLU A 51 1.83 1.29 -5.72
CA GLU A 51 1.62 1.84 -7.05
C GLU A 51 2.85 1.62 -7.93
N CYS A 52 3.98 2.16 -7.48
CA CYS A 52 5.23 2.04 -8.23
C CYS A 52 5.96 0.75 -7.84
N GLY A 53 6.03 0.48 -6.54
CA GLY A 53 6.70 -0.71 -6.06
C GLY A 53 8.12 -0.44 -5.63
N LYS A 54 8.37 0.76 -5.12
CA LYS A 54 9.70 1.15 -4.67
C LYS A 54 9.87 0.85 -3.18
N ALA A 55 11.12 0.87 -2.71
CA ALA A 55 11.41 0.63 -1.31
C ALA A 55 12.07 1.83 -0.65
N PHE A 56 12.02 1.88 0.67
CA PHE A 56 12.61 2.99 1.41
C PHE A 56 13.02 2.55 2.81
N ILE A 57 14.05 3.20 3.36
CA ILE A 57 14.54 2.87 4.70
C ILE A 57 13.86 3.74 5.75
N GLN A 58 13.89 5.05 5.54
CA GLN A 58 13.27 5.99 6.48
C GLN A 58 11.82 6.28 6.09
N ARG A 59 11.01 6.59 7.09
CA ARG A 59 9.60 6.89 6.86
C ARG A 59 9.44 8.08 5.92
N SER A 60 10.14 9.16 6.22
CA SER A 60 10.07 10.37 5.41
C SER A 60 10.27 10.04 3.93
N HIS A 61 11.31 9.27 3.64
CA HIS A 61 11.61 8.88 2.27
C HIS A 61 10.34 8.50 1.52
N LEU A 62 9.37 7.97 2.26
CA LEU A 62 8.09 7.55 1.66
C LEU A 62 7.07 8.68 1.74
N ILE A 63 6.89 9.23 2.93
CA ILE A 63 5.94 10.32 3.15
C ILE A 63 5.94 11.28 1.97
N GLY A 64 7.13 11.57 1.45
CA GLY A 64 7.25 12.48 0.32
C GLY A 64 6.79 11.85 -0.98
N HIS A 65 7.50 10.81 -1.41
CA HIS A 65 7.15 10.12 -2.65
C HIS A 65 5.65 10.09 -2.86
N HIS A 66 4.90 9.83 -1.79
CA HIS A 66 3.45 9.77 -1.86
C HIS A 66 2.92 10.79 -2.87
N ARG A 67 3.13 12.06 -2.57
CA ARG A 67 2.67 13.14 -3.45
C ARG A 67 2.78 12.73 -4.92
N VAL A 68 3.90 12.07 -5.26
CA VAL A 68 4.13 11.63 -6.63
C VAL A 68 2.87 11.03 -7.23
N HIS A 69 2.28 10.08 -6.53
CA HIS A 69 1.07 9.42 -7.00
C HIS A 69 -0.17 10.28 -6.71
N THR A 70 -1.08 10.34 -7.67
CA THR A 70 -2.30 11.13 -7.52
C THR A 70 -3.48 10.23 -7.18
N GLY A 71 -3.25 9.24 -6.33
CA GLY A 71 -4.32 8.33 -5.94
C GLY A 71 -4.94 7.62 -7.12
N SER A 72 -4.38 6.47 -7.47
CA SER A 72 -4.88 5.69 -8.60
C SER A 72 -6.15 4.94 -8.22
N GLY A 73 -6.09 4.20 -7.12
CA GLY A 73 -7.25 3.45 -6.67
C GLY A 73 -8.51 4.29 -6.65
N PRO A 74 -8.53 5.33 -5.80
CA PRO A 74 -9.68 6.22 -5.67
C PRO A 74 -9.88 7.10 -6.90
N SER A 75 -11.11 7.17 -7.39
CA SER A 75 -11.42 7.97 -8.56
C SER A 75 -11.53 9.45 -8.19
N SER A 76 -10.89 10.30 -9.01
CA SER A 76 -10.90 11.74 -8.77
C SER A 76 -12.01 12.41 -9.57
N GLY A 77 -12.35 13.64 -9.18
CA GLY A 77 -13.40 14.37 -9.87
C GLY A 77 -13.11 15.86 -9.93
N GLY A 1 -7.94 35.51 22.68
CA GLY A 1 -8.80 34.38 22.41
C GLY A 1 -8.20 33.44 21.36
N SER A 2 -8.62 32.18 21.41
CA SER A 2 -8.12 31.18 20.47
C SER A 2 -9.13 30.05 20.27
N SER A 3 -8.99 29.32 19.18
CA SER A 3 -9.90 28.22 18.87
C SER A 3 -9.29 27.28 17.85
N GLY A 4 -9.97 26.17 17.58
CA GLY A 4 -9.47 25.20 16.62
C GLY A 4 -10.50 24.13 16.30
N SER A 5 -10.11 23.17 15.46
CA SER A 5 -11.00 22.09 15.07
C SER A 5 -10.24 21.00 14.32
N SER A 6 -10.57 19.74 14.60
CA SER A 6 -9.92 18.62 13.96
C SER A 6 -10.40 18.46 12.52
N GLY A 7 -11.70 18.21 12.37
CA GLY A 7 -12.26 18.05 11.03
C GLY A 7 -12.52 16.59 10.70
N ARG A 8 -12.74 16.31 9.42
CA ARG A 8 -13.00 14.95 8.97
C ARG A 8 -11.89 14.45 8.05
N SER A 9 -11.77 13.14 7.93
CA SER A 9 -10.74 12.53 7.09
C SER A 9 -11.34 11.99 5.80
N GLU A 10 -10.75 12.36 4.67
CA GLU A 10 -11.22 11.91 3.36
C GLU A 10 -11.03 10.41 3.21
N TRP A 11 -9.79 9.96 3.35
CA TRP A 11 -9.47 8.54 3.23
C TRP A 11 -10.25 7.71 4.24
N GLN A 12 -10.70 6.53 3.81
CA GLN A 12 -11.45 5.64 4.69
C GLN A 12 -10.89 4.22 4.65
N GLN A 13 -9.57 4.12 4.59
CA GLN A 13 -8.91 2.82 4.54
C GLN A 13 -9.72 1.84 3.70
N ARG A 14 -10.17 2.29 2.54
CA ARG A 14 -10.94 1.45 1.64
C ARG A 14 -10.23 0.12 1.36
N GLU A 15 -8.92 0.20 1.15
CA GLU A 15 -8.12 -0.98 0.88
C GLU A 15 -8.20 -1.98 2.03
N ARG A 16 -9.21 -2.85 1.98
CA ARG A 16 -9.41 -3.84 3.02
C ARG A 16 -10.03 -5.12 2.44
N ARG A 17 -9.36 -6.24 2.66
CA ARG A 17 -9.83 -7.52 2.16
C ARG A 17 -9.71 -8.60 3.22
N ARG A 18 -10.22 -9.80 2.92
CA ARG A 18 -10.17 -10.92 3.86
C ARG A 18 -8.79 -11.04 4.48
N TYR A 19 -7.77 -11.21 3.65
CA TYR A 19 -6.40 -11.35 4.13
C TYR A 19 -5.60 -10.09 3.82
N LYS A 20 -5.17 -9.40 4.88
CA LYS A 20 -4.39 -8.18 4.73
C LYS A 20 -3.24 -8.14 5.74
N CYS A 21 -2.03 -7.89 5.24
CA CYS A 21 -0.85 -7.82 6.10
C CYS A 21 -0.83 -6.53 6.91
N ASP A 22 -0.46 -6.64 8.18
CA ASP A 22 -0.39 -5.49 9.06
C ASP A 22 0.99 -4.84 9.03
N GLU A 23 2.02 -5.68 8.84
CA GLU A 23 3.39 -5.20 8.79
C GLU A 23 3.50 -3.95 7.91
N CYS A 24 3.01 -4.06 6.68
CA CYS A 24 3.05 -2.95 5.74
C CYS A 24 1.66 -2.40 5.48
N GLY A 25 0.72 -3.31 5.19
CA GLY A 25 -0.65 -2.90 4.93
C GLY A 25 -1.12 -3.32 3.55
N LYS A 26 -0.70 -4.50 3.11
CA LYS A 26 -1.09 -5.01 1.81
C LYS A 26 -2.20 -6.03 1.93
N SER A 27 -2.87 -6.32 0.82
CA SER A 27 -3.96 -7.28 0.80
C SER A 27 -3.76 -8.31 -0.31
N PHE A 28 -4.23 -9.53 -0.06
CA PHE A 28 -4.10 -10.60 -1.04
C PHE A 28 -5.41 -11.38 -1.16
N SER A 29 -5.53 -12.13 -2.26
CA SER A 29 -6.74 -12.92 -2.49
C SER A 29 -6.65 -14.28 -1.79
N HIS A 30 -5.49 -14.90 -1.87
CA HIS A 30 -5.27 -16.21 -1.25
C HIS A 30 -4.35 -16.08 -0.05
N SER A 31 -4.57 -16.92 0.96
CA SER A 31 -3.76 -16.90 2.17
C SER A 31 -2.33 -17.34 1.89
N SER A 32 -2.19 -18.49 1.23
CA SER A 32 -0.88 -19.03 0.89
C SER A 32 0.03 -17.93 0.33
N ASP A 33 -0.55 -17.08 -0.52
CA ASP A 33 0.20 -16.00 -1.13
C ASP A 33 0.69 -15.01 -0.07
N LEU A 34 -0.22 -14.61 0.82
CA LEU A 34 0.12 -13.67 1.89
C LEU A 34 1.29 -14.19 2.72
N SER A 35 1.23 -15.48 3.06
CA SER A 35 2.28 -16.09 3.87
C SER A 35 3.66 -15.82 3.28
N LYS A 36 3.78 -15.98 1.96
CA LYS A 36 5.04 -15.74 1.27
C LYS A 36 5.41 -14.26 1.32
N HIS A 37 4.44 -13.40 1.07
CA HIS A 37 4.68 -11.95 1.10
C HIS A 37 5.43 -11.55 2.36
N ARG A 38 4.91 -11.95 3.51
CA ARG A 38 5.53 -11.62 4.79
C ARG A 38 7.05 -11.73 4.69
N ARG A 39 7.53 -12.79 4.05
CA ARG A 39 8.96 -13.01 3.89
C ARG A 39 9.69 -11.69 3.65
N THR A 40 9.17 -10.90 2.71
CA THR A 40 9.77 -9.61 2.39
C THR A 40 10.33 -8.94 3.63
N HIS A 41 9.54 -8.91 4.70
CA HIS A 41 9.96 -8.29 5.95
C HIS A 41 11.04 -9.13 6.63
N THR A 42 12.29 -8.84 6.32
CA THR A 42 13.41 -9.58 6.91
C THR A 42 14.22 -8.69 7.85
N GLY A 43 14.68 -7.56 7.33
CA GLY A 43 15.47 -6.64 8.14
C GLY A 43 15.37 -5.21 7.64
N GLU A 44 16.39 -4.78 6.91
CA GLU A 44 16.42 -3.42 6.37
C GLU A 44 15.24 -3.18 5.44
N LYS A 45 15.14 -1.96 4.91
CA LYS A 45 14.06 -1.60 4.01
C LYS A 45 12.76 -2.29 4.41
N PRO A 46 12.36 -2.10 5.67
CA PRO A 46 11.13 -2.69 6.21
C PRO A 46 9.87 -2.07 5.61
N TYR A 47 10.06 -1.12 4.70
CA TYR A 47 8.94 -0.45 4.05
C TYR A 47 8.99 -0.66 2.54
N LYS A 48 7.84 -0.97 1.95
CA LYS A 48 7.75 -1.20 0.51
C LYS A 48 6.38 -0.76 -0.01
N CYS A 49 6.36 -0.23 -1.22
CA CYS A 49 5.11 0.22 -1.84
C CYS A 49 4.44 -0.92 -2.60
N ASP A 50 3.15 -0.76 -2.88
CA ASP A 50 2.40 -1.78 -3.61
C ASP A 50 2.15 -1.34 -5.05
N GLU A 51 1.87 -0.05 -5.24
CA GLU A 51 1.61 0.49 -6.56
C GLU A 51 2.85 0.36 -7.45
N CYS A 52 3.94 0.97 -7.01
CA CYS A 52 5.18 0.93 -7.77
C CYS A 52 6.00 -0.30 -7.41
N GLY A 53 6.12 -0.58 -6.11
CA GLY A 53 6.87 -1.72 -5.65
C GLY A 53 8.32 -1.38 -5.35
N LYS A 54 8.53 -0.30 -4.61
CA LYS A 54 9.87 0.14 -4.25
C LYS A 54 10.06 0.11 -2.74
N ALA A 55 11.30 -0.10 -2.30
CA ALA A 55 11.62 -0.14 -0.88
C ALA A 55 12.26 1.17 -0.42
N PHE A 56 12.02 1.52 0.84
CA PHE A 56 12.56 2.75 1.40
C PHE A 56 13.19 2.49 2.77
N ILE A 57 13.80 3.51 3.34
CA ILE A 57 14.44 3.40 4.64
C ILE A 57 13.48 3.80 5.76
N GLN A 58 13.20 5.10 5.86
CA GLN A 58 12.31 5.62 6.88
C GLN A 58 10.87 5.62 6.39
N ARG A 59 9.92 5.58 7.33
CA ARG A 59 8.51 5.58 6.99
C ARG A 59 8.16 6.78 6.10
N SER A 60 8.63 7.95 6.51
CA SER A 60 8.36 9.18 5.75
C SER A 60 8.57 8.95 4.25
N HIS A 61 9.63 8.22 3.91
CA HIS A 61 9.93 7.93 2.52
C HIS A 61 8.70 7.41 1.78
N LEU A 62 7.96 6.51 2.44
CA LEU A 62 6.76 5.94 1.85
C LEU A 62 5.58 6.90 1.99
N ILE A 63 5.37 7.40 3.21
CA ILE A 63 4.27 8.33 3.46
C ILE A 63 4.11 9.32 2.31
N GLY A 64 5.15 10.11 2.06
CA GLY A 64 5.10 11.09 0.99
C GLY A 64 5.10 10.45 -0.38
N HIS A 65 5.97 9.46 -0.56
CA HIS A 65 6.08 8.77 -1.84
C HIS A 65 4.71 8.43 -2.40
N HIS A 66 3.86 7.86 -1.54
CA HIS A 66 2.51 7.50 -1.95
C HIS A 66 1.90 8.56 -2.85
N ARG A 67 2.18 9.82 -2.54
CA ARG A 67 1.66 10.93 -3.34
C ARG A 67 2.02 10.77 -4.81
N VAL A 68 3.26 10.37 -5.07
CA VAL A 68 3.73 10.18 -6.44
C VAL A 68 2.65 9.55 -7.31
N HIS A 69 1.81 8.72 -6.69
CA HIS A 69 0.73 8.05 -7.41
C HIS A 69 -0.60 8.74 -7.14
N THR A 70 -1.11 8.59 -5.92
CA THR A 70 -2.38 9.20 -5.54
C THR A 70 -2.23 10.01 -4.25
N GLY A 71 -1.86 9.33 -3.17
CA GLY A 71 -1.70 10.00 -1.89
C GLY A 71 -2.22 9.17 -0.73
N SER A 72 -3.42 9.50 -0.26
CA SER A 72 -4.02 8.79 0.86
C SER A 72 -5.33 8.13 0.44
N GLY A 73 -5.23 6.93 -0.13
CA GLY A 73 -6.42 6.21 -0.56
C GLY A 73 -7.25 7.02 -1.53
N PRO A 74 -8.58 6.81 -1.48
CA PRO A 74 -9.53 7.52 -2.35
C PRO A 74 -9.65 8.99 -2.00
N SER A 75 -8.77 9.80 -2.56
CA SER A 75 -8.77 11.24 -2.29
C SER A 75 -8.99 12.03 -3.59
N SER A 76 -9.67 13.16 -3.48
CA SER A 76 -9.93 14.01 -4.63
C SER A 76 -8.66 14.65 -5.15
N GLY A 77 -8.38 14.45 -6.43
CA GLY A 77 -7.18 15.01 -7.04
C GLY A 77 -5.94 14.20 -6.72
N GLY A 1 -11.12 27.43 20.26
CA GLY A 1 -11.67 27.70 18.94
C GLY A 1 -11.56 26.51 18.02
N SER A 2 -12.43 26.46 17.02
CA SER A 2 -12.44 25.35 16.07
C SER A 2 -12.87 25.83 14.68
N SER A 3 -12.58 25.03 13.67
CA SER A 3 -12.93 25.38 12.29
C SER A 3 -12.92 24.13 11.40
N GLY A 4 -13.51 24.27 10.21
CA GLY A 4 -13.57 23.15 9.29
C GLY A 4 -15.00 22.76 8.93
N SER A 5 -15.19 22.32 7.70
CA SER A 5 -16.51 21.91 7.24
C SER A 5 -16.41 20.97 6.04
N SER A 6 -17.30 19.98 6.00
CA SER A 6 -17.30 18.99 4.93
C SER A 6 -18.69 18.40 4.74
N GLY A 7 -19.17 18.37 3.51
CA GLY A 7 -20.47 17.82 3.22
C GLY A 7 -20.61 17.38 1.78
N ARG A 8 -19.72 16.50 1.34
CA ARG A 8 -19.74 16.00 -0.02
C ARG A 8 -19.17 14.58 -0.09
N SER A 9 -19.58 13.83 -1.11
CA SER A 9 -19.11 12.45 -1.28
C SER A 9 -17.62 12.42 -1.59
N GLU A 10 -16.90 11.56 -0.87
CA GLU A 10 -15.46 11.43 -1.07
C GLU A 10 -15.02 9.98 -1.02
N TRP A 11 -13.95 9.65 -1.72
CA TRP A 11 -13.43 8.29 -1.75
C TRP A 11 -13.25 7.74 -0.33
N GLN A 12 -13.33 6.42 -0.21
CA GLN A 12 -13.19 5.76 1.09
C GLN A 12 -12.26 4.56 0.99
N GLN A 13 -12.63 3.60 0.15
CA GLN A 13 -11.83 2.40 -0.03
C GLN A 13 -11.69 2.05 -1.51
N ARG A 14 -10.45 1.81 -1.94
CA ARG A 14 -10.19 1.47 -3.33
C ARG A 14 -10.45 -0.01 -3.60
N GLU A 15 -9.99 -0.86 -2.68
CA GLU A 15 -10.18 -2.29 -2.81
C GLU A 15 -10.01 -3.00 -1.47
N ARG A 16 -10.90 -3.93 -1.18
CA ARG A 16 -10.85 -4.68 0.08
C ARG A 16 -10.78 -6.18 -0.19
N ARG A 17 -10.12 -6.91 0.71
CA ARG A 17 -9.98 -8.35 0.58
C ARG A 17 -9.92 -9.02 1.95
N ARG A 18 -10.45 -10.23 2.02
CA ARG A 18 -10.47 -10.98 3.28
C ARG A 18 -9.21 -10.69 4.10
N TYR A 19 -8.05 -10.99 3.52
CA TYR A 19 -6.78 -10.77 4.20
C TYR A 19 -5.78 -10.12 3.26
N LYS A 20 -5.23 -8.98 3.69
CA LYS A 20 -4.25 -8.25 2.89
C LYS A 20 -2.96 -8.05 3.66
N CYS A 21 -1.88 -7.74 2.95
CA CYS A 21 -0.58 -7.52 3.58
C CYS A 21 -0.18 -6.05 3.51
N ASP A 22 -0.72 -5.25 4.41
CA ASP A 22 -0.43 -3.82 4.45
C ASP A 22 1.03 -3.56 4.09
N GLU A 23 1.92 -4.46 4.52
CA GLU A 23 3.34 -4.33 4.24
C GLU A 23 3.57 -3.94 2.78
N CYS A 24 3.02 -4.74 1.87
CA CYS A 24 3.17 -4.47 0.45
C CYS A 24 1.83 -4.13 -0.19
N GLY A 25 0.79 -4.89 0.17
CA GLY A 25 -0.53 -4.65 -0.37
C GLY A 25 -1.05 -5.83 -1.15
N LYS A 26 -0.70 -7.03 -0.73
CA LYS A 26 -1.14 -8.25 -1.40
C LYS A 26 -2.18 -8.99 -0.58
N SER A 27 -3.08 -9.68 -1.26
CA SER A 27 -4.14 -10.43 -0.59
C SER A 27 -4.03 -11.92 -0.89
N PHE A 28 -4.37 -12.74 0.09
CA PHE A 28 -4.31 -14.19 -0.07
C PHE A 28 -5.66 -14.83 0.27
N SER A 29 -5.85 -16.07 -0.20
CA SER A 29 -7.09 -16.79 0.05
C SER A 29 -7.06 -17.46 1.42
N HIS A 30 -5.90 -17.97 1.80
CA HIS A 30 -5.73 -18.63 3.08
C HIS A 30 -4.90 -17.79 4.04
N SER A 31 -5.47 -17.45 5.19
CA SER A 31 -4.78 -16.64 6.18
C SER A 31 -3.41 -17.22 6.49
N SER A 32 -3.36 -18.50 6.82
CA SER A 32 -2.11 -19.18 7.15
C SER A 32 -1.02 -18.80 6.14
N ASP A 33 -1.37 -18.84 4.85
CA ASP A 33 -0.42 -18.51 3.80
C ASP A 33 0.13 -17.10 4.00
N LEU A 34 -0.76 -16.11 3.97
CA LEU A 34 -0.36 -14.72 4.14
C LEU A 34 0.75 -14.59 5.18
N SER A 35 0.68 -15.41 6.22
CA SER A 35 1.67 -15.39 7.29
C SER A 35 3.06 -15.73 6.73
N LYS A 36 3.17 -16.88 6.10
CA LYS A 36 4.43 -17.33 5.53
C LYS A 36 4.96 -16.32 4.51
N HIS A 37 4.04 -15.67 3.81
CA HIS A 37 4.40 -14.67 2.81
C HIS A 37 5.18 -13.52 3.44
N ARG A 38 4.63 -12.97 4.52
CA ARG A 38 5.27 -11.86 5.21
C ARG A 38 6.76 -12.11 5.39
N ARG A 39 7.14 -13.39 5.46
CA ARG A 39 8.54 -13.77 5.63
C ARG A 39 9.40 -13.11 4.55
N THR A 40 8.90 -13.07 3.32
CA THR A 40 9.63 -12.48 2.21
C THR A 40 10.09 -11.07 2.55
N HIS A 41 9.43 -10.45 3.52
CA HIS A 41 9.78 -9.10 3.95
C HIS A 41 10.96 -9.12 4.90
N THR A 42 12.17 -9.13 4.33
CA THR A 42 13.39 -9.15 5.13
C THR A 42 14.22 -7.90 4.91
N GLY A 43 14.79 -7.37 5.98
CA GLY A 43 15.61 -6.17 5.87
C GLY A 43 15.18 -5.09 6.85
N GLU A 44 15.90 -3.97 6.84
CA GLU A 44 15.58 -2.86 7.72
C GLU A 44 14.77 -1.79 6.99
N LYS A 45 13.88 -2.24 6.12
CA LYS A 45 13.04 -1.32 5.35
C LYS A 45 11.56 -1.63 5.58
N PRO A 46 11.04 -1.21 6.73
CA PRO A 46 9.62 -1.43 7.09
C PRO A 46 8.67 -0.59 6.25
N TYR A 47 9.24 0.25 5.39
CA TYR A 47 8.44 1.11 4.52
C TYR A 47 8.59 0.70 3.07
N LYS A 48 7.48 0.75 2.33
CA LYS A 48 7.48 0.39 0.91
C LYS A 48 6.14 0.72 0.27
N CYS A 49 6.17 1.03 -1.02
CA CYS A 49 4.95 1.36 -1.75
C CYS A 49 4.49 0.17 -2.60
N ASP A 50 3.22 0.19 -3.00
CA ASP A 50 2.65 -0.88 -3.80
C ASP A 50 2.59 -0.47 -5.27
N GLU A 51 1.93 0.65 -5.53
CA GLU A 51 1.77 1.15 -6.90
C GLU A 51 3.08 0.99 -7.67
N CYS A 52 4.11 1.71 -7.24
CA CYS A 52 5.41 1.64 -7.89
C CYS A 52 6.19 0.41 -7.43
N GLY A 53 6.24 0.20 -6.13
CA GLY A 53 6.96 -0.94 -5.58
C GLY A 53 8.39 -0.59 -5.22
N LYS A 54 8.56 0.30 -4.25
CA LYS A 54 9.89 0.71 -3.80
C LYS A 54 9.96 0.77 -2.28
N ALA A 55 11.07 0.29 -1.73
CA ALA A 55 11.27 0.30 -0.28
C ALA A 55 11.99 1.56 0.17
N PHE A 56 11.79 1.92 1.43
CA PHE A 56 12.42 3.12 1.99
C PHE A 56 12.81 2.90 3.45
N ILE A 57 13.94 3.47 3.85
CA ILE A 57 14.41 3.34 5.22
C ILE A 57 13.63 4.24 6.17
N GLN A 58 13.57 5.53 5.83
CA GLN A 58 12.84 6.48 6.66
C GLN A 58 11.47 6.80 6.06
N ARG A 59 10.45 6.86 6.92
CA ARG A 59 9.10 7.15 6.48
C ARG A 59 9.06 8.40 5.60
N SER A 60 9.53 9.52 6.16
CA SER A 60 9.55 10.78 5.43
C SER A 60 9.82 10.55 3.95
N HIS A 61 10.86 9.77 3.65
CA HIS A 61 11.22 9.48 2.27
C HIS A 61 10.00 9.10 1.46
N LEU A 62 9.17 8.21 1.99
CA LEU A 62 7.96 7.77 1.32
C LEU A 62 6.87 8.84 1.39
N ILE A 63 6.76 9.49 2.54
CA ILE A 63 5.76 10.53 2.75
C ILE A 63 5.60 11.37 1.48
N GLY A 64 6.68 12.00 1.05
CA GLY A 64 6.62 12.83 -0.14
C GLY A 64 6.42 12.02 -1.40
N HIS A 65 7.23 10.98 -1.57
CA HIS A 65 7.14 10.11 -2.75
C HIS A 65 5.68 9.89 -3.14
N HIS A 66 4.84 9.57 -2.15
CA HIS A 66 3.43 9.33 -2.40
C HIS A 66 2.91 10.23 -3.51
N ARG A 67 3.32 11.49 -3.49
CA ARG A 67 2.89 12.46 -4.50
C ARG A 67 2.77 11.79 -5.86
N VAL A 68 3.82 11.10 -6.28
CA VAL A 68 3.83 10.42 -7.57
C VAL A 68 2.44 9.86 -7.90
N HIS A 69 1.85 9.16 -6.94
CA HIS A 69 0.52 8.59 -7.13
C HIS A 69 -0.57 9.54 -6.65
N THR A 70 -1.69 9.56 -7.37
CA THR A 70 -2.81 10.43 -7.02
C THR A 70 -3.47 9.98 -5.71
N GLY A 71 -3.39 8.69 -5.43
CA GLY A 71 -3.98 8.16 -4.23
C GLY A 71 -5.50 8.29 -4.22
N SER A 72 -6.17 7.39 -4.93
CA SER A 72 -7.63 7.42 -5.00
C SER A 72 -8.18 6.01 -5.24
N GLY A 73 -9.40 5.78 -4.77
CA GLY A 73 -10.02 4.48 -4.94
C GLY A 73 -11.11 4.50 -5.99
N PRO A 74 -12.38 4.61 -5.54
CA PRO A 74 -13.54 4.64 -6.45
C PRO A 74 -13.60 5.93 -7.26
N SER A 75 -14.16 5.83 -8.46
CA SER A 75 -14.28 6.97 -9.35
C SER A 75 -15.16 8.06 -8.71
N SER A 76 -16.34 7.65 -8.26
CA SER A 76 -17.28 8.58 -7.64
C SER A 76 -17.40 9.86 -8.46
N GLY A 77 -17.52 9.70 -9.77
CA GLY A 77 -17.64 10.86 -10.65
C GLY A 77 -16.83 10.71 -11.92
N GLY A 1 -14.87 29.88 12.03
CA GLY A 1 -13.95 29.93 13.16
C GLY A 1 -12.81 28.94 13.03
N SER A 2 -13.12 27.74 12.58
CA SER A 2 -12.11 26.70 12.41
C SER A 2 -12.34 25.91 11.12
N SER A 3 -11.42 25.01 10.82
CA SER A 3 -11.52 24.20 9.61
C SER A 3 -12.61 23.14 9.75
N GLY A 4 -13.01 22.56 8.62
CA GLY A 4 -14.05 21.54 8.63
C GLY A 4 -13.78 20.43 7.64
N SER A 5 -14.84 19.82 7.14
CA SER A 5 -14.72 18.72 6.19
C SER A 5 -14.89 19.23 4.76
N SER A 6 -14.03 18.77 3.87
CA SER A 6 -14.08 19.18 2.47
C SER A 6 -15.08 18.33 1.70
N GLY A 7 -16.24 18.08 2.31
CA GLY A 7 -17.27 17.29 1.67
C GLY A 7 -17.03 15.80 1.83
N ARG A 8 -17.59 15.01 0.92
CA ARG A 8 -17.44 13.57 0.96
C ARG A 8 -17.57 12.95 -0.43
N SER A 9 -16.53 12.25 -0.86
CA SER A 9 -16.52 11.63 -2.18
C SER A 9 -16.03 10.18 -2.09
N GLU A 10 -16.19 9.43 -3.17
CA GLU A 10 -15.77 8.04 -3.22
C GLU A 10 -14.29 7.94 -3.59
N TRP A 11 -13.43 7.82 -2.58
CA TRP A 11 -12.00 7.71 -2.80
C TRP A 11 -11.28 7.33 -1.51
N GLN A 12 -10.02 6.90 -1.65
CA GLN A 12 -9.23 6.50 -0.50
C GLN A 12 -9.96 5.45 0.34
N GLN A 13 -10.65 4.56 -0.34
CA GLN A 13 -11.39 3.50 0.33
C GLN A 13 -10.47 2.34 0.71
N ARG A 14 -10.36 2.09 2.01
CA ARG A 14 -9.50 1.02 2.51
C ARG A 14 -10.28 -0.28 2.64
N GLU A 15 -10.28 -1.09 1.58
CA GLU A 15 -10.99 -2.36 1.59
C GLU A 15 -10.50 -3.26 2.72
N ARG A 16 -11.35 -4.19 3.14
CA ARG A 16 -11.00 -5.11 4.22
C ARG A 16 -11.12 -6.55 3.75
N ARG A 17 -10.01 -7.29 3.83
CA ARG A 17 -10.00 -8.69 3.42
C ARG A 17 -9.56 -9.59 4.56
N ARG A 18 -9.87 -10.88 4.46
CA ARG A 18 -9.51 -11.85 5.49
C ARG A 18 -8.10 -11.57 6.02
N TYR A 19 -7.14 -11.49 5.12
CA TYR A 19 -5.75 -11.24 5.51
C TYR A 19 -5.13 -10.17 4.62
N LYS A 20 -4.39 -9.25 5.23
CA LYS A 20 -3.74 -8.17 4.50
C LYS A 20 -2.37 -7.86 5.10
N CYS A 21 -1.33 -8.00 4.27
CA CYS A 21 0.03 -7.73 4.71
C CYS A 21 0.24 -6.24 4.97
N ASP A 22 -0.31 -5.75 6.08
CA ASP A 22 -0.17 -4.33 6.43
C ASP A 22 1.18 -3.79 5.99
N GLU A 23 2.20 -4.63 6.05
CA GLU A 23 3.55 -4.24 5.66
C GLU A 23 3.54 -3.53 4.31
N CYS A 24 2.93 -4.18 3.32
CA CYS A 24 2.86 -3.60 1.97
C CYS A 24 1.44 -3.14 1.67
N GLY A 25 0.47 -4.01 1.91
CA GLY A 25 -0.92 -3.66 1.65
C GLY A 25 -1.59 -4.63 0.69
N LYS A 26 -1.09 -5.86 0.66
CA LYS A 26 -1.65 -6.88 -0.22
C LYS A 26 -2.51 -7.86 0.57
N SER A 27 -3.49 -8.47 -0.11
CA SER A 27 -4.39 -9.41 0.53
C SER A 27 -4.30 -10.78 -0.15
N PHE A 28 -4.35 -11.84 0.65
CA PHE A 28 -4.29 -13.20 0.13
C PHE A 28 -5.53 -14.00 0.51
N SER A 29 -5.84 -15.01 -0.28
CA SER A 29 -7.01 -15.86 -0.03
C SER A 29 -6.70 -16.88 1.07
N HIS A 30 -5.51 -17.45 1.02
CA HIS A 30 -5.10 -18.45 2.00
C HIS A 30 -4.02 -17.88 2.93
N SER A 31 -4.26 -17.99 4.23
CA SER A 31 -3.32 -17.48 5.23
C SER A 31 -1.90 -17.96 4.91
N SER A 32 -1.78 -19.20 4.47
CA SER A 32 -0.48 -19.77 4.14
C SER A 32 0.29 -18.86 3.19
N ASP A 33 -0.29 -18.60 2.03
CA ASP A 33 0.34 -17.73 1.03
C ASP A 33 0.97 -16.50 1.70
N LEU A 34 0.14 -15.73 2.39
CA LEU A 34 0.60 -14.52 3.07
C LEU A 34 1.90 -14.79 3.83
N SER A 35 1.85 -15.75 4.74
CA SER A 35 3.02 -16.10 5.53
C SER A 35 4.27 -16.18 4.66
N LYS A 36 4.18 -16.97 3.59
CA LYS A 36 5.29 -17.13 2.67
C LYS A 36 5.68 -15.81 2.02
N HIS A 37 4.66 -14.99 1.74
CA HIS A 37 4.89 -13.68 1.12
C HIS A 37 5.67 -12.76 2.06
N ARG A 38 5.12 -12.53 3.24
CA ARG A 38 5.75 -11.67 4.23
C ARG A 38 7.27 -11.81 4.17
N ARG A 39 7.75 -13.03 3.95
CA ARG A 39 9.17 -13.30 3.87
C ARG A 39 9.84 -12.38 2.86
N THR A 40 9.26 -12.30 1.67
CA THR A 40 9.80 -11.44 0.61
C THR A 40 10.38 -10.15 1.18
N HIS A 41 9.76 -9.66 2.25
CA HIS A 41 10.20 -8.43 2.90
C HIS A 41 11.61 -8.58 3.44
N THR A 42 11.83 -9.59 4.27
CA THR A 42 13.14 -9.84 4.85
C THR A 42 13.85 -8.54 5.19
N GLY A 43 13.09 -7.56 5.67
CA GLY A 43 13.67 -6.27 6.01
C GLY A 43 12.94 -5.60 7.16
N GLU A 44 13.59 -4.62 7.78
CA GLU A 44 12.99 -3.89 8.89
C GLU A 44 12.43 -2.55 8.43
N LYS A 45 11.84 -2.54 7.24
CA LYS A 45 11.27 -1.33 6.68
C LYS A 45 9.75 -1.32 6.85
N PRO A 46 9.27 -0.48 7.79
CA PRO A 46 7.84 -0.36 8.07
C PRO A 46 7.08 0.33 6.94
N TYR A 47 7.80 0.69 5.88
CA TYR A 47 7.20 1.35 4.73
C TYR A 47 7.48 0.58 3.45
N LYS A 48 6.50 0.53 2.55
CA LYS A 48 6.65 -0.18 1.29
C LYS A 48 5.44 0.07 0.39
N CYS A 49 5.63 0.85 -0.66
CA CYS A 49 4.56 1.16 -1.60
C CYS A 49 4.20 -0.07 -2.44
N ASP A 50 2.90 -0.20 -2.74
CA ASP A 50 2.42 -1.33 -3.53
C ASP A 50 2.47 -1.01 -5.01
N GLU A 51 2.09 0.21 -5.36
CA GLU A 51 2.07 0.65 -6.76
C GLU A 51 3.41 0.32 -7.43
N CYS A 52 4.46 0.99 -6.99
CA CYS A 52 5.80 0.78 -7.55
C CYS A 52 6.45 -0.47 -6.95
N GLY A 53 6.38 -0.58 -5.63
CA GLY A 53 6.97 -1.73 -4.96
C GLY A 53 8.32 -1.41 -4.36
N LYS A 54 8.48 -0.18 -3.88
CA LYS A 54 9.74 0.25 -3.28
C LYS A 54 9.61 0.35 -1.77
N ALA A 55 10.72 0.14 -1.06
CA ALA A 55 10.72 0.21 0.39
C ALA A 55 11.55 1.40 0.88
N PHE A 56 11.16 1.95 2.03
CA PHE A 56 11.86 3.09 2.60
C PHE A 56 12.08 2.91 4.09
N ILE A 57 13.13 3.53 4.61
CA ILE A 57 13.45 3.43 6.04
C ILE A 57 12.68 4.48 6.84
N GLN A 58 12.85 5.74 6.48
CA GLN A 58 12.17 6.83 7.17
C GLN A 58 10.72 6.94 6.72
N ARG A 59 9.96 7.82 7.37
CA ARG A 59 8.56 8.02 7.04
C ARG A 59 8.41 8.99 5.87
N SER A 60 9.02 10.16 6.01
CA SER A 60 8.94 11.19 4.97
C SER A 60 9.44 10.65 3.64
N HIS A 61 10.18 9.55 3.70
CA HIS A 61 10.72 8.92 2.48
C HIS A 61 9.58 8.41 1.60
N LEU A 62 8.46 8.09 2.22
CA LEU A 62 7.30 7.59 1.49
C LEU A 62 6.29 8.70 1.23
N ILE A 63 6.10 9.56 2.21
CA ILE A 63 5.17 10.68 2.09
C ILE A 63 5.41 11.45 0.81
N GLY A 64 6.68 11.68 0.48
CA GLY A 64 7.01 12.41 -0.73
C GLY A 64 7.02 11.51 -1.96
N HIS A 65 7.60 10.33 -1.82
CA HIS A 65 7.67 9.37 -2.92
C HIS A 65 6.30 9.19 -3.57
N HIS A 66 5.27 9.06 -2.75
CA HIS A 66 3.91 8.87 -3.24
C HIS A 66 3.68 9.69 -4.50
N ARG A 67 4.30 10.86 -4.56
CA ARG A 67 4.15 11.75 -5.72
C ARG A 67 4.17 10.95 -7.02
N VAL A 68 5.14 10.04 -7.13
CA VAL A 68 5.26 9.21 -8.32
C VAL A 68 3.90 8.73 -8.81
N HIS A 69 3.05 8.34 -7.87
CA HIS A 69 1.70 7.86 -8.20
C HIS A 69 0.67 8.98 -8.03
N THR A 70 -0.56 8.70 -8.43
CA THR A 70 -1.64 9.68 -8.33
C THR A 70 -2.89 9.05 -7.72
N GLY A 71 -2.92 9.01 -6.38
CA GLY A 71 -4.07 8.45 -5.69
C GLY A 71 -3.69 7.25 -4.84
N SER A 72 -4.67 6.40 -4.55
CA SER A 72 -4.44 5.23 -3.73
C SER A 72 -5.70 4.35 -3.67
N GLY A 73 -5.50 3.09 -3.30
CA GLY A 73 -6.63 2.17 -3.21
C GLY A 73 -7.05 1.64 -4.57
N PRO A 74 -7.49 0.37 -4.59
CA PRO A 74 -7.93 -0.28 -5.83
C PRO A 74 -9.25 0.28 -6.34
N SER A 75 -9.94 1.03 -5.49
CA SER A 75 -11.21 1.62 -5.86
C SER A 75 -11.09 2.41 -7.17
N SER A 76 -12.13 2.34 -7.99
CA SER A 76 -12.14 3.05 -9.27
C SER A 76 -13.36 3.94 -9.39
N GLY A 77 -13.13 5.26 -9.39
CA GLY A 77 -14.22 6.20 -9.50
C GLY A 77 -14.96 6.08 -10.81
N GLY A 1 -16.54 28.17 -25.29
CA GLY A 1 -15.16 28.11 -24.81
C GLY A 1 -15.07 28.02 -23.30
N SER A 2 -14.08 27.29 -22.82
CA SER A 2 -13.89 27.12 -21.38
C SER A 2 -12.46 26.71 -21.06
N SER A 3 -12.02 26.99 -19.84
CA SER A 3 -10.67 26.67 -19.41
C SER A 3 -10.64 26.24 -17.95
N GLY A 4 -9.89 25.19 -17.65
CA GLY A 4 -9.79 24.71 -16.28
C GLY A 4 -9.03 23.40 -16.19
N SER A 5 -7.72 23.47 -16.36
CA SER A 5 -6.87 22.28 -16.30
C SER A 5 -6.85 21.71 -14.89
N SER A 6 -6.44 22.53 -13.93
CA SER A 6 -6.36 22.11 -12.54
C SER A 6 -7.61 21.33 -12.14
N GLY A 7 -7.43 20.31 -11.31
CA GLY A 7 -8.54 19.50 -10.86
C GLY A 7 -8.14 18.07 -10.58
N ARG A 8 -8.33 17.64 -9.33
CA ARG A 8 -7.98 16.27 -8.94
C ARG A 8 -9.14 15.61 -8.19
N SER A 9 -9.34 14.33 -8.46
CA SER A 9 -10.42 13.58 -7.82
C SER A 9 -9.90 12.26 -7.25
N GLU A 10 -9.90 12.17 -5.92
CA GLU A 10 -9.42 10.96 -5.25
C GLU A 10 -10.32 9.77 -5.56
N TRP A 11 -9.74 8.75 -6.18
CA TRP A 11 -10.50 7.55 -6.53
C TRP A 11 -11.03 6.84 -5.29
N GLN A 12 -12.20 6.24 -5.40
CA GLN A 12 -12.82 5.53 -4.29
C GLN A 12 -13.30 4.15 -4.71
N GLN A 13 -12.48 3.47 -5.52
CA GLN A 13 -12.82 2.14 -6.00
C GLN A 13 -12.87 1.14 -4.85
N ARG A 14 -13.92 0.32 -4.83
CA ARG A 14 -14.07 -0.68 -3.78
C ARG A 14 -13.36 -1.98 -4.14
N GLU A 15 -12.08 -2.07 -3.74
CA GLU A 15 -11.29 -3.25 -4.02
C GLU A 15 -12.03 -4.52 -3.60
N ARG A 16 -12.27 -5.40 -4.57
CA ARG A 16 -12.96 -6.65 -4.29
C ARG A 16 -12.16 -7.54 -3.35
N ARG A 17 -10.93 -7.12 -3.06
CA ARG A 17 -10.05 -7.87 -2.17
C ARG A 17 -9.84 -7.11 -0.86
N ARG A 18 -9.78 -7.85 0.24
CA ARG A 18 -9.57 -7.25 1.55
C ARG A 18 -8.13 -6.81 1.73
N TYR A 19 -7.20 -7.76 1.61
CA TYR A 19 -5.78 -7.46 1.76
C TYR A 19 -5.00 -7.91 0.54
N LYS A 20 -3.88 -7.26 0.28
CA LYS A 20 -3.04 -7.58 -0.86
C LYS A 20 -1.60 -7.11 -0.64
N CYS A 21 -0.65 -7.96 -0.98
CA CYS A 21 0.76 -7.62 -0.83
C CYS A 21 1.28 -6.83 -2.03
N ASP A 22 0.98 -5.54 -2.05
CA ASP A 22 1.41 -4.67 -3.13
C ASP A 22 2.85 -4.96 -3.52
N GLU A 23 3.62 -5.49 -2.56
CA GLU A 23 5.02 -5.80 -2.81
C GLU A 23 5.17 -6.73 -4.00
N CYS A 24 4.54 -7.89 -3.93
CA CYS A 24 4.59 -8.88 -5.01
C CYS A 24 3.34 -8.81 -5.88
N GLY A 25 2.18 -8.82 -5.23
CA GLY A 25 0.93 -8.76 -5.96
C GLY A 25 0.02 -9.93 -5.64
N LYS A 26 0.07 -10.39 -4.39
CA LYS A 26 -0.77 -11.51 -3.95
C LYS A 26 -1.89 -11.02 -3.04
N SER A 27 -2.95 -11.82 -2.95
CA SER A 27 -4.09 -11.48 -2.12
C SER A 27 -4.43 -12.62 -1.16
N PHE A 28 -4.98 -12.27 0.00
CA PHE A 28 -5.35 -13.26 1.00
C PHE A 28 -6.73 -12.96 1.59
N SER A 29 -7.45 -14.01 1.94
CA SER A 29 -8.79 -13.86 2.51
C SER A 29 -8.71 -13.34 3.94
N HIS A 30 -7.74 -13.85 4.70
CA HIS A 30 -7.56 -13.45 6.08
C HIS A 30 -6.31 -12.58 6.24
N SER A 31 -6.43 -11.48 6.97
CA SER A 31 -5.31 -10.58 7.19
C SER A 31 -4.13 -11.31 7.82
N SER A 32 -4.42 -12.09 8.86
CA SER A 32 -3.39 -12.85 9.56
C SER A 32 -2.45 -13.52 8.56
N ASP A 33 -2.99 -14.42 7.76
CA ASP A 33 -2.20 -15.14 6.77
C ASP A 33 -1.17 -14.22 6.13
N LEU A 34 -1.64 -13.14 5.52
CA LEU A 34 -0.76 -12.17 4.87
C LEU A 34 0.43 -11.82 5.77
N SER A 35 0.13 -11.55 7.03
CA SER A 35 1.17 -11.18 7.99
C SER A 35 2.36 -12.12 7.88
N LYS A 36 2.07 -13.43 7.80
CA LYS A 36 3.12 -14.43 7.68
C LYS A 36 3.82 -14.34 6.33
N HIS A 37 3.06 -14.05 5.29
CA HIS A 37 3.61 -13.91 3.94
C HIS A 37 4.69 -12.84 3.90
N ARG A 38 4.41 -11.70 4.50
CA ARG A 38 5.37 -10.59 4.53
C ARG A 38 6.76 -11.09 4.91
N ARG A 39 6.80 -12.17 5.70
CA ARG A 39 8.07 -12.73 6.13
C ARG A 39 8.97 -13.03 4.94
N THR A 40 8.38 -13.59 3.89
CA THR A 40 9.14 -13.93 2.68
C THR A 40 9.86 -12.71 2.12
N HIS A 41 9.35 -11.53 2.45
CA HIS A 41 9.95 -10.28 1.98
C HIS A 41 10.90 -9.70 3.03
N THR A 42 12.20 -9.93 2.83
CA THR A 42 13.20 -9.44 3.75
C THR A 42 14.10 -8.40 3.09
N GLY A 43 14.83 -7.65 3.91
CA GLY A 43 15.71 -6.62 3.39
C GLY A 43 15.80 -5.40 4.29
N GLU A 44 16.98 -4.79 4.33
CA GLU A 44 17.19 -3.61 5.17
C GLU A 44 17.25 -2.34 4.33
N LYS A 45 16.12 -1.62 4.27
CA LYS A 45 16.05 -0.39 3.50
C LYS A 45 16.01 0.83 4.42
N PRO A 46 16.70 1.90 4.01
CA PRO A 46 16.75 3.14 4.78
C PRO A 46 15.42 3.88 4.79
N TYR A 47 14.42 3.29 4.16
CA TYR A 47 13.09 3.89 4.09
C TYR A 47 12.00 2.84 4.26
N LYS A 48 10.98 3.18 5.03
CA LYS A 48 9.87 2.26 5.27
C LYS A 48 8.63 3.01 5.75
N CYS A 49 7.46 2.54 5.33
CA CYS A 49 6.20 3.17 5.71
C CYS A 49 5.59 2.48 6.92
N ASP A 50 4.97 3.27 7.80
CA ASP A 50 4.35 2.73 9.00
C ASP A 50 2.88 2.36 8.74
N GLU A 51 2.16 3.24 8.05
CA GLU A 51 0.77 3.01 7.74
C GLU A 51 0.56 1.60 7.19
N CYS A 52 1.23 1.30 6.07
CA CYS A 52 1.12 -0.01 5.44
C CYS A 52 2.10 -0.99 6.06
N GLY A 53 3.35 -0.55 6.22
CA GLY A 53 4.37 -1.40 6.80
C GLY A 53 5.27 -2.03 5.76
N LYS A 54 5.50 -1.29 4.67
CA LYS A 54 6.35 -1.78 3.59
C LYS A 54 7.64 -0.98 3.51
N ALA A 55 8.70 -1.62 3.03
CA ALA A 55 10.00 -0.97 2.90
C ALA A 55 10.27 -0.57 1.45
N PHE A 56 11.19 0.37 1.26
CA PHE A 56 11.54 0.84 -0.07
C PHE A 56 13.01 1.25 -0.13
N ILE A 57 13.70 0.82 -1.17
CA ILE A 57 15.11 1.15 -1.35
C ILE A 57 15.31 2.64 -1.49
N GLN A 58 14.72 3.22 -2.53
CA GLN A 58 14.84 4.65 -2.78
C GLN A 58 13.77 5.43 -2.03
N ARG A 59 14.11 6.63 -1.58
CA ARG A 59 13.17 7.47 -0.84
C ARG A 59 11.91 7.73 -1.66
N SER A 60 12.10 8.20 -2.90
CA SER A 60 10.98 8.49 -3.78
C SER A 60 9.96 7.36 -3.77
N HIS A 61 10.45 6.13 -3.92
CA HIS A 61 9.59 4.95 -3.93
C HIS A 61 8.56 5.04 -2.82
N LEU A 62 8.95 5.63 -1.70
CA LEU A 62 8.06 5.77 -0.55
C LEU A 62 7.31 7.10 -0.60
N ILE A 63 8.03 8.16 -0.93
CA ILE A 63 7.44 9.49 -1.03
C ILE A 63 6.16 9.46 -1.85
N GLY A 64 6.18 8.72 -2.95
CA GLY A 64 5.01 8.63 -3.81
C GLY A 64 4.03 7.59 -3.32
N HIS A 65 4.54 6.47 -2.83
CA HIS A 65 3.68 5.40 -2.33
C HIS A 65 2.59 5.95 -1.42
N HIS A 66 2.93 6.97 -0.64
CA HIS A 66 1.97 7.59 0.27
C HIS A 66 0.60 7.72 -0.39
N ARG A 67 0.59 7.83 -1.73
CA ARG A 67 -0.64 7.96 -2.48
C ARG A 67 -1.59 6.81 -2.18
N VAL A 68 -1.06 5.59 -2.21
CA VAL A 68 -1.85 4.39 -1.96
C VAL A 68 -2.77 4.60 -0.75
N HIS A 69 -2.32 5.43 0.19
CA HIS A 69 -3.10 5.71 1.39
C HIS A 69 -4.03 6.91 1.17
N THR A 70 -3.46 8.02 0.72
CA THR A 70 -4.23 9.23 0.46
C THR A 70 -4.43 9.45 -1.03
N GLY A 71 -5.63 9.16 -1.51
CA GLY A 71 -5.93 9.32 -2.92
C GLY A 71 -6.47 8.06 -3.55
N SER A 72 -5.76 6.96 -3.38
CA SER A 72 -6.17 5.68 -3.94
C SER A 72 -7.17 4.98 -3.03
N GLY A 73 -7.88 4.00 -3.59
CA GLY A 73 -8.86 3.27 -2.82
C GLY A 73 -8.42 3.05 -1.37
N PRO A 74 -9.16 3.68 -0.43
CA PRO A 74 -8.86 3.56 0.99
C PRO A 74 -9.15 2.17 1.54
N SER A 75 -8.12 1.50 2.04
CA SER A 75 -8.26 0.17 2.58
C SER A 75 -8.46 0.22 4.10
N SER A 76 -9.30 1.14 4.54
CA SER A 76 -9.57 1.30 5.97
C SER A 76 -10.29 0.07 6.52
N GLY A 77 -11.40 -0.29 5.88
CA GLY A 77 -12.17 -1.44 6.33
C GLY A 77 -13.21 -1.09 7.36
N GLY A 1 11.25 25.38 26.98
CA GLY A 1 10.80 25.32 25.60
C GLY A 1 9.59 24.43 25.41
N SER A 2 9.02 24.45 24.22
CA SER A 2 7.84 23.64 23.93
C SER A 2 7.83 23.22 22.46
N SER A 3 6.91 22.32 22.11
CA SER A 3 6.80 21.82 20.75
C SER A 3 5.51 21.03 20.55
N GLY A 4 4.89 21.18 19.39
CA GLY A 4 3.66 20.47 19.11
C GLY A 4 3.83 19.41 18.03
N SER A 5 2.74 18.77 17.66
CA SER A 5 2.77 17.73 16.64
C SER A 5 1.52 17.78 15.76
N SER A 6 1.68 17.40 14.50
CA SER A 6 0.57 17.41 13.55
C SER A 6 0.77 16.36 12.47
N GLY A 7 -0.33 15.89 11.89
CA GLY A 7 -0.26 14.88 10.85
C GLY A 7 -1.16 15.20 9.67
N ARG A 8 -1.55 14.18 8.93
CA ARG A 8 -2.42 14.35 7.77
C ARG A 8 -3.76 13.66 7.98
N SER A 9 -4.84 14.44 7.96
CA SER A 9 -6.17 13.90 8.16
C SER A 9 -6.63 13.11 6.94
N GLU A 10 -6.80 11.80 7.12
CA GLU A 10 -7.24 10.94 6.02
C GLU A 10 -8.74 10.68 6.09
N TRP A 11 -9.40 10.74 4.94
CA TRP A 11 -10.84 10.52 4.86
C TRP A 11 -11.17 9.43 3.86
N GLN A 12 -10.50 9.45 2.71
CA GLN A 12 -10.72 8.46 1.67
C GLN A 12 -10.99 7.09 2.28
N GLN A 13 -11.90 6.34 1.65
CA GLN A 13 -12.25 5.00 2.13
C GLN A 13 -11.14 4.00 1.83
N ARG A 14 -10.11 4.01 2.66
CA ARG A 14 -8.97 3.11 2.48
C ARG A 14 -9.45 1.66 2.41
N GLU A 15 -9.42 1.09 1.22
CA GLU A 15 -9.85 -0.30 1.02
C GLU A 15 -9.13 -1.23 1.99
N ARG A 16 -9.86 -2.22 2.50
CA ARG A 16 -9.29 -3.18 3.44
C ARG A 16 -9.88 -4.57 3.21
N ARG A 17 -9.04 -5.59 3.36
CA ARG A 17 -9.48 -6.97 3.17
C ARG A 17 -9.39 -7.75 4.48
N ARG A 18 -9.68 -9.04 4.41
CA ARG A 18 -9.63 -9.90 5.60
C ARG A 18 -8.22 -9.95 6.17
N TYR A 19 -7.24 -10.23 5.31
CA TYR A 19 -5.85 -10.31 5.74
C TYR A 19 -5.15 -8.97 5.58
N LYS A 20 -4.05 -8.79 6.30
CA LYS A 20 -3.28 -7.56 6.24
C LYS A 20 -1.91 -7.74 6.88
N CYS A 21 -0.87 -7.26 6.19
CA CYS A 21 0.49 -7.37 6.70
C CYS A 21 0.85 -6.15 7.55
N ASP A 22 0.32 -6.12 8.77
CA ASP A 22 0.59 -5.02 9.69
C ASP A 22 2.04 -4.55 9.58
N GLU A 23 2.93 -5.47 9.20
CA GLU A 23 4.34 -5.15 9.06
C GLU A 23 4.54 -3.91 8.19
N CYS A 24 3.86 -3.89 7.04
CA CYS A 24 3.96 -2.77 6.12
C CYS A 24 2.62 -2.03 6.02
N GLY A 25 1.55 -2.78 5.79
CA GLY A 25 0.24 -2.19 5.67
C GLY A 25 -0.50 -2.64 4.43
N LYS A 26 -0.02 -3.72 3.82
CA LYS A 26 -0.64 -4.26 2.62
C LYS A 26 -1.79 -5.20 2.96
N SER A 27 -2.54 -5.61 1.95
CA SER A 27 -3.67 -6.51 2.15
C SER A 27 -3.85 -7.44 0.95
N PHE A 28 -4.29 -8.66 1.23
CA PHE A 28 -4.50 -9.65 0.17
C PHE A 28 -5.69 -10.55 0.50
N SER A 29 -6.63 -10.64 -0.42
CA SER A 29 -7.82 -11.48 -0.23
C SER A 29 -7.42 -12.93 0.03
N HIS A 30 -6.35 -13.36 -0.61
CA HIS A 30 -5.86 -14.73 -0.46
C HIS A 30 -4.74 -14.79 0.57
N SER A 31 -4.87 -15.70 1.53
CA SER A 31 -3.87 -15.86 2.58
C SER A 31 -2.55 -16.34 1.99
N SER A 32 -2.60 -17.42 1.22
CA SER A 32 -1.41 -17.98 0.60
C SER A 32 -0.56 -16.88 -0.04
N ASP A 33 -1.19 -16.05 -0.85
CA ASP A 33 -0.51 -14.95 -1.52
C ASP A 33 0.26 -14.10 -0.52
N LEU A 34 -0.44 -13.60 0.48
CA LEU A 34 0.19 -12.76 1.51
C LEU A 34 1.38 -13.47 2.12
N SER A 35 1.22 -14.76 2.42
CA SER A 35 2.29 -15.54 3.02
C SER A 35 3.57 -15.42 2.21
N LYS A 36 3.45 -15.49 0.89
CA LYS A 36 4.60 -15.39 0.00
C LYS A 36 5.13 -13.95 -0.04
N HIS A 37 4.25 -13.00 0.26
CA HIS A 37 4.63 -11.59 0.26
C HIS A 37 5.57 -11.28 1.42
N ARG A 38 5.15 -11.66 2.63
CA ARG A 38 5.95 -11.41 3.82
C ARG A 38 7.42 -11.72 3.57
N ARG A 39 7.67 -12.60 2.60
CA ARG A 39 9.03 -12.98 2.26
C ARG A 39 9.86 -11.76 1.86
N THR A 40 9.28 -10.94 0.98
CA THR A 40 9.96 -9.74 0.51
C THR A 40 10.63 -8.99 1.66
N HIS A 41 10.10 -9.18 2.86
CA HIS A 41 10.64 -8.52 4.05
C HIS A 41 12.01 -9.10 4.41
N THR A 42 13.05 -8.52 3.84
CA THR A 42 14.41 -8.97 4.10
C THR A 42 15.35 -7.80 4.35
N GLY A 43 15.79 -7.64 5.59
CA GLY A 43 16.70 -6.56 5.94
C GLY A 43 16.08 -5.59 6.92
N GLU A 44 16.32 -4.29 6.70
CA GLU A 44 15.79 -3.26 7.58
C GLU A 44 14.71 -2.44 6.86
N LYS A 45 14.21 -2.98 5.75
CA LYS A 45 13.18 -2.31 4.98
C LYS A 45 11.88 -3.12 4.96
N PRO A 46 11.19 -3.13 6.10
CA PRO A 46 9.92 -3.87 6.24
C PRO A 46 8.79 -3.24 5.44
N TYR A 47 9.11 -2.19 4.70
CA TYR A 47 8.12 -1.49 3.89
C TYR A 47 8.49 -1.55 2.41
N LYS A 48 7.49 -1.82 1.57
CA LYS A 48 7.71 -1.91 0.13
C LYS A 48 6.40 -1.68 -0.63
N CYS A 49 6.50 -1.01 -1.77
CA CYS A 49 5.34 -0.73 -2.59
C CYS A 49 5.11 -1.82 -3.63
N ASP A 50 3.89 -1.93 -4.13
CA ASP A 50 3.55 -2.93 -5.13
C ASP A 50 3.34 -2.30 -6.50
N GLU A 51 2.95 -1.03 -6.50
CA GLU A 51 2.72 -0.30 -7.74
C GLU A 51 4.04 0.01 -8.45
N CYS A 52 5.05 0.38 -7.67
CA CYS A 52 6.36 0.69 -8.22
C CYS A 52 7.39 -0.35 -7.81
N GLY A 53 7.39 -0.71 -6.53
CA GLY A 53 8.33 -1.70 -6.04
C GLY A 53 9.57 -1.07 -5.44
N LYS A 54 9.39 -0.19 -4.46
CA LYS A 54 10.50 0.47 -3.80
C LYS A 54 10.44 0.27 -2.29
N ALA A 55 11.58 -0.13 -1.71
CA ALA A 55 11.66 -0.35 -0.27
C ALA A 55 11.93 0.96 0.47
N PHE A 56 11.22 1.15 1.58
CA PHE A 56 11.38 2.36 2.39
C PHE A 56 11.74 2.01 3.82
N ILE A 57 12.98 2.30 4.20
CA ILE A 57 13.45 2.02 5.55
C ILE A 57 12.47 2.55 6.60
N GLN A 58 12.09 3.82 6.46
CA GLN A 58 11.17 4.44 7.39
C GLN A 58 9.73 4.29 6.91
N ARG A 59 8.78 4.75 7.72
CA ARG A 59 7.37 4.67 7.38
C ARG A 59 6.94 5.88 6.56
N SER A 60 7.21 7.07 7.08
CA SER A 60 6.85 8.31 6.41
C SER A 60 7.30 8.28 4.95
N HIS A 61 8.56 7.90 4.74
CA HIS A 61 9.12 7.83 3.39
C HIS A 61 8.14 7.16 2.43
N LEU A 62 7.32 6.26 2.96
CA LEU A 62 6.35 5.55 2.15
C LEU A 62 5.04 6.33 2.05
N ILE A 63 4.59 6.88 3.17
CA ILE A 63 3.37 7.67 3.20
C ILE A 63 3.32 8.66 2.05
N GLY A 64 4.35 9.51 1.97
CA GLY A 64 4.41 10.50 0.91
C GLY A 64 4.56 9.87 -0.47
N HIS A 65 5.39 8.84 -0.55
CA HIS A 65 5.63 8.16 -1.81
C HIS A 65 4.31 7.81 -2.50
N HIS A 66 3.35 7.37 -1.72
CA HIS A 66 2.03 7.00 -2.26
C HIS A 66 1.55 8.06 -3.25
N ARG A 67 2.01 9.29 -3.08
CA ARG A 67 1.62 10.38 -3.96
C ARG A 67 1.83 10.00 -5.42
N VAL A 68 3.01 9.47 -5.73
CA VAL A 68 3.34 9.06 -7.09
C VAL A 68 2.25 8.18 -7.68
N HIS A 69 1.44 7.58 -6.80
CA HIS A 69 0.35 6.71 -7.24
C HIS A 69 -0.99 7.24 -6.74
N THR A 70 -1.78 7.79 -7.66
CA THR A 70 -3.09 8.33 -7.32
C THR A 70 -3.99 7.27 -6.70
N GLY A 71 -5.07 7.71 -6.06
CA GLY A 71 -5.98 6.78 -5.42
C GLY A 71 -7.32 7.41 -5.11
N SER A 72 -8.38 6.59 -5.13
CA SER A 72 -9.72 7.08 -4.86
C SER A 72 -10.42 6.19 -3.84
N GLY A 73 -10.67 6.75 -2.65
CA GLY A 73 -11.34 6.00 -1.60
C GLY A 73 -12.81 5.80 -1.88
N PRO A 74 -13.57 6.90 -1.88
CA PRO A 74 -15.02 6.86 -2.12
C PRO A 74 -15.35 6.52 -3.57
N SER A 75 -16.53 5.95 -3.78
CA SER A 75 -16.97 5.55 -5.11
C SER A 75 -17.97 6.55 -5.66
N SER A 76 -17.83 6.89 -6.94
CA SER A 76 -18.72 7.84 -7.58
C SER A 76 -18.78 7.60 -9.08
N GLY A 77 -19.91 7.96 -9.69
CA GLY A 77 -20.07 7.76 -11.13
C GLY A 77 -20.45 9.05 -11.85
N GLY A 1 -3.48 35.67 -22.35
CA GLY A 1 -4.58 34.81 -21.95
C GLY A 1 -4.14 33.63 -21.13
N SER A 2 -5.09 32.98 -20.46
CA SER A 2 -4.78 31.82 -19.64
C SER A 2 -6.05 31.03 -19.31
N SER A 3 -6.10 29.79 -19.80
CA SER A 3 -7.26 28.94 -19.57
C SER A 3 -6.82 27.52 -19.21
N GLY A 4 -7.40 26.98 -18.14
CA GLY A 4 -7.06 25.64 -17.70
C GLY A 4 -8.02 24.59 -18.24
N SER A 5 -7.96 23.39 -17.67
CA SER A 5 -8.83 22.30 -18.10
C SER A 5 -9.22 21.43 -16.91
N SER A 6 -10.48 21.03 -16.87
CA SER A 6 -10.99 20.18 -15.79
C SER A 6 -11.05 18.73 -16.22
N GLY A 7 -10.59 17.84 -15.34
CA GLY A 7 -10.60 16.42 -15.64
C GLY A 7 -11.02 15.58 -14.46
N ARG A 8 -11.91 14.62 -14.71
CA ARG A 8 -12.40 13.74 -13.65
C ARG A 8 -11.24 13.06 -12.92
N SER A 9 -11.49 12.66 -11.68
CA SER A 9 -10.46 11.99 -10.88
C SER A 9 -10.94 10.62 -10.42
N GLU A 10 -9.98 9.77 -10.05
CA GLU A 10 -10.29 8.42 -9.59
C GLU A 10 -9.27 7.94 -8.56
N TRP A 11 -9.75 7.26 -7.53
CA TRP A 11 -8.89 6.74 -6.48
C TRP A 11 -9.26 5.32 -6.11
N GLN A 12 -8.47 4.71 -5.24
CA GLN A 12 -8.72 3.33 -4.81
C GLN A 12 -9.97 3.26 -3.93
N GLN A 13 -10.89 2.37 -4.27
CA GLN A 13 -12.13 2.22 -3.51
C GLN A 13 -12.03 1.04 -2.55
N ARG A 14 -12.91 1.02 -1.56
CA ARG A 14 -12.91 -0.06 -0.56
C ARG A 14 -12.89 -1.43 -1.24
N GLU A 15 -11.68 -1.99 -1.38
CA GLU A 15 -11.52 -3.29 -2.02
C GLU A 15 -12.08 -4.40 -1.12
N ARG A 16 -12.67 -5.42 -1.74
CA ARG A 16 -13.24 -6.54 -1.02
C ARG A 16 -12.59 -7.85 -1.44
N ARG A 17 -11.81 -8.44 -0.53
CA ARG A 17 -11.14 -9.70 -0.82
C ARG A 17 -10.96 -10.53 0.45
N ARG A 18 -10.79 -11.83 0.28
CA ARG A 18 -10.62 -12.73 1.43
C ARG A 18 -9.50 -12.24 2.33
N TYR A 19 -8.26 -12.31 1.84
CA TYR A 19 -7.11 -11.88 2.62
C TYR A 19 -6.34 -10.79 1.88
N LYS A 20 -5.84 -9.82 2.64
CA LYS A 20 -5.08 -8.72 2.07
C LYS A 20 -3.98 -8.26 3.02
N CYS A 21 -3.01 -7.53 2.48
CA CYS A 21 -1.90 -7.02 3.28
C CYS A 21 -1.91 -5.50 3.34
N ASP A 22 -2.80 -4.95 4.15
CA ASP A 22 -2.92 -3.50 4.29
C ASP A 22 -1.55 -2.84 4.29
N GLU A 23 -0.55 -3.57 4.78
CA GLU A 23 0.81 -3.06 4.85
C GLU A 23 1.24 -2.49 3.49
N CYS A 24 1.12 -3.29 2.46
CA CYS A 24 1.49 -2.87 1.10
C CYS A 24 0.26 -2.72 0.22
N GLY A 25 -0.59 -3.74 0.22
CA GLY A 25 -1.79 -3.70 -0.59
C GLY A 25 -1.93 -4.90 -1.51
N LYS A 26 -1.41 -6.04 -1.06
CA LYS A 26 -1.46 -7.26 -1.85
C LYS A 26 -2.50 -8.23 -1.27
N SER A 27 -3.05 -9.08 -2.13
CA SER A 27 -4.04 -10.05 -1.70
C SER A 27 -3.63 -11.47 -2.10
N PHE A 28 -4.28 -12.45 -1.49
CA PHE A 28 -3.97 -13.85 -1.78
C PHE A 28 -5.21 -14.72 -1.60
N SER A 29 -5.07 -16.02 -1.89
CA SER A 29 -6.18 -16.95 -1.76
C SER A 29 -6.07 -17.75 -0.46
N HIS A 30 -4.86 -18.17 -0.13
CA HIS A 30 -4.61 -18.93 1.09
C HIS A 30 -3.99 -18.06 2.18
N SER A 31 -4.45 -18.24 3.41
CA SER A 31 -3.95 -17.45 4.54
C SER A 31 -2.47 -17.75 4.77
N SER A 32 -2.12 -19.03 4.79
CA SER A 32 -0.74 -19.45 5.01
C SER A 32 0.21 -18.70 4.07
N ASP A 33 -0.15 -18.65 2.80
CA ASP A 33 0.66 -17.97 1.79
C ASP A 33 0.90 -16.51 2.18
N LEU A 34 -0.19 -15.80 2.43
CA LEU A 34 -0.11 -14.39 2.80
C LEU A 34 0.81 -14.20 4.00
N SER A 35 0.70 -15.09 4.97
CA SER A 35 1.52 -15.02 6.17
C SER A 35 3.00 -14.91 5.81
N LYS A 36 3.45 -15.79 4.92
CA LYS A 36 4.85 -15.80 4.48
C LYS A 36 5.18 -14.52 3.73
N HIS A 37 4.18 -13.93 3.09
CA HIS A 37 4.36 -12.70 2.32
C HIS A 37 4.67 -11.53 3.26
N ARG A 38 3.95 -11.48 4.38
CA ARG A 38 4.14 -10.41 5.36
C ARG A 38 5.55 -10.43 5.92
N ARG A 39 6.10 -11.62 6.11
CA ARG A 39 7.45 -11.78 6.65
C ARG A 39 8.46 -11.04 5.79
N THR A 40 8.30 -11.12 4.47
CA THR A 40 9.20 -10.45 3.55
C THR A 40 9.38 -8.98 3.92
N HIS A 41 8.45 -8.46 4.71
CA HIS A 41 8.51 -7.07 5.14
C HIS A 41 9.62 -6.86 6.17
N THR A 42 9.84 -7.88 7.00
CA THR A 42 10.87 -7.80 8.03
C THR A 42 12.15 -7.18 7.48
N GLY A 43 12.77 -6.30 8.28
CA GLY A 43 13.99 -5.65 7.86
C GLY A 43 14.01 -4.18 8.22
N GLU A 44 15.18 -3.67 8.59
CA GLU A 44 15.33 -2.27 8.95
C GLU A 44 15.65 -1.42 7.73
N LYS A 45 14.65 -0.73 7.21
CA LYS A 45 14.82 0.13 6.03
C LYS A 45 14.88 1.59 6.43
N PRO A 46 15.75 2.36 5.75
CA PRO A 46 15.92 3.79 6.02
C PRO A 46 14.70 4.61 5.59
N TYR A 47 13.73 3.94 4.98
CA TYR A 47 12.52 4.60 4.52
C TYR A 47 11.29 3.73 4.77
N LYS A 48 10.27 4.32 5.39
CA LYS A 48 9.04 3.61 5.67
C LYS A 48 7.83 4.55 5.63
N CYS A 49 6.75 4.09 5.01
CA CYS A 49 5.55 4.89 4.90
C CYS A 49 4.65 4.70 6.12
N ASP A 50 3.70 5.61 6.29
CA ASP A 50 2.77 5.54 7.42
C ASP A 50 1.36 5.17 6.95
N GLU A 51 0.95 5.75 5.82
CA GLU A 51 -0.37 5.48 5.27
C GLU A 51 -0.55 3.99 4.99
N CYS A 52 0.39 3.42 4.24
CA CYS A 52 0.33 2.00 3.90
C CYS A 52 1.24 1.18 4.81
N GLY A 53 2.42 1.73 5.11
CA GLY A 53 3.36 1.04 5.97
C GLY A 53 4.35 0.21 5.19
N LYS A 54 4.76 0.70 4.02
CA LYS A 54 5.72 0.01 3.18
C LYS A 54 7.14 0.41 3.52
N ALA A 55 8.09 -0.50 3.29
CA ALA A 55 9.49 -0.23 3.58
C ALA A 55 10.33 -0.33 2.31
N PHE A 56 11.30 0.58 2.16
CA PHE A 56 12.16 0.59 1.00
C PHE A 56 13.60 0.94 1.40
N ILE A 57 14.55 0.53 0.58
CA ILE A 57 15.96 0.80 0.83
C ILE A 57 16.41 2.10 0.18
N GLN A 58 16.16 2.22 -1.12
CA GLN A 58 16.53 3.42 -1.87
C GLN A 58 15.47 4.50 -1.72
N ARG A 59 15.90 5.75 -1.82
CA ARG A 59 14.98 6.88 -1.69
C ARG A 59 13.95 6.87 -2.82
N SER A 60 14.42 6.64 -4.04
CA SER A 60 13.53 6.61 -5.21
C SER A 60 12.40 5.61 -5.00
N HIS A 61 12.75 4.45 -4.45
CA HIS A 61 11.76 3.40 -4.20
C HIS A 61 10.53 3.97 -3.48
N LEU A 62 10.73 5.06 -2.76
CA LEU A 62 9.65 5.70 -2.03
C LEU A 62 9.04 6.84 -2.84
N ILE A 63 9.90 7.60 -3.52
CA ILE A 63 9.44 8.71 -4.33
C ILE A 63 8.32 8.29 -5.28
N GLY A 64 8.47 7.10 -5.86
CA GLY A 64 7.46 6.59 -6.77
C GLY A 64 6.22 6.11 -6.05
N HIS A 65 6.41 5.37 -4.97
CA HIS A 65 5.30 4.83 -4.19
C HIS A 65 4.28 5.94 -3.91
N HIS A 66 4.74 7.18 -3.86
CA HIS A 66 3.86 8.30 -3.59
C HIS A 66 2.68 8.31 -4.55
N ARG A 67 2.91 7.86 -5.78
CA ARG A 67 1.86 7.83 -6.79
C ARG A 67 1.09 6.51 -6.71
N VAL A 68 1.03 5.93 -5.52
CA VAL A 68 0.32 4.67 -5.31
C VAL A 68 -1.00 4.91 -4.59
N HIS A 69 -0.94 5.54 -3.43
CA HIS A 69 -2.13 5.83 -2.64
C HIS A 69 -3.18 6.53 -3.49
N THR A 70 -2.84 7.70 -4.02
CA THR A 70 -3.75 8.47 -4.85
C THR A 70 -4.93 8.99 -4.03
N GLY A 71 -4.66 9.29 -2.77
CA GLY A 71 -5.73 9.80 -1.90
C GLY A 71 -5.95 8.91 -0.69
N SER A 72 -6.76 7.86 -0.87
CA SER A 72 -7.05 6.94 0.22
C SER A 72 -7.86 5.75 -0.30
N GLY A 73 -7.76 4.63 0.42
CA GLY A 73 -8.50 3.44 0.03
C GLY A 73 -8.41 2.34 1.07
N PRO A 74 -9.15 2.50 2.18
CA PRO A 74 -9.16 1.53 3.27
C PRO A 74 -9.87 0.24 2.88
N SER A 75 -9.14 -0.86 2.91
CA SER A 75 -9.71 -2.16 2.57
C SER A 75 -10.45 -2.77 3.75
N SER A 76 -9.77 -2.89 4.88
CA SER A 76 -10.36 -3.46 6.08
C SER A 76 -9.63 -2.98 7.33
N GLY A 77 -10.36 -2.88 8.44
CA GLY A 77 -9.76 -2.43 9.68
C GLY A 77 -9.83 -0.93 9.85
N GLY A 1 -3.38 20.35 30.24
CA GLY A 1 -2.71 20.30 28.95
C GLY A 1 -3.56 19.63 27.89
N SER A 2 -3.21 18.40 27.54
CA SER A 2 -3.95 17.66 26.52
C SER A 2 -3.79 18.32 25.15
N SER A 3 -2.58 18.75 24.84
CA SER A 3 -2.31 19.41 23.57
C SER A 3 -2.87 18.60 22.40
N GLY A 4 -3.19 19.28 21.31
CA GLY A 4 -3.74 18.62 20.15
C GLY A 4 -5.00 19.30 19.63
N SER A 5 -5.54 18.77 18.53
CA SER A 5 -6.74 19.34 17.93
C SER A 5 -7.50 18.27 17.14
N SER A 6 -8.80 18.49 16.97
CA SER A 6 -9.64 17.55 16.24
C SER A 6 -10.09 18.15 14.91
N GLY A 7 -10.62 17.31 14.03
CA GLY A 7 -11.08 17.78 12.74
C GLY A 7 -11.10 16.66 11.69
N ARG A 8 -12.06 15.75 11.81
CA ARG A 8 -12.17 14.64 10.88
C ARG A 8 -12.53 15.14 9.48
N SER A 9 -12.25 14.32 8.48
CA SER A 9 -12.53 14.68 7.09
C SER A 9 -13.30 13.56 6.39
N GLU A 10 -14.13 13.94 5.42
CA GLU A 10 -14.92 12.97 4.67
C GLU A 10 -14.11 12.38 3.51
N TRP A 11 -14.39 11.13 3.20
CA TRP A 11 -13.69 10.45 2.11
C TRP A 11 -14.55 9.34 1.51
N GLN A 12 -14.08 8.74 0.43
CA GLN A 12 -14.80 7.67 -0.24
C GLN A 12 -15.15 6.55 0.73
N GLN A 13 -14.16 6.11 1.51
CA GLN A 13 -14.36 5.05 2.49
C GLN A 13 -15.27 3.96 1.92
N ARG A 14 -15.01 3.56 0.68
CA ARG A 14 -15.81 2.52 0.03
C ARG A 14 -15.02 1.22 -0.07
N GLU A 15 -13.81 1.29 -0.60
CA GLU A 15 -12.96 0.12 -0.75
C GLU A 15 -12.77 -0.58 0.59
N ARG A 16 -12.59 -1.89 0.54
CA ARG A 16 -12.39 -2.68 1.76
C ARG A 16 -11.44 -3.84 1.50
N ARG A 17 -10.57 -4.11 2.46
CA ARG A 17 -9.59 -5.18 2.34
C ARG A 17 -9.92 -6.32 3.30
N ARG A 18 -9.15 -7.40 3.22
CA ARG A 18 -9.36 -8.56 4.08
C ARG A 18 -8.09 -8.89 4.86
N TYR A 19 -6.99 -9.09 4.15
CA TYR A 19 -5.72 -9.40 4.78
C TYR A 19 -4.88 -8.15 4.99
N LYS A 20 -4.04 -8.17 6.03
CA LYS A 20 -3.19 -7.04 6.35
C LYS A 20 -1.88 -7.51 6.99
N CYS A 21 -0.77 -6.94 6.54
CA CYS A 21 0.54 -7.30 7.06
C CYS A 21 0.85 -6.50 8.33
N ASP A 22 0.18 -6.85 9.42
CA ASP A 22 0.39 -6.18 10.70
C ASP A 22 1.86 -5.78 10.86
N GLU A 23 2.75 -6.59 10.32
CA GLU A 23 4.18 -6.32 10.41
C GLU A 23 4.49 -4.88 10.00
N CYS A 24 4.00 -4.49 8.84
CA CYS A 24 4.23 -3.14 8.33
C CYS A 24 2.94 -2.32 8.35
N GLY A 25 1.87 -2.91 7.80
CA GLY A 25 0.59 -2.22 7.77
C GLY A 25 0.00 -2.17 6.37
N LYS A 26 0.43 -3.09 5.52
CA LYS A 26 -0.06 -3.14 4.14
C LYS A 26 -1.26 -4.09 4.03
N SER A 27 -1.95 -4.02 2.90
CA SER A 27 -3.12 -4.86 2.67
C SER A 27 -3.18 -5.32 1.21
N PHE A 28 -3.50 -6.59 1.00
CA PHE A 28 -3.60 -7.16 -0.33
C PHE A 28 -4.97 -7.77 -0.58
N SER A 29 -5.28 -8.03 -1.84
CA SER A 29 -6.56 -8.61 -2.20
C SER A 29 -6.50 -10.14 -2.18
N HIS A 30 -5.35 -10.68 -2.57
CA HIS A 30 -5.15 -12.12 -2.59
C HIS A 30 -4.12 -12.55 -1.57
N SER A 31 -4.52 -13.41 -0.64
CA SER A 31 -3.62 -13.90 0.40
C SER A 31 -2.30 -14.37 -0.19
N SER A 32 -2.37 -15.19 -1.24
CA SER A 32 -1.17 -15.70 -1.90
C SER A 32 -0.13 -14.61 -2.06
N ASP A 33 -0.54 -13.49 -2.65
CA ASP A 33 0.37 -12.37 -2.86
C ASP A 33 0.96 -11.89 -1.55
N LEU A 34 0.11 -11.65 -0.56
CA LEU A 34 0.55 -11.19 0.75
C LEU A 34 1.67 -12.07 1.29
N SER A 35 1.55 -13.38 1.06
CA SER A 35 2.55 -14.33 1.53
C SER A 35 3.93 -13.99 0.97
N LYS A 36 3.96 -13.62 -0.31
CA LYS A 36 5.21 -13.26 -0.97
C LYS A 36 5.76 -11.93 -0.44
N HIS A 37 4.85 -11.04 -0.07
CA HIS A 37 5.23 -9.73 0.47
C HIS A 37 6.02 -9.88 1.76
N ARG A 38 5.44 -10.59 2.72
CA ARG A 38 6.08 -10.81 4.01
C ARG A 38 7.57 -11.10 3.83
N ARG A 39 7.93 -11.57 2.64
CA ARG A 39 9.32 -11.88 2.34
C ARG A 39 10.19 -10.63 2.39
N THR A 40 9.70 -9.55 1.78
CA THR A 40 10.42 -8.29 1.75
C THR A 40 10.96 -7.93 3.14
N HIS A 41 10.31 -8.46 4.17
CA HIS A 41 10.72 -8.20 5.54
C HIS A 41 11.98 -8.98 5.90
N THR A 42 11.90 -10.30 5.78
CA THR A 42 13.03 -11.17 6.09
C THR A 42 14.21 -10.88 5.17
N GLY A 43 15.01 -9.88 5.53
CA GLY A 43 16.16 -9.53 4.72
C GLY A 43 16.21 -8.05 4.40
N GLU A 44 15.82 -7.68 3.19
CA GLU A 44 15.83 -6.28 2.78
C GLU A 44 14.92 -5.44 3.66
N LYS A 45 14.82 -4.16 3.34
CA LYS A 45 13.97 -3.25 4.11
C LYS A 45 12.64 -3.89 4.46
N PRO A 46 12.12 -3.58 5.66
CA PRO A 46 10.84 -4.11 6.13
C PRO A 46 9.66 -3.56 5.36
N TYR A 47 9.92 -2.61 4.47
CA TYR A 47 8.87 -1.99 3.67
C TYR A 47 9.30 -1.90 2.20
N LYS A 48 8.35 -2.18 1.31
CA LYS A 48 8.62 -2.14 -0.12
C LYS A 48 7.32 -2.29 -0.92
N CYS A 49 6.99 -1.27 -1.69
CA CYS A 49 5.77 -1.29 -2.50
C CYS A 49 5.91 -2.30 -3.65
N ASP A 50 4.78 -2.65 -4.25
CA ASP A 50 4.77 -3.60 -5.35
C ASP A 50 4.49 -2.89 -6.68
N GLU A 51 3.56 -1.95 -6.66
CA GLU A 51 3.19 -1.20 -7.85
C GLU A 51 4.44 -0.61 -8.52
N CYS A 52 5.13 0.26 -7.80
CA CYS A 52 6.33 0.90 -8.32
C CYS A 52 7.54 -0.03 -8.20
N GLY A 53 7.72 -0.59 -7.01
CA GLY A 53 8.84 -1.50 -6.78
C GLY A 53 9.97 -0.83 -6.02
N LYS A 54 9.63 0.07 -5.10
CA LYS A 54 10.64 0.78 -4.32
C LYS A 54 10.64 0.28 -2.88
N ALA A 55 11.79 0.37 -2.22
CA ALA A 55 11.92 -0.07 -0.84
C ALA A 55 11.87 1.12 0.12
N PHE A 56 11.73 0.83 1.41
CA PHE A 56 11.67 1.87 2.42
C PHE A 56 12.09 1.33 3.78
N ILE A 57 12.91 2.09 4.49
CA ILE A 57 13.39 1.69 5.81
C ILE A 57 12.32 1.92 6.88
N GLN A 58 11.68 3.09 6.84
CA GLN A 58 10.64 3.43 7.79
C GLN A 58 9.26 3.26 7.18
N ARG A 59 8.25 3.13 8.03
CA ARG A 59 6.88 2.95 7.57
C ARG A 59 6.31 4.27 7.04
N SER A 60 6.33 5.29 7.88
CA SER A 60 5.82 6.61 7.50
C SER A 60 6.17 6.93 6.06
N HIS A 61 7.45 6.74 5.71
CA HIS A 61 7.92 7.01 4.36
C HIS A 61 7.00 6.38 3.32
N LEU A 62 6.57 5.15 3.58
CA LEU A 62 5.68 4.44 2.66
C LEU A 62 4.24 4.95 2.81
N ILE A 63 3.87 5.30 4.03
CA ILE A 63 2.52 5.79 4.30
C ILE A 63 2.09 6.81 3.26
N GLY A 64 2.84 7.91 3.15
CA GLY A 64 2.53 8.94 2.18
C GLY A 64 2.66 8.46 0.74
N HIS A 65 3.69 7.65 0.50
CA HIS A 65 3.93 7.12 -0.85
C HIS A 65 2.67 6.45 -1.40
N HIS A 66 1.97 5.73 -0.54
CA HIS A 66 0.74 5.04 -0.94
C HIS A 66 -0.15 5.96 -1.77
N ARG A 67 -0.02 7.26 -1.55
CA ARG A 67 -0.82 8.24 -2.27
C ARG A 67 -0.12 8.67 -3.55
N VAL A 68 0.67 7.77 -4.12
CA VAL A 68 1.41 8.05 -5.35
C VAL A 68 0.75 7.37 -6.55
N HIS A 69 -0.06 6.35 -6.27
CA HIS A 69 -0.75 5.61 -7.32
C HIS A 69 -2.22 5.98 -7.36
N THR A 70 -2.91 5.74 -6.25
CA THR A 70 -4.34 6.04 -6.16
C THR A 70 -4.70 6.55 -4.76
N GLY A 71 -5.42 7.67 -4.71
CA GLY A 71 -5.83 8.23 -3.43
C GLY A 71 -7.32 8.40 -3.32
N SER A 72 -8.03 7.30 -3.06
CA SER A 72 -9.48 7.33 -2.94
C SER A 72 -9.91 7.13 -1.48
N GLY A 73 -9.30 6.14 -0.83
CA GLY A 73 -9.63 5.86 0.55
C GLY A 73 -8.52 6.27 1.51
N PRO A 74 -8.89 6.53 2.77
CA PRO A 74 -7.93 6.93 3.80
C PRO A 74 -7.00 5.80 4.20
N SER A 75 -7.15 4.65 3.54
CA SER A 75 -6.31 3.49 3.83
C SER A 75 -6.74 2.82 5.13
N SER A 76 -8.06 2.64 5.29
CA SER A 76 -8.60 2.03 6.49
C SER A 76 -7.85 2.49 7.73
N GLY A 77 -7.57 3.79 7.80
CA GLY A 77 -6.87 4.34 8.93
C GLY A 77 -5.80 5.34 8.52
N GLY A 1 -2.70 19.80 19.63
CA GLY A 1 -2.25 19.69 18.25
C GLY A 1 -3.39 19.46 17.29
N SER A 2 -3.06 19.30 16.00
CA SER A 2 -4.07 19.08 14.98
C SER A 2 -3.97 17.67 14.41
N SER A 3 -2.75 17.27 14.07
CA SER A 3 -2.51 15.94 13.51
C SER A 3 -3.23 15.78 12.18
N GLY A 4 -3.18 16.82 11.35
CA GLY A 4 -3.83 16.78 10.05
C GLY A 4 -5.31 17.13 10.13
N SER A 5 -5.59 18.40 10.41
CA SER A 5 -6.97 18.86 10.52
C SER A 5 -7.43 19.51 9.21
N SER A 6 -6.64 20.46 8.73
CA SER A 6 -6.97 21.16 7.50
C SER A 6 -6.12 20.65 6.34
N GLY A 7 -6.72 19.84 5.47
CA GLY A 7 -6.01 19.30 4.33
C GLY A 7 -6.86 18.36 3.50
N ARG A 8 -6.27 17.26 3.04
CA ARG A 8 -6.98 16.29 2.23
C ARG A 8 -6.49 14.88 2.52
N SER A 9 -7.37 13.90 2.35
CA SER A 9 -7.03 12.51 2.60
C SER A 9 -8.09 11.57 2.00
N GLU A 10 -7.75 10.29 1.91
CA GLU A 10 -8.67 9.30 1.36
C GLU A 10 -9.63 8.80 2.44
N TRP A 11 -10.75 8.22 2.01
CA TRP A 11 -11.74 7.70 2.92
C TRP A 11 -11.56 6.20 3.14
N GLN A 12 -11.38 5.47 2.05
CA GLN A 12 -11.19 4.03 2.12
C GLN A 12 -9.98 3.59 1.30
N GLN A 13 -9.41 2.45 1.66
CA GLN A 13 -8.25 1.92 0.94
C GLN A 13 -8.52 0.52 0.42
N ARG A 14 -9.19 -0.29 1.23
CA ARG A 14 -9.51 -1.65 0.85
C ARG A 14 -11.03 -1.88 0.85
N GLU A 15 -11.54 -2.39 -0.26
CA GLU A 15 -12.97 -2.64 -0.39
C GLU A 15 -13.34 -3.98 0.25
N ARG A 16 -13.01 -5.07 -0.43
CA ARG A 16 -13.32 -6.41 0.08
C ARG A 16 -12.16 -7.37 -0.19
N ARG A 17 -11.58 -7.89 0.88
CA ARG A 17 -10.46 -8.82 0.76
C ARG A 17 -10.69 -10.06 1.63
N ARG A 18 -9.77 -11.01 1.54
CA ARG A 18 -9.86 -12.24 2.32
C ARG A 18 -8.54 -12.56 3.01
N TYR A 19 -7.49 -12.74 2.22
CA TYR A 19 -6.17 -13.04 2.76
C TYR A 19 -5.63 -11.88 3.58
N LYS A 20 -5.03 -12.20 4.72
CA LYS A 20 -4.47 -11.18 5.60
C LYS A 20 -3.18 -11.68 6.26
N CYS A 21 -2.14 -10.87 6.18
CA CYS A 21 -0.84 -11.23 6.77
C CYS A 21 -0.88 -11.08 8.29
N ASP A 22 -0.16 -11.96 8.98
CA ASP A 22 -0.11 -11.92 10.43
C ASP A 22 1.13 -11.18 10.92
N GLU A 23 2.19 -11.23 10.11
CA GLU A 23 3.44 -10.55 10.46
C GLU A 23 3.20 -9.07 10.73
N CYS A 24 2.41 -8.43 9.87
CA CYS A 24 2.10 -7.01 10.02
C CYS A 24 0.60 -6.80 10.20
N GLY A 25 -0.19 -7.35 9.28
CA GLY A 25 -1.63 -7.20 9.36
C GLY A 25 -2.23 -6.72 8.05
N LYS A 26 -1.47 -6.85 6.97
CA LYS A 26 -1.94 -6.43 5.65
C LYS A 26 -3.01 -7.37 5.12
N SER A 27 -3.75 -6.91 4.11
CA SER A 27 -4.81 -7.72 3.52
C SER A 27 -4.74 -7.66 1.99
N PHE A 28 -5.08 -8.77 1.36
CA PHE A 28 -5.07 -8.85 -0.10
C PHE A 28 -6.23 -9.69 -0.62
N SER A 29 -6.47 -9.62 -1.92
CA SER A 29 -7.57 -10.37 -2.54
C SER A 29 -7.05 -11.69 -3.11
N HIS A 30 -5.91 -11.64 -3.79
CA HIS A 30 -5.33 -12.84 -4.37
C HIS A 30 -4.20 -13.38 -3.50
N SER A 31 -3.98 -14.70 -3.56
CA SER A 31 -2.95 -15.33 -2.76
C SER A 31 -1.56 -15.02 -3.32
N SER A 32 -1.41 -15.18 -4.63
CA SER A 32 -0.14 -14.92 -5.29
C SER A 32 0.45 -13.58 -4.83
N ASP A 33 -0.42 -12.58 -4.72
CA ASP A 33 0.01 -11.25 -4.30
C ASP A 33 0.61 -11.29 -2.90
N LEU A 34 -0.19 -11.72 -1.93
CA LEU A 34 0.26 -11.80 -0.55
C LEU A 34 1.65 -12.43 -0.46
N SER A 35 1.79 -13.61 -1.06
CA SER A 35 3.06 -14.32 -1.05
C SER A 35 4.22 -13.37 -1.37
N LYS A 36 3.97 -12.46 -2.31
CA LYS A 36 4.98 -11.49 -2.72
C LYS A 36 5.18 -10.43 -1.64
N HIS A 37 4.09 -10.01 -1.02
CA HIS A 37 4.14 -9.00 0.03
C HIS A 37 5.11 -9.42 1.14
N ARG A 38 4.84 -10.57 1.74
CA ARG A 38 5.67 -11.08 2.82
C ARG A 38 7.14 -10.74 2.57
N ARG A 39 7.58 -10.93 1.33
CA ARG A 39 8.97 -10.64 0.96
C ARG A 39 9.46 -9.37 1.65
N THR A 40 8.72 -8.29 1.50
CA THR A 40 9.08 -7.01 2.12
C THR A 40 9.68 -7.23 3.51
N HIS A 41 8.94 -7.91 4.37
CA HIS A 41 9.41 -8.18 5.72
C HIS A 41 10.92 -8.40 5.75
N THR A 42 11.40 -9.26 4.86
CA THR A 42 12.82 -9.55 4.78
C THR A 42 13.49 -8.76 3.66
N GLY A 43 14.72 -8.33 3.90
CA GLY A 43 15.45 -7.56 2.90
C GLY A 43 16.45 -6.62 3.51
N GLU A 44 16.14 -5.33 3.49
CA GLU A 44 17.03 -4.31 4.05
C GLU A 44 16.25 -3.32 4.91
N LYS A 45 15.19 -2.75 4.34
CA LYS A 45 14.38 -1.78 5.06
C LYS A 45 13.07 -2.43 5.53
N PRO A 46 12.60 -2.02 6.71
CA PRO A 46 11.36 -2.54 7.30
C PRO A 46 10.12 -2.07 6.53
N TYR A 47 10.33 -1.20 5.56
CA TYR A 47 9.23 -0.67 4.75
C TYR A 47 9.53 -0.81 3.26
N LYS A 48 8.51 -1.18 2.50
CA LYS A 48 8.66 -1.35 1.05
C LYS A 48 7.30 -1.27 0.35
N CYS A 49 7.18 -0.32 -0.57
CA CYS A 49 5.95 -0.14 -1.31
C CYS A 49 5.89 -1.06 -2.53
N ASP A 50 4.87 -1.91 -2.57
CA ASP A 50 4.72 -2.84 -3.68
C ASP A 50 4.23 -2.12 -4.93
N GLU A 51 3.35 -1.15 -4.75
CA GLU A 51 2.81 -0.38 -5.87
C GLU A 51 3.91 0.02 -6.84
N CYS A 52 4.98 0.60 -6.30
CA CYS A 52 6.11 1.03 -7.12
C CYS A 52 7.30 0.08 -6.95
N GLY A 53 7.62 -0.23 -5.70
CA GLY A 53 8.72 -1.13 -5.43
C GLY A 53 9.91 -0.41 -4.80
N LYS A 54 9.63 0.60 -4.00
CA LYS A 54 10.68 1.37 -3.33
C LYS A 54 10.74 1.04 -1.84
N ALA A 55 11.94 1.11 -1.28
CA ALA A 55 12.13 0.83 0.14
C ALA A 55 12.43 2.10 0.92
N PHE A 56 11.99 2.14 2.16
CA PHE A 56 12.21 3.30 3.02
C PHE A 56 12.77 2.89 4.37
N ILE A 57 13.71 3.67 4.89
CA ILE A 57 14.32 3.39 6.18
C ILE A 57 13.45 3.89 7.33
N GLN A 58 13.00 5.14 7.23
CA GLN A 58 12.16 5.74 8.25
C GLN A 58 10.69 5.53 7.92
N ARG A 59 9.83 5.93 8.86
CA ARG A 59 8.39 5.80 8.68
C ARG A 59 7.84 6.90 7.78
N SER A 60 8.13 8.14 8.13
CA SER A 60 7.66 9.29 7.37
C SER A 60 8.13 9.19 5.91
N HIS A 61 9.23 8.47 5.71
CA HIS A 61 9.78 8.30 4.36
C HIS A 61 8.76 7.63 3.44
N LEU A 62 7.88 6.82 4.02
CA LEU A 62 6.85 6.13 3.25
C LEU A 62 5.51 6.84 3.37
N ILE A 63 5.17 7.24 4.60
CA ILE A 63 3.91 7.93 4.83
C ILE A 63 3.66 9.01 3.78
N GLY A 64 4.74 9.59 3.28
CA GLY A 64 4.62 10.63 2.27
C GLY A 64 4.47 10.06 0.86
N HIS A 65 5.44 9.25 0.46
CA HIS A 65 5.42 8.64 -0.87
C HIS A 65 4.02 8.13 -1.21
N HIS A 66 3.38 7.46 -0.25
CA HIS A 66 2.04 6.92 -0.44
C HIS A 66 1.22 7.84 -1.34
N ARG A 67 1.02 9.07 -0.90
CA ARG A 67 0.26 10.05 -1.66
C ARG A 67 0.56 9.94 -3.15
N VAL A 68 1.85 9.80 -3.47
CA VAL A 68 2.29 9.69 -4.86
C VAL A 68 1.31 8.84 -5.68
N HIS A 69 1.00 7.66 -5.17
CA HIS A 69 0.07 6.76 -5.85
C HIS A 69 -1.37 7.20 -5.64
N THR A 70 -2.25 6.72 -6.52
CA THR A 70 -3.67 7.08 -6.43
C THR A 70 -4.50 5.91 -5.93
N GLY A 71 -4.68 5.85 -4.62
CA GLY A 71 -5.46 4.78 -4.02
C GLY A 71 -6.62 4.34 -4.90
N SER A 72 -7.64 5.20 -4.99
CA SER A 72 -8.81 4.91 -5.81
C SER A 72 -9.60 3.74 -5.20
N GLY A 73 -9.77 3.77 -3.88
CA GLY A 73 -10.51 2.72 -3.21
C GLY A 73 -12.00 2.90 -3.32
N PRO A 74 -12.52 3.98 -2.71
CA PRO A 74 -13.96 4.29 -2.74
C PRO A 74 -14.44 4.71 -4.12
N SER A 75 -13.49 4.97 -5.01
CA SER A 75 -13.82 5.39 -6.37
C SER A 75 -13.91 4.19 -7.30
N SER A 76 -14.84 4.25 -8.25
CA SER A 76 -15.03 3.18 -9.21
C SER A 76 -13.73 2.86 -9.95
N GLY A 77 -13.59 1.61 -10.38
CA GLY A 77 -12.39 1.21 -11.10
C GLY A 77 -12.51 -0.19 -11.69
N GLY A 1 -0.26 38.06 12.38
CA GLY A 1 0.25 36.76 12.73
C GLY A 1 -0.55 35.63 12.11
N SER A 2 -0.27 34.40 12.53
CA SER A 2 -0.96 33.24 12.01
C SER A 2 -0.70 32.01 12.87
N SER A 3 -1.40 30.92 12.57
CA SER A 3 -1.25 29.68 13.32
C SER A 3 -1.21 28.48 12.39
N GLY A 4 -0.98 27.30 12.96
CA GLY A 4 -0.92 26.08 12.18
C GLY A 4 -1.86 25.02 12.67
N SER A 5 -2.67 24.48 11.76
CA SER A 5 -3.64 23.44 12.11
C SER A 5 -3.16 22.07 11.62
N SER A 6 -3.53 21.03 12.36
CA SER A 6 -3.15 19.67 12.02
C SER A 6 -3.87 19.22 10.76
N GLY A 7 -3.55 18.01 10.30
CA GLY A 7 -4.19 17.47 9.12
C GLY A 7 -4.12 15.95 9.05
N ARG A 8 -4.99 15.36 8.25
CA ARG A 8 -5.03 13.90 8.10
C ARG A 8 -5.27 13.51 6.65
N SER A 9 -5.02 12.24 6.34
CA SER A 9 -5.21 11.73 4.99
C SER A 9 -5.64 10.26 5.02
N GLU A 10 -6.84 10.00 4.52
CA GLU A 10 -7.37 8.64 4.50
C GLU A 10 -7.84 8.28 3.08
N TRP A 11 -7.71 7.00 2.73
CA TRP A 11 -8.12 6.52 1.42
C TRP A 11 -9.63 6.63 1.25
N GLN A 12 -10.10 6.38 0.03
CA GLN A 12 -11.53 6.45 -0.26
C GLN A 12 -12.22 5.14 0.11
N GLN A 13 -11.79 4.06 -0.52
CA GLN A 13 -12.37 2.74 -0.27
C GLN A 13 -11.30 1.65 -0.35
N ARG A 14 -11.42 0.64 0.52
CA ARG A 14 -10.47 -0.45 0.54
C ARG A 14 -11.06 -1.69 -0.13
N GLU A 15 -10.21 -2.40 -0.89
CA GLU A 15 -10.64 -3.61 -1.58
C GLU A 15 -10.78 -4.78 -0.61
N ARG A 16 -11.95 -5.40 -0.62
CA ARG A 16 -12.21 -6.55 0.26
C ARG A 16 -11.71 -7.84 -0.37
N ARG A 17 -11.06 -8.67 0.44
CA ARG A 17 -10.51 -9.94 -0.02
C ARG A 17 -10.59 -11.00 1.06
N ARG A 18 -10.35 -12.25 0.69
CA ARG A 18 -10.38 -13.36 1.64
C ARG A 18 -9.25 -13.24 2.66
N TYR A 19 -8.03 -13.24 2.19
CA TYR A 19 -6.86 -13.13 3.06
C TYR A 19 -6.19 -11.78 2.90
N LYS A 20 -5.78 -11.19 4.03
CA LYS A 20 -5.12 -9.89 4.02
C LYS A 20 -4.04 -9.83 5.09
N CYS A 21 -2.83 -9.44 4.68
CA CYS A 21 -1.71 -9.34 5.61
C CYS A 21 -1.92 -8.20 6.60
N ASP A 22 -1.36 -8.34 7.79
CA ASP A 22 -1.48 -7.34 8.83
C ASP A 22 -0.20 -6.51 8.95
N GLU A 23 0.91 -7.10 8.54
CA GLU A 23 2.21 -6.43 8.61
C GLU A 23 2.19 -5.16 7.77
N CYS A 24 1.77 -5.29 6.51
CA CYS A 24 1.72 -4.15 5.60
C CYS A 24 0.27 -3.76 5.31
N GLY A 25 -0.55 -4.75 4.97
CA GLY A 25 -1.94 -4.49 4.67
C GLY A 25 -2.31 -4.88 3.25
N LYS A 26 -1.65 -5.89 2.72
CA LYS A 26 -1.91 -6.35 1.36
C LYS A 26 -2.92 -7.50 1.36
N SER A 27 -3.49 -7.79 0.20
CA SER A 27 -4.47 -8.85 0.06
C SER A 27 -4.10 -9.78 -1.09
N PHE A 28 -4.42 -11.06 -0.94
CA PHE A 28 -4.13 -12.06 -1.96
C PHE A 28 -5.32 -12.99 -2.18
N SER A 29 -5.25 -13.78 -3.24
CA SER A 29 -6.33 -14.71 -3.57
C SER A 29 -6.09 -16.06 -2.91
N HIS A 30 -4.85 -16.53 -2.96
CA HIS A 30 -4.49 -17.81 -2.36
C HIS A 30 -3.78 -17.62 -1.03
N SER A 31 -4.01 -18.54 -0.10
CA SER A 31 -3.40 -18.47 1.23
C SER A 31 -1.89 -18.73 1.15
N SER A 32 -1.53 -19.76 0.38
CA SER A 32 -0.12 -20.13 0.22
C SER A 32 0.70 -18.94 -0.25
N ASP A 33 0.22 -18.27 -1.28
CA ASP A 33 0.91 -17.11 -1.84
C ASP A 33 1.16 -16.06 -0.75
N LEU A 34 0.16 -15.84 0.09
CA LEU A 34 0.26 -14.86 1.17
C LEU A 34 1.42 -15.21 2.10
N SER A 35 1.53 -16.49 2.44
CA SER A 35 2.59 -16.96 3.33
C SER A 35 3.95 -16.48 2.85
N LYS A 36 4.26 -16.77 1.60
CA LYS A 36 5.54 -16.36 1.01
C LYS A 36 5.70 -14.84 1.04
N HIS A 37 4.62 -14.13 0.74
CA HIS A 37 4.63 -12.68 0.74
C HIS A 37 5.21 -12.13 2.05
N ARG A 38 4.74 -12.69 3.16
CA ARG A 38 5.20 -12.25 4.48
C ARG A 38 6.71 -12.11 4.50
N ARG A 39 7.41 -13.07 3.90
CA ARG A 39 8.86 -13.05 3.85
C ARG A 39 9.38 -11.67 3.48
N THR A 40 8.80 -11.09 2.43
CA THR A 40 9.20 -9.76 1.96
C THR A 40 9.53 -8.85 3.15
N HIS A 41 8.78 -9.01 4.24
CA HIS A 41 8.99 -8.21 5.43
C HIS A 41 10.22 -8.70 6.21
N THR A 42 11.39 -8.64 5.58
CA THR A 42 12.62 -9.07 6.21
C THR A 42 13.74 -8.07 5.97
N GLY A 43 13.77 -7.01 6.78
CA GLY A 43 14.78 -6.00 6.64
C GLY A 43 14.67 -4.91 7.68
N GLU A 44 15.55 -3.91 7.61
CA GLU A 44 15.54 -2.81 8.57
C GLU A 44 14.55 -1.73 8.13
N LYS A 45 14.54 -1.43 6.83
CA LYS A 45 13.65 -0.42 6.28
C LYS A 45 12.31 -0.42 7.02
N PRO A 46 12.17 0.50 7.98
CA PRO A 46 10.94 0.63 8.78
C PRO A 46 9.77 1.17 7.95
N TYR A 47 10.06 1.59 6.73
CA TYR A 47 9.03 2.12 5.84
C TYR A 47 8.87 1.24 4.61
N LYS A 48 7.66 1.20 4.07
CA LYS A 48 7.37 0.41 2.87
C LYS A 48 5.98 0.71 2.34
N CYS A 49 5.81 0.56 1.03
CA CYS A 49 4.52 0.82 0.39
C CYS A 49 3.81 -0.48 0.04
N ASP A 50 2.53 -0.38 -0.28
CA ASP A 50 1.74 -1.56 -0.64
C ASP A 50 1.45 -1.59 -2.14
N GLU A 51 0.70 -0.60 -2.61
CA GLU A 51 0.34 -0.51 -4.02
C GLU A 51 1.56 -0.81 -4.90
N CYS A 52 2.59 0.01 -4.77
CA CYS A 52 3.81 -0.15 -5.55
C CYS A 52 4.72 -1.20 -4.92
N GLY A 53 4.79 -1.20 -3.60
CA GLY A 53 5.62 -2.15 -2.89
C GLY A 53 7.09 -1.77 -2.91
N LYS A 54 7.38 -0.53 -2.53
CA LYS A 54 8.75 -0.04 -2.51
C LYS A 54 9.19 0.29 -1.09
N ALA A 55 10.46 0.04 -0.80
CA ALA A 55 11.01 0.30 0.53
C ALA A 55 11.68 1.68 0.58
N PHE A 56 11.73 2.25 1.77
CA PHE A 56 12.35 3.56 1.95
C PHE A 56 13.17 3.60 3.24
N ILE A 57 14.47 3.77 3.10
CA ILE A 57 15.38 3.83 4.24
C ILE A 57 14.93 4.90 5.24
N GLN A 58 14.69 6.11 4.72
CA GLN A 58 14.26 7.22 5.56
C GLN A 58 12.77 7.48 5.40
N ARG A 59 12.22 8.31 6.28
CA ARG A 59 10.80 8.64 6.24
C ARG A 59 10.52 9.64 5.12
N SER A 60 11.34 10.69 5.04
CA SER A 60 11.17 11.71 4.03
C SER A 60 11.11 11.10 2.64
N HIS A 61 11.83 9.99 2.46
CA HIS A 61 11.86 9.30 1.17
C HIS A 61 10.47 8.83 0.78
N LEU A 62 9.65 8.50 1.77
CA LEU A 62 8.30 8.03 1.53
C LEU A 62 7.31 9.19 1.50
N ILE A 63 7.55 10.19 2.34
CA ILE A 63 6.68 11.36 2.42
C ILE A 63 6.35 11.88 1.02
N GLY A 64 7.37 11.98 0.16
CA GLY A 64 7.15 12.46 -1.18
C GLY A 64 6.53 11.42 -2.08
N HIS A 65 6.90 10.16 -1.87
CA HIS A 65 6.36 9.06 -2.67
C HIS A 65 4.83 9.12 -2.73
N HIS A 66 4.23 9.55 -1.63
CA HIS A 66 2.78 9.65 -1.56
C HIS A 66 2.24 10.53 -2.68
N ARG A 67 3.02 11.53 -3.08
CA ARG A 67 2.62 12.44 -4.14
C ARG A 67 2.92 11.83 -5.51
N VAL A 68 3.08 10.52 -5.55
CA VAL A 68 3.38 9.82 -6.80
C VAL A 68 2.14 9.10 -7.33
N HIS A 69 1.38 8.49 -6.42
CA HIS A 69 0.16 7.77 -6.79
C HIS A 69 -1.01 8.73 -6.95
N THR A 70 -1.67 8.68 -8.10
CA THR A 70 -2.81 9.55 -8.37
C THR A 70 -4.10 8.74 -8.49
N GLY A 71 -5.00 8.92 -7.53
CA GLY A 71 -6.25 8.20 -7.53
C GLY A 71 -6.77 7.91 -6.14
N SER A 72 -7.22 6.67 -5.92
CA SER A 72 -7.74 6.27 -4.62
C SER A 72 -7.92 4.76 -4.56
N GLY A 73 -7.87 4.22 -3.34
CA GLY A 73 -8.03 2.79 -3.16
C GLY A 73 -9.16 2.22 -4.00
N PRO A 74 -8.84 1.21 -4.82
CA PRO A 74 -9.83 0.56 -5.68
C PRO A 74 -10.84 -0.27 -4.90
N SER A 75 -12.12 -0.09 -5.22
CA SER A 75 -13.18 -0.82 -4.54
C SER A 75 -13.27 -2.25 -5.05
N SER A 76 -13.21 -2.41 -6.37
CA SER A 76 -13.28 -3.73 -6.98
C SER A 76 -12.58 -3.75 -8.34
N GLY A 77 -11.47 -4.48 -8.42
CA GLY A 77 -10.73 -4.56 -9.66
C GLY A 77 -9.25 -4.84 -9.43
N GLY A 1 12.73 8.75 -34.65
CA GLY A 1 11.28 8.56 -34.64
C GLY A 1 10.61 9.27 -33.48
N SER A 2 9.46 8.78 -33.07
CA SER A 2 8.70 9.38 -31.98
C SER A 2 8.25 8.31 -30.98
N SER A 3 8.23 8.68 -29.70
CA SER A 3 7.81 7.76 -28.65
C SER A 3 6.34 7.94 -28.33
N GLY A 4 5.96 9.14 -27.93
CA GLY A 4 4.57 9.42 -27.59
C GLY A 4 4.28 9.17 -26.12
N SER A 5 3.08 9.56 -25.69
CA SER A 5 2.68 9.38 -24.30
C SER A 5 1.16 9.55 -24.15
N SER A 6 0.53 8.61 -23.48
CA SER A 6 -0.91 8.65 -23.26
C SER A 6 -1.24 8.58 -21.77
N GLY A 7 -2.54 8.69 -21.46
CA GLY A 7 -2.96 8.64 -20.07
C GLY A 7 -4.00 7.57 -19.82
N ARG A 8 -4.39 7.41 -18.55
CA ARG A 8 -5.37 6.40 -18.19
C ARG A 8 -5.90 6.66 -16.77
N SER A 9 -7.22 6.54 -16.61
CA SER A 9 -7.85 6.77 -15.32
C SER A 9 -8.86 5.66 -15.01
N GLU A 10 -8.78 5.13 -13.80
CA GLU A 10 -9.68 4.07 -13.38
C GLU A 10 -10.45 4.46 -12.12
N TRP A 11 -11.75 4.70 -12.27
CA TRP A 11 -12.59 5.08 -11.14
C TRP A 11 -13.69 4.07 -10.91
N GLN A 12 -14.16 3.98 -9.67
CA GLN A 12 -15.22 3.04 -9.32
C GLN A 12 -14.71 1.61 -9.31
N GLN A 13 -13.51 1.42 -8.76
CA GLN A 13 -12.90 0.10 -8.69
C GLN A 13 -12.50 -0.24 -7.25
N ARG A 14 -13.44 -0.79 -6.50
CA ARG A 14 -13.19 -1.15 -5.10
C ARG A 14 -12.27 -2.37 -5.02
N GLU A 15 -11.68 -2.58 -3.85
CA GLU A 15 -10.77 -3.71 -3.64
C GLU A 15 -11.41 -4.76 -2.73
N ARG A 16 -11.73 -5.92 -3.30
CA ARG A 16 -12.34 -6.99 -2.54
C ARG A 16 -11.68 -8.33 -2.86
N ARG A 17 -10.61 -8.65 -2.13
CA ARG A 17 -9.89 -9.89 -2.34
C ARG A 17 -10.22 -10.90 -1.24
N ARG A 18 -9.56 -12.06 -1.29
CA ARG A 18 -9.79 -13.11 -0.30
C ARG A 18 -8.76 -13.05 0.81
N TYR A 19 -7.49 -12.94 0.42
CA TYR A 19 -6.40 -12.88 1.39
C TYR A 19 -5.78 -11.48 1.44
N LYS A 20 -5.22 -11.12 2.58
CA LYS A 20 -4.60 -9.81 2.76
C LYS A 20 -3.51 -9.87 3.82
N CYS A 21 -2.68 -8.82 3.87
CA CYS A 21 -1.59 -8.76 4.84
C CYS A 21 -1.78 -7.58 5.78
N ASP A 22 -2.72 -7.73 6.72
CA ASP A 22 -3.00 -6.69 7.69
C ASP A 22 -1.72 -5.98 8.12
N GLU A 23 -0.62 -6.73 8.18
CA GLU A 23 0.67 -6.18 8.58
C GLU A 23 0.94 -4.87 7.83
N CYS A 24 0.80 -4.91 6.52
CA CYS A 24 1.04 -3.73 5.69
C CYS A 24 -0.25 -3.29 4.99
N GLY A 25 -0.94 -4.24 4.37
CA GLY A 25 -2.17 -3.94 3.68
C GLY A 25 -2.16 -4.39 2.24
N LYS A 26 -1.48 -5.51 1.98
CA LYS A 26 -1.39 -6.05 0.63
C LYS A 26 -2.30 -7.27 0.48
N SER A 27 -2.74 -7.53 -0.75
CA SER A 27 -3.62 -8.65 -1.02
C SER A 27 -3.04 -9.54 -2.13
N PHE A 28 -3.32 -10.84 -2.06
CA PHE A 28 -2.83 -11.78 -3.06
C PHE A 28 -3.92 -12.77 -3.46
N SER A 29 -3.86 -13.22 -4.71
CA SER A 29 -4.85 -14.17 -5.22
C SER A 29 -4.57 -15.58 -4.72
N HIS A 30 -3.28 -15.94 -4.65
CA HIS A 30 -2.88 -17.25 -4.19
C HIS A 30 -2.30 -17.19 -2.78
N SER A 31 -2.93 -17.90 -1.85
CA SER A 31 -2.49 -17.91 -0.47
C SER A 31 -1.00 -18.25 -0.37
N SER A 32 -0.59 -19.29 -1.08
CA SER A 32 0.81 -19.71 -1.08
C SER A 32 1.74 -18.50 -1.14
N ASP A 33 1.42 -17.56 -2.01
CA ASP A 33 2.22 -16.35 -2.16
C ASP A 33 2.18 -15.51 -0.90
N LEU A 34 0.98 -15.07 -0.52
CA LEU A 34 0.81 -14.25 0.68
C LEU A 34 1.73 -14.71 1.80
N SER A 35 1.93 -16.03 1.88
CA SER A 35 2.79 -16.60 2.91
C SER A 35 4.22 -16.12 2.75
N LYS A 36 4.80 -16.34 1.56
CA LYS A 36 6.16 -15.91 1.29
C LYS A 36 6.32 -14.41 1.46
N HIS A 37 5.28 -13.67 1.11
CA HIS A 37 5.29 -12.22 1.23
C HIS A 37 5.58 -11.79 2.68
N ARG A 38 4.73 -12.24 3.59
CA ARG A 38 4.88 -11.90 5.01
C ARG A 38 6.35 -11.96 5.41
N ARG A 39 7.14 -12.75 4.68
CA ARG A 39 8.56 -12.88 4.98
C ARG A 39 9.25 -11.52 4.94
N THR A 40 8.96 -10.73 3.91
CA THR A 40 9.57 -9.41 3.76
C THR A 40 9.56 -8.66 5.08
N HIS A 41 8.63 -9.00 5.96
CA HIS A 41 8.52 -8.35 7.25
C HIS A 41 9.47 -9.00 8.26
N THR A 42 10.72 -8.57 8.24
CA THR A 42 11.72 -9.11 9.15
C THR A 42 12.40 -8.01 9.96
N GLY A 43 12.30 -6.78 9.45
CA GLY A 43 12.91 -5.65 10.13
C GLY A 43 14.20 -5.19 9.47
N GLU A 44 14.10 -4.81 8.21
CA GLU A 44 15.27 -4.35 7.45
C GLU A 44 15.15 -2.86 7.14
N LYS A 45 14.03 -2.48 6.54
CA LYS A 45 13.79 -1.08 6.19
C LYS A 45 12.86 -0.41 7.18
N PRO A 46 13.33 0.68 7.79
CA PRO A 46 12.56 1.44 8.78
C PRO A 46 11.38 2.18 8.15
N TYR A 47 11.32 2.15 6.83
CA TYR A 47 10.25 2.82 6.10
C TYR A 47 9.46 1.83 5.25
N LYS A 48 8.13 1.96 5.26
CA LYS A 48 7.27 1.08 4.50
C LYS A 48 5.83 1.61 4.47
N CYS A 49 5.26 1.70 3.27
CA CYS A 49 3.89 2.20 3.12
C CYS A 49 2.88 1.07 3.33
N ASP A 50 1.73 1.42 3.89
CA ASP A 50 0.68 0.44 4.14
C ASP A 50 -0.26 0.33 2.94
N GLU A 51 -0.79 1.46 2.49
CA GLU A 51 -1.70 1.48 1.36
C GLU A 51 -1.25 0.50 0.28
N CYS A 52 -0.11 0.78 -0.34
CA CYS A 52 0.43 -0.07 -1.39
C CYS A 52 1.09 -1.31 -0.79
N GLY A 53 2.00 -1.10 0.15
CA GLY A 53 2.68 -2.22 0.78
C GLY A 53 4.11 -2.37 0.30
N LYS A 54 4.78 -1.25 0.08
CA LYS A 54 6.17 -1.27 -0.39
C LYS A 54 7.10 -0.71 0.67
N ALA A 55 8.38 -1.07 0.57
CA ALA A 55 9.39 -0.59 1.52
C ALA A 55 10.37 0.36 0.84
N PHE A 56 11.07 1.15 1.65
CA PHE A 56 12.05 2.10 1.14
C PHE A 56 13.20 2.27 2.12
N ILE A 57 14.42 2.22 1.59
CA ILE A 57 15.62 2.37 2.42
C ILE A 57 15.80 3.82 2.86
N GLN A 58 15.72 4.74 1.90
CA GLN A 58 15.87 6.16 2.19
C GLN A 58 14.53 6.80 2.51
N ARG A 59 14.58 7.99 3.10
CA ARG A 59 13.35 8.71 3.45
C ARG A 59 12.69 9.31 2.21
N SER A 60 13.42 10.17 1.51
CA SER A 60 12.91 10.81 0.31
C SER A 60 12.14 9.82 -0.55
N HIS A 61 12.78 8.70 -0.87
CA HIS A 61 12.16 7.67 -1.70
C HIS A 61 10.67 7.54 -1.37
N LEU A 62 10.35 7.58 -0.08
CA LEU A 62 8.96 7.47 0.36
C LEU A 62 8.26 8.83 0.30
N ILE A 63 9.02 9.89 0.57
CA ILE A 63 8.47 11.24 0.54
C ILE A 63 7.67 11.48 -0.73
N GLY A 64 8.32 11.31 -1.87
CA GLY A 64 7.66 11.51 -3.15
C GLY A 64 6.60 10.46 -3.42
N HIS A 65 6.92 9.21 -3.12
CA HIS A 65 5.99 8.10 -3.34
C HIS A 65 4.61 8.44 -2.78
N HIS A 66 4.58 9.05 -1.60
CA HIS A 66 3.33 9.42 -0.96
C HIS A 66 2.32 9.94 -1.98
N ARG A 67 2.83 10.57 -3.03
CA ARG A 67 1.98 11.12 -4.08
C ARG A 67 1.64 10.05 -5.12
N VAL A 68 1.59 8.80 -4.67
CA VAL A 68 1.26 7.68 -5.54
C VAL A 68 -0.20 7.27 -5.41
N HIS A 69 -0.85 7.77 -4.37
CA HIS A 69 -2.26 7.47 -4.13
C HIS A 69 -3.13 8.71 -4.37
N THR A 70 -3.43 8.98 -5.63
CA THR A 70 -4.25 10.12 -6.00
C THR A 70 -5.73 9.77 -5.97
N GLY A 71 -6.05 8.55 -6.40
CA GLY A 71 -7.45 8.11 -6.41
C GLY A 71 -7.65 6.89 -7.28
N SER A 72 -7.67 5.71 -6.67
CA SER A 72 -7.86 4.47 -7.40
C SER A 72 -9.07 3.70 -6.86
N GLY A 73 -9.02 3.37 -5.57
CA GLY A 73 -10.12 2.64 -4.96
C GLY A 73 -10.77 3.42 -3.84
N PRO A 74 -11.52 4.47 -4.20
CA PRO A 74 -12.22 5.32 -3.23
C PRO A 74 -13.39 4.60 -2.56
N SER A 75 -13.87 5.16 -1.46
CA SER A 75 -14.98 4.57 -0.73
C SER A 75 -16.30 4.81 -1.45
N SER A 76 -17.33 4.07 -1.05
CA SER A 76 -18.64 4.19 -1.67
C SER A 76 -19.60 4.98 -0.78
N GLY A 77 -19.76 4.51 0.46
CA GLY A 77 -20.64 5.19 1.40
C GLY A 77 -20.35 6.67 1.50
N GLY A 1 -4.83 29.33 21.84
CA GLY A 1 -4.74 27.93 22.22
C GLY A 1 -4.43 27.03 21.04
N SER A 2 -5.03 25.84 21.04
CA SER A 2 -4.82 24.88 19.96
C SER A 2 -6.15 24.51 19.29
N SER A 3 -6.07 24.17 18.01
CA SER A 3 -7.26 23.80 17.25
C SER A 3 -6.91 22.83 16.14
N GLY A 4 -7.93 22.37 15.41
CA GLY A 4 -7.71 21.43 14.33
C GLY A 4 -7.55 22.12 12.99
N SER A 5 -8.12 21.52 11.94
CA SER A 5 -8.02 22.09 10.60
C SER A 5 -9.15 21.57 9.72
N SER A 6 -9.28 22.15 8.53
CA SER A 6 -10.33 21.75 7.59
C SER A 6 -10.16 20.29 7.19
N GLY A 7 -11.25 19.69 6.73
CA GLY A 7 -11.22 18.30 6.31
C GLY A 7 -12.34 17.95 5.36
N ARG A 8 -12.01 17.18 4.32
CA ARG A 8 -13.00 16.77 3.33
C ARG A 8 -13.56 15.39 3.65
N SER A 9 -14.71 15.07 3.06
CA SER A 9 -15.35 13.79 3.29
C SER A 9 -14.67 12.69 2.47
N GLU A 10 -13.89 11.86 3.15
CA GLU A 10 -13.18 10.76 2.49
C GLU A 10 -13.91 9.44 2.69
N TRP A 11 -14.92 9.19 1.86
CA TRP A 11 -15.69 7.96 1.95
C TRP A 11 -14.78 6.74 2.07
N GLN A 12 -13.94 6.54 1.06
CA GLN A 12 -13.01 5.41 1.05
C GLN A 12 -12.12 5.43 2.29
N GLN A 13 -11.88 4.25 2.85
CA GLN A 13 -11.04 4.13 4.04
C GLN A 13 -9.93 3.10 3.83
N ARG A 14 -10.31 1.92 3.35
CA ARG A 14 -9.36 0.86 3.11
C ARG A 14 -9.87 -0.12 2.05
N GLU A 15 -9.23 -0.10 0.88
CA GLU A 15 -9.63 -0.97 -0.21
C GLU A 15 -10.06 -2.34 0.31
N ARG A 16 -11.13 -2.88 -0.28
CA ARG A 16 -11.65 -4.18 0.12
C ARG A 16 -10.67 -5.30 -0.27
N ARG A 17 -10.41 -6.20 0.67
CA ARG A 17 -9.50 -7.31 0.42
C ARG A 17 -9.85 -8.50 1.30
N ARG A 18 -9.20 -9.64 1.04
CA ARG A 18 -9.45 -10.85 1.81
C ARG A 18 -8.24 -11.21 2.66
N TYR A 19 -7.13 -11.55 2.01
CA TYR A 19 -5.91 -11.92 2.70
C TYR A 19 -5.33 -10.73 3.47
N LYS A 20 -4.58 -11.02 4.52
CA LYS A 20 -3.98 -9.97 5.34
C LYS A 20 -2.67 -10.46 5.96
N CYS A 21 -1.80 -9.52 6.31
CA CYS A 21 -0.52 -9.85 6.92
C CYS A 21 -0.48 -9.43 8.39
N ASP A 22 -1.15 -10.20 9.23
CA ASP A 22 -1.20 -9.91 10.67
C ASP A 22 0.15 -9.40 11.16
N GLU A 23 1.22 -9.86 10.53
CA GLU A 23 2.57 -9.46 10.91
C GLU A 23 2.69 -7.94 10.90
N CYS A 24 2.37 -7.32 9.78
CA CYS A 24 2.45 -5.87 9.64
C CYS A 24 1.06 -5.24 9.67
N GLY A 25 0.14 -5.78 8.86
CA GLY A 25 -1.21 -5.27 8.82
C GLY A 25 -1.63 -4.88 7.41
N LYS A 26 -1.00 -5.50 6.42
CA LYS A 26 -1.31 -5.21 5.02
C LYS A 26 -2.33 -6.21 4.47
N SER A 27 -2.87 -5.92 3.30
CA SER A 27 -3.84 -6.80 2.67
C SER A 27 -3.64 -6.86 1.16
N PHE A 28 -3.86 -8.03 0.58
CA PHE A 28 -3.70 -8.22 -0.86
C PHE A 28 -4.93 -8.88 -1.47
N SER A 29 -4.99 -8.89 -2.79
CA SER A 29 -6.12 -9.48 -3.50
C SER A 29 -5.83 -10.94 -3.85
N HIS A 30 -4.62 -11.20 -4.30
CA HIS A 30 -4.21 -12.56 -4.67
C HIS A 30 -3.19 -13.11 -3.69
N SER A 31 -3.42 -14.34 -3.23
CA SER A 31 -2.52 -14.98 -2.28
C SER A 31 -1.08 -14.90 -2.76
N SER A 32 -0.86 -15.23 -4.02
CA SER A 32 0.48 -15.21 -4.61
C SER A 32 1.21 -13.93 -4.22
N ASP A 33 0.52 -12.80 -4.35
CA ASP A 33 1.09 -11.51 -4.02
C ASP A 33 1.59 -11.48 -2.57
N LEU A 34 0.68 -11.77 -1.65
CA LEU A 34 1.02 -11.78 -0.22
C LEU A 34 2.26 -12.63 0.03
N SER A 35 2.24 -13.86 -0.48
CA SER A 35 3.37 -14.77 -0.31
C SER A 35 4.69 -14.07 -0.58
N LYS A 36 4.72 -13.27 -1.64
CA LYS A 36 5.93 -12.53 -2.01
C LYS A 36 6.23 -11.44 -0.99
N HIS A 37 5.18 -10.81 -0.47
CA HIS A 37 5.33 -9.75 0.52
C HIS A 37 6.02 -10.28 1.78
N ARG A 38 5.40 -11.28 2.41
CA ARG A 38 5.95 -11.87 3.62
C ARG A 38 7.48 -11.91 3.56
N ARG A 39 8.02 -12.16 2.37
CA ARG A 39 9.46 -12.23 2.19
C ARG A 39 10.13 -10.97 2.72
N THR A 40 9.61 -9.81 2.32
CA THR A 40 10.16 -8.53 2.75
C THR A 40 10.56 -8.57 4.22
N HIS A 41 9.81 -9.34 5.01
CA HIS A 41 10.09 -9.46 6.44
C HIS A 41 11.29 -10.37 6.68
N THR A 42 12.44 -9.97 6.14
CA THR A 42 13.66 -10.75 6.31
C THR A 42 14.85 -9.86 6.66
N GLY A 43 14.87 -9.40 7.91
CA GLY A 43 15.96 -8.55 8.36
C GLY A 43 16.36 -7.52 7.32
N GLU A 44 15.36 -6.93 6.67
CA GLU A 44 15.61 -5.93 5.63
C GLU A 44 14.48 -4.91 5.57
N LYS A 45 14.64 -3.90 4.73
CA LYS A 45 13.63 -2.86 4.56
C LYS A 45 12.22 -3.44 4.75
N PRO A 46 11.68 -3.30 5.97
CA PRO A 46 10.35 -3.79 6.30
C PRO A 46 9.24 -3.00 5.61
N TYR A 47 9.64 -2.03 4.79
CA TYR A 47 8.69 -1.19 4.07
C TYR A 47 8.91 -1.29 2.57
N LYS A 48 7.81 -1.37 1.82
CA LYS A 48 7.88 -1.46 0.37
C LYS A 48 6.50 -1.30 -0.25
N CYS A 49 6.33 -0.25 -1.05
CA CYS A 49 5.06 0.01 -1.71
C CYS A 49 4.82 -0.96 -2.85
N ASP A 50 3.55 -1.21 -3.15
CA ASP A 50 3.18 -2.13 -4.22
C ASP A 50 2.82 -1.37 -5.50
N GLU A 51 2.10 -0.27 -5.34
CA GLU A 51 1.69 0.55 -6.47
C GLU A 51 2.89 0.88 -7.37
N CYS A 52 3.97 1.34 -6.74
CA CYS A 52 5.18 1.69 -7.48
C CYS A 52 6.20 0.55 -7.43
N GLY A 53 6.32 -0.06 -6.26
CA GLY A 53 7.26 -1.16 -6.08
C GLY A 53 8.61 -0.68 -5.59
N LYS A 54 8.60 0.23 -4.63
CA LYS A 54 9.84 0.77 -4.06
C LYS A 54 9.95 0.43 -2.57
N ALA A 55 11.18 0.20 -2.12
CA ALA A 55 11.42 -0.13 -0.72
C ALA A 55 11.87 1.11 0.07
N PHE A 56 11.46 1.17 1.33
CA PHE A 56 11.83 2.30 2.18
C PHE A 56 12.36 1.82 3.52
N ILE A 57 13.15 2.68 4.18
CA ILE A 57 13.72 2.34 5.47
C ILE A 57 12.88 2.90 6.62
N GLN A 58 12.58 4.19 6.55
CA GLN A 58 11.79 4.84 7.58
C GLN A 58 10.32 4.90 7.17
N ARG A 59 9.45 5.12 8.16
CA ARG A 59 8.02 5.19 7.91
C ARG A 59 7.66 6.45 7.12
N SER A 60 8.00 7.61 7.68
CA SER A 60 7.72 8.89 7.03
C SER A 60 8.06 8.83 5.55
N HIS A 61 9.14 8.13 5.22
CA HIS A 61 9.57 8.00 3.83
C HIS A 61 8.44 7.44 2.96
N LEU A 62 7.71 6.48 3.52
CA LEU A 62 6.60 5.86 2.79
C LEU A 62 5.30 6.61 3.03
N ILE A 63 4.99 6.86 4.31
CA ILE A 63 3.77 7.58 4.66
C ILE A 63 3.48 8.70 3.67
N GLY A 64 4.44 9.59 3.49
CA GLY A 64 4.26 10.70 2.56
C GLY A 64 4.16 10.23 1.12
N HIS A 65 5.05 9.33 0.73
CA HIS A 65 5.06 8.80 -0.64
C HIS A 65 3.65 8.53 -1.12
N HIS A 66 2.82 7.96 -0.24
CA HIS A 66 1.44 7.65 -0.59
C HIS A 66 0.84 8.74 -1.46
N ARG A 67 0.92 9.99 -1.00
CA ARG A 67 0.39 11.12 -1.74
C ARG A 67 0.81 11.05 -3.21
N VAL A 68 2.09 10.83 -3.44
CA VAL A 68 2.62 10.74 -4.80
C VAL A 68 1.63 10.06 -5.73
N HIS A 69 1.12 8.91 -5.31
CA HIS A 69 0.16 8.16 -6.11
C HIS A 69 -1.21 8.83 -6.09
N THR A 70 -2.00 8.58 -7.13
CA THR A 70 -3.33 9.18 -7.24
C THR A 70 -4.41 8.10 -7.23
N GLY A 71 -5.19 8.05 -6.17
CA GLY A 71 -6.25 7.06 -6.07
C GLY A 71 -7.36 7.50 -5.13
N SER A 72 -8.57 6.95 -5.33
CA SER A 72 -9.71 7.29 -4.50
C SER A 72 -10.25 6.05 -3.79
N GLY A 73 -9.33 5.22 -3.29
CA GLY A 73 -9.73 4.01 -2.59
C GLY A 73 -10.28 2.96 -3.53
N PRO A 74 -11.27 2.19 -3.05
CA PRO A 74 -11.91 1.13 -3.84
C PRO A 74 -12.74 1.69 -4.99
N SER A 75 -13.24 0.79 -5.83
CA SER A 75 -14.06 1.17 -6.98
C SER A 75 -15.19 2.10 -6.54
N SER A 76 -15.14 3.34 -7.01
CA SER A 76 -16.16 4.33 -6.66
C SER A 76 -17.54 3.86 -7.11
N GLY A 77 -18.58 4.38 -6.44
CA GLY A 77 -19.94 3.99 -6.79
C GLY A 77 -20.62 5.02 -7.67
N GLY A 1 -0.60 21.50 -31.02
CA GLY A 1 -1.86 21.73 -30.37
C GLY A 1 -2.06 20.81 -29.17
N SER A 2 -2.83 21.28 -28.19
CA SER A 2 -3.11 20.49 -26.99
C SER A 2 -4.57 20.60 -26.59
N SER A 3 -4.99 19.74 -25.66
CA SER A 3 -6.36 19.73 -25.20
C SER A 3 -6.46 19.17 -23.78
N GLY A 4 -7.66 19.21 -23.22
CA GLY A 4 -7.86 18.71 -21.87
C GLY A 4 -9.33 18.69 -21.46
N SER A 5 -9.65 17.87 -20.47
CA SER A 5 -11.03 17.76 -19.99
C SER A 5 -11.09 16.95 -18.70
N SER A 6 -12.05 17.28 -17.85
CA SER A 6 -12.22 16.59 -16.58
C SER A 6 -13.07 15.33 -16.76
N GLY A 7 -12.83 14.33 -15.90
CA GLY A 7 -13.58 13.10 -15.98
C GLY A 7 -14.19 12.71 -14.66
N ARG A 8 -14.43 11.41 -14.46
CA ARG A 8 -15.02 10.91 -13.23
C ARG A 8 -14.00 10.10 -12.44
N SER A 9 -13.53 10.67 -11.33
CA SER A 9 -12.54 10.00 -10.49
C SER A 9 -13.16 8.79 -9.80
N GLU A 10 -12.69 7.60 -10.18
CA GLU A 10 -13.19 6.37 -9.60
C GLU A 10 -12.48 6.04 -8.28
N TRP A 11 -12.90 6.71 -7.22
CA TRP A 11 -12.31 6.50 -5.90
C TRP A 11 -12.84 5.22 -5.26
N GLN A 12 -14.15 5.04 -5.32
CA GLN A 12 -14.78 3.86 -4.74
C GLN A 12 -14.60 2.65 -5.64
N GLN A 13 -13.75 1.71 -5.22
CA GLN A 13 -13.48 0.51 -6.00
C GLN A 13 -14.06 -0.72 -5.30
N ARG A 14 -14.01 -0.72 -3.98
CA ARG A 14 -14.53 -1.84 -3.20
C ARG A 14 -13.88 -3.15 -3.63
N GLU A 15 -12.55 -3.13 -3.75
CA GLU A 15 -11.80 -4.32 -4.15
C GLU A 15 -11.78 -5.35 -3.03
N ARG A 16 -12.49 -6.46 -3.24
CA ARG A 16 -12.55 -7.52 -2.25
C ARG A 16 -11.64 -8.68 -2.64
N ARG A 17 -10.94 -9.23 -1.65
CA ARG A 17 -10.03 -10.35 -1.89
C ARG A 17 -10.29 -11.48 -0.89
N ARG A 18 -9.71 -12.65 -1.18
CA ARG A 18 -9.88 -13.81 -0.31
C ARG A 18 -8.86 -13.79 0.83
N TYR A 19 -7.59 -13.69 0.47
CA TYR A 19 -6.52 -13.67 1.46
C TYR A 19 -6.09 -12.25 1.77
N LYS A 20 -5.51 -12.04 2.95
CA LYS A 20 -5.06 -10.72 3.37
C LYS A 20 -3.89 -10.84 4.35
N CYS A 21 -2.85 -10.05 4.11
CA CYS A 21 -1.67 -10.05 4.97
C CYS A 21 -2.01 -9.53 6.36
N ASP A 22 -2.05 -10.43 7.33
CA ASP A 22 -2.36 -10.06 8.71
C ASP A 22 -1.12 -9.53 9.42
N GLU A 23 -0.34 -8.70 8.72
CA GLU A 23 0.86 -8.13 9.28
C GLU A 23 0.88 -6.61 9.10
N CYS A 24 0.47 -6.16 7.91
CA CYS A 24 0.45 -4.74 7.61
C CYS A 24 -0.95 -4.30 7.16
N GLY A 25 -1.53 -5.07 6.24
CA GLY A 25 -2.86 -4.75 5.74
C GLY A 25 -2.95 -4.81 4.23
N LYS A 26 -2.33 -5.83 3.65
CA LYS A 26 -2.34 -6.01 2.20
C LYS A 26 -3.24 -7.17 1.81
N SER A 27 -3.54 -7.27 0.51
CA SER A 27 -4.38 -8.34 0.01
C SER A 27 -3.88 -8.83 -1.36
N PHE A 28 -4.05 -10.13 -1.61
CA PHE A 28 -3.63 -10.72 -2.87
C PHE A 28 -4.69 -11.67 -3.41
N SER A 29 -4.58 -12.00 -4.69
CA SER A 29 -5.54 -12.89 -5.34
C SER A 29 -5.19 -14.35 -5.05
N HIS A 30 -3.90 -14.68 -5.15
CA HIS A 30 -3.44 -16.04 -4.90
C HIS A 30 -2.74 -16.13 -3.55
N SER A 31 -2.81 -17.30 -2.92
CA SER A 31 -2.18 -17.53 -1.63
C SER A 31 -0.66 -17.54 -1.76
N SER A 32 -0.17 -18.31 -2.72
CA SER A 32 1.28 -18.43 -2.95
C SER A 32 1.93 -17.05 -2.91
N ASP A 33 1.35 -16.10 -3.64
CA ASP A 33 1.89 -14.74 -3.69
C ASP A 33 2.04 -14.17 -2.28
N LEU A 34 0.93 -14.08 -1.56
CA LEU A 34 0.95 -13.54 -0.20
C LEU A 34 2.09 -14.14 0.60
N SER A 35 2.14 -15.46 0.66
CA SER A 35 3.19 -16.16 1.40
C SER A 35 4.55 -15.53 1.16
N LYS A 36 4.79 -15.13 -0.09
CA LYS A 36 6.05 -14.49 -0.47
C LYS A 36 6.13 -13.07 0.07
N HIS A 37 5.08 -12.29 -0.18
CA HIS A 37 5.02 -10.91 0.28
C HIS A 37 5.50 -10.80 1.73
N ARG A 38 4.85 -11.53 2.62
CA ARG A 38 5.20 -11.50 4.03
C ARG A 38 6.72 -11.39 4.21
N ARG A 39 7.46 -11.95 3.27
CA ARG A 39 8.92 -11.90 3.32
C ARG A 39 9.42 -10.49 3.56
N THR A 40 8.90 -9.55 2.76
CA THR A 40 9.30 -8.15 2.88
C THR A 40 9.38 -7.73 4.34
N HIS A 41 8.61 -8.39 5.19
CA HIS A 41 8.60 -8.08 6.62
C HIS A 41 9.79 -8.72 7.32
N THR A 42 10.93 -8.03 7.30
CA THR A 42 12.14 -8.53 7.94
C THR A 42 12.63 -7.58 9.01
N GLY A 43 12.66 -6.28 8.68
CA GLY A 43 13.12 -5.29 9.63
C GLY A 43 14.51 -4.77 9.31
N GLU A 44 14.71 -4.38 8.04
CA GLU A 44 16.00 -3.86 7.61
C GLU A 44 15.82 -2.58 6.81
N LYS A 45 14.74 -1.85 7.09
CA LYS A 45 14.46 -0.60 6.42
C LYS A 45 13.95 0.45 7.39
N PRO A 46 14.68 1.57 7.51
CA PRO A 46 14.31 2.67 8.41
C PRO A 46 13.07 3.41 7.93
N TYR A 47 12.58 3.04 6.76
CA TYR A 47 11.39 3.68 6.18
C TYR A 47 10.24 2.69 6.07
N LYS A 48 9.02 3.21 6.08
CA LYS A 48 7.82 2.37 5.98
C LYS A 48 6.57 3.22 5.80
N CYS A 49 5.61 2.69 5.07
CA CYS A 49 4.36 3.40 4.81
C CYS A 49 3.24 2.85 5.70
N ASP A 50 2.17 3.64 5.84
CA ASP A 50 1.04 3.23 6.66
C ASP A 50 -0.14 2.82 5.78
N GLU A 51 -0.45 3.63 4.78
CA GLU A 51 -1.55 3.35 3.88
C GLU A 51 -1.39 1.98 3.24
N CYS A 52 -0.30 1.78 2.51
CA CYS A 52 -0.03 0.51 1.86
C CYS A 52 0.62 -0.48 2.83
N GLY A 53 1.53 0.03 3.66
CA GLY A 53 2.20 -0.82 4.62
C GLY A 53 3.41 -1.52 4.03
N LYS A 54 4.19 -0.80 3.24
CA LYS A 54 5.37 -1.35 2.60
C LYS A 54 6.63 -0.65 3.09
N ALA A 55 7.75 -1.36 3.06
CA ALA A 55 9.03 -0.79 3.50
C ALA A 55 9.93 -0.50 2.31
N PHE A 56 10.79 0.51 2.46
CA PHE A 56 11.71 0.89 1.39
C PHE A 56 13.10 1.16 1.95
N ILE A 57 14.12 0.88 1.15
CA ILE A 57 15.50 1.09 1.56
C ILE A 57 15.86 2.58 1.54
N GLN A 58 15.72 3.21 0.38
CA GLN A 58 16.02 4.63 0.24
C GLN A 58 14.78 5.48 0.51
N ARG A 59 14.98 6.59 1.21
CA ARG A 59 13.88 7.50 1.53
C ARG A 59 13.14 7.94 0.27
N SER A 60 13.90 8.32 -0.75
CA SER A 60 13.33 8.78 -2.00
C SER A 60 12.25 7.80 -2.49
N HIS A 61 12.58 6.52 -2.50
CA HIS A 61 11.65 5.49 -2.94
C HIS A 61 10.26 5.73 -2.36
N LEU A 62 10.22 6.20 -1.11
CA LEU A 62 8.96 6.48 -0.44
C LEU A 62 8.45 7.87 -0.78
N ILE A 63 9.37 8.84 -0.85
CA ILE A 63 9.02 10.21 -1.18
C ILE A 63 8.04 10.26 -2.35
N GLY A 64 8.45 9.69 -3.48
CA GLY A 64 7.60 9.69 -4.66
C GLY A 64 6.38 8.81 -4.49
N HIS A 65 6.55 7.69 -3.79
CA HIS A 65 5.45 6.76 -3.55
C HIS A 65 4.23 7.49 -3.00
N HIS A 66 4.48 8.50 -2.19
CA HIS A 66 3.39 9.28 -1.59
C HIS A 66 2.41 9.76 -2.66
N ARG A 67 2.93 10.01 -3.86
CA ARG A 67 2.10 10.47 -4.96
C ARG A 67 1.45 9.30 -5.68
N VAL A 68 1.23 8.22 -4.95
CA VAL A 68 0.61 7.03 -5.52
C VAL A 68 -0.80 6.82 -4.97
N HIS A 69 -0.91 6.77 -3.64
CA HIS A 69 -2.19 6.59 -2.99
C HIS A 69 -3.17 7.69 -3.38
N THR A 70 -3.95 7.44 -4.42
CA THR A 70 -4.93 8.42 -4.90
C THR A 70 -6.31 8.12 -4.36
N GLY A 71 -6.74 6.87 -4.51
CA GLY A 71 -8.05 6.48 -4.02
C GLY A 71 -7.97 5.56 -2.82
N SER A 72 -9.02 5.58 -2.00
CA SER A 72 -9.07 4.75 -0.80
C SER A 72 -9.79 3.43 -1.08
N GLY A 73 -10.97 3.52 -1.67
CA GLY A 73 -11.75 2.33 -1.98
C GLY A 73 -12.62 1.90 -0.82
N PRO A 74 -12.39 0.68 -0.32
CA PRO A 74 -13.16 0.11 0.79
C PRO A 74 -12.86 0.82 2.11
N SER A 75 -13.71 1.79 2.46
CA SER A 75 -13.54 2.54 3.70
C SER A 75 -13.73 1.63 4.91
N SER A 76 -13.41 2.16 6.09
CA SER A 76 -13.54 1.41 7.33
C SER A 76 -15.00 1.25 7.73
N GLY A 77 -15.67 2.38 7.94
CA GLY A 77 -17.07 2.36 8.32
C GLY A 77 -18.00 2.57 7.14
N GLY A 1 -4.26 34.59 2.64
CA GLY A 1 -4.50 33.18 2.46
C GLY A 1 -5.98 32.82 2.54
N SER A 2 -6.39 31.79 1.82
CA SER A 2 -7.78 31.36 1.82
C SER A 2 -7.93 30.03 1.07
N SER A 3 -8.74 29.14 1.63
CA SER A 3 -8.97 27.83 1.03
C SER A 3 -10.26 27.22 1.55
N GLY A 4 -10.86 26.34 0.74
CA GLY A 4 -12.10 25.69 1.14
C GLY A 4 -12.76 24.95 -0.01
N SER A 5 -13.37 23.82 0.30
CA SER A 5 -14.04 23.01 -0.72
C SER A 5 -15.06 22.07 -0.09
N SER A 6 -15.94 21.52 -0.92
CA SER A 6 -16.97 20.60 -0.44
C SER A 6 -17.59 19.83 -1.60
N GLY A 7 -17.76 18.52 -1.40
CA GLY A 7 -18.33 17.68 -2.43
C GLY A 7 -18.61 16.27 -1.95
N ARG A 8 -19.87 15.88 -2.01
CA ARG A 8 -20.27 14.54 -1.58
C ARG A 8 -19.76 13.47 -2.54
N SER A 9 -18.64 12.84 -2.18
CA SER A 9 -18.05 11.82 -3.01
C SER A 9 -17.34 10.77 -2.16
N GLU A 10 -17.02 9.62 -2.77
CA GLU A 10 -16.35 8.54 -2.07
C GLU A 10 -15.37 9.09 -1.02
N TRP A 11 -15.69 8.86 0.24
CA TRP A 11 -14.85 9.34 1.34
C TRP A 11 -14.82 8.32 2.48
N GLN A 12 -13.63 8.10 3.03
CA GLN A 12 -13.46 7.16 4.14
C GLN A 12 -13.80 5.74 3.69
N GLN A 13 -13.36 5.38 2.49
CA GLN A 13 -13.62 4.05 1.95
C GLN A 13 -12.63 3.03 2.51
N ARG A 14 -13.05 2.32 3.55
CA ARG A 14 -12.20 1.31 4.18
C ARG A 14 -12.32 -0.03 3.46
N GLU A 15 -11.21 -0.51 2.92
CA GLU A 15 -11.20 -1.78 2.21
C GLU A 15 -10.69 -2.90 3.10
N ARG A 16 -11.60 -3.77 3.53
CA ARG A 16 -11.24 -4.89 4.40
C ARG A 16 -11.15 -6.18 3.59
N ARG A 17 -10.15 -6.99 3.92
CA ARG A 17 -9.94 -8.27 3.23
C ARG A 17 -9.85 -9.42 4.23
N ARG A 18 -9.77 -10.63 3.71
CA ARG A 18 -9.68 -11.83 4.55
C ARG A 18 -8.30 -11.95 5.18
N TYR A 19 -7.26 -11.75 4.37
CA TYR A 19 -5.88 -11.84 4.84
C TYR A 19 -5.27 -10.45 5.00
N LYS A 20 -4.34 -10.32 5.93
CA LYS A 20 -3.67 -9.06 6.18
C LYS A 20 -2.39 -9.27 6.98
N CYS A 21 -1.26 -8.83 6.41
CA CYS A 21 0.03 -8.96 7.06
C CYS A 21 0.15 -7.99 8.23
N ASP A 22 -0.35 -8.40 9.38
CA ASP A 22 -0.30 -7.56 10.58
C ASP A 22 1.10 -6.98 10.76
N GLU A 23 2.11 -7.70 10.29
CA GLU A 23 3.49 -7.26 10.41
C GLU A 23 3.64 -5.80 9.95
N CYS A 24 3.12 -5.51 8.77
CA CYS A 24 3.19 -4.16 8.21
C CYS A 24 1.81 -3.53 8.14
N GLY A 25 0.83 -4.30 7.67
CA GLY A 25 -0.52 -3.80 7.55
C GLY A 25 -1.06 -3.90 6.14
N LYS A 26 -0.48 -4.79 5.35
CA LYS A 26 -0.90 -4.99 3.96
C LYS A 26 -1.95 -6.08 3.87
N SER A 27 -2.63 -6.15 2.74
CA SER A 27 -3.67 -7.15 2.52
C SER A 27 -3.55 -7.75 1.11
N PHE A 28 -4.17 -8.91 0.93
CA PHE A 28 -4.13 -9.60 -0.36
C PHE A 28 -5.42 -10.40 -0.59
N SER A 29 -5.83 -10.51 -1.85
CA SER A 29 -7.04 -11.24 -2.19
C SER A 29 -6.78 -12.75 -2.20
N HIS A 30 -5.56 -13.12 -2.59
CA HIS A 30 -5.18 -14.53 -2.64
C HIS A 30 -4.16 -14.86 -1.56
N SER A 31 -4.55 -15.73 -0.64
CA SER A 31 -3.67 -16.13 0.45
C SER A 31 -2.26 -16.43 -0.06
N SER A 32 -2.18 -17.22 -1.13
CA SER A 32 -0.90 -17.58 -1.71
C SER A 32 0.01 -16.36 -1.82
N ASP A 33 -0.46 -15.33 -2.52
CA ASP A 33 0.32 -14.11 -2.70
C ASP A 33 0.95 -13.68 -1.38
N LEU A 34 0.11 -13.34 -0.41
CA LEU A 34 0.60 -12.91 0.90
C LEU A 34 1.82 -13.72 1.33
N SER A 35 1.62 -15.03 1.48
CA SER A 35 2.71 -15.91 1.88
C SER A 35 4.04 -15.47 1.28
N LYS A 36 4.03 -15.20 -0.02
CA LYS A 36 5.24 -14.75 -0.72
C LYS A 36 5.68 -13.38 -0.22
N HIS A 37 4.71 -12.50 0.01
CA HIS A 37 4.99 -11.16 0.50
C HIS A 37 5.63 -11.20 1.88
N ARG A 38 5.04 -11.97 2.78
CA ARG A 38 5.55 -12.10 4.14
C ARG A 38 7.06 -12.23 4.14
N ARG A 39 7.62 -12.80 3.07
CA ARG A 39 9.06 -12.98 2.95
C ARG A 39 9.78 -11.64 3.07
N THR A 40 9.24 -10.61 2.43
CA THR A 40 9.83 -9.29 2.47
C THR A 40 10.27 -8.93 3.88
N HIS A 41 9.65 -9.56 4.87
CA HIS A 41 9.98 -9.31 6.26
C HIS A 41 11.08 -10.25 6.75
N THR A 42 12.20 -10.26 6.04
CA THR A 42 13.32 -11.12 6.40
C THR A 42 14.64 -10.35 6.36
N GLY A 43 14.91 -9.71 5.22
CA GLY A 43 16.13 -8.94 5.08
C GLY A 43 15.98 -7.78 4.13
N GLU A 44 14.89 -7.05 4.25
CA GLU A 44 14.62 -5.91 3.39
C GLU A 44 13.85 -4.82 4.14
N LYS A 45 13.79 -3.63 3.55
CA LYS A 45 13.08 -2.51 4.17
C LYS A 45 11.68 -2.92 4.59
N PRO A 46 11.24 -2.44 5.76
CA PRO A 46 9.91 -2.74 6.30
C PRO A 46 8.80 -2.06 5.51
N TYR A 47 9.18 -1.29 4.50
CA TYR A 47 8.23 -0.59 3.67
C TYR A 47 8.64 -0.63 2.19
N LYS A 48 7.76 -1.19 1.36
CA LYS A 48 8.04 -1.29 -0.06
C LYS A 48 6.78 -1.00 -0.89
N CYS A 49 6.82 0.08 -1.66
CA CYS A 49 5.69 0.47 -2.49
C CYS A 49 5.64 -0.36 -3.77
N ASP A 50 4.56 -1.11 -3.94
CA ASP A 50 4.39 -1.94 -5.12
C ASP A 50 4.02 -1.11 -6.34
N GLU A 51 3.17 -0.11 -6.12
CA GLU A 51 2.73 0.76 -7.21
C GLU A 51 3.91 1.15 -8.10
N CYS A 52 4.95 1.69 -7.50
CA CYS A 52 6.14 2.10 -8.24
C CYS A 52 7.26 1.08 -8.09
N GLY A 53 7.48 0.63 -6.85
CA GLY A 53 8.52 -0.35 -6.59
C GLY A 53 9.69 0.25 -5.83
N LYS A 54 9.41 1.24 -4.98
CA LYS A 54 10.45 1.89 -4.19
C LYS A 54 10.44 1.37 -2.76
N ALA A 55 11.63 1.36 -2.14
CA ALA A 55 11.76 0.90 -0.76
C ALA A 55 12.23 2.02 0.14
N PHE A 56 11.70 2.04 1.36
CA PHE A 56 12.07 3.06 2.34
C PHE A 56 12.22 2.47 3.74
N ILE A 57 13.10 3.05 4.54
CA ILE A 57 13.34 2.57 5.89
C ILE A 57 12.30 3.15 6.86
N GLN A 58 12.28 4.48 6.98
CA GLN A 58 11.35 5.15 7.86
C GLN A 58 9.91 4.93 7.40
N ARG A 59 8.96 5.40 8.22
CA ARG A 59 7.54 5.26 7.89
C ARG A 59 7.07 6.42 7.01
N SER A 60 7.22 7.64 7.52
CA SER A 60 6.81 8.82 6.78
C SER A 60 7.39 8.82 5.37
N HIS A 61 8.68 8.54 5.27
CA HIS A 61 9.35 8.50 3.97
C HIS A 61 8.42 7.98 2.88
N LEU A 62 7.54 7.05 3.27
CA LEU A 62 6.59 6.47 2.32
C LEU A 62 5.26 7.21 2.36
N ILE A 63 4.84 7.60 3.57
CA ILE A 63 3.59 8.33 3.73
C ILE A 63 3.49 9.49 2.76
N GLY A 64 4.62 10.14 2.50
CA GLY A 64 4.64 11.27 1.59
C GLY A 64 4.76 10.84 0.14
N HIS A 65 5.65 9.88 -0.12
CA HIS A 65 5.85 9.39 -1.48
C HIS A 65 4.52 9.04 -2.14
N HIS A 66 3.64 8.40 -1.38
CA HIS A 66 2.33 8.00 -1.88
C HIS A 66 1.76 9.08 -2.80
N ARG A 67 2.04 10.34 -2.47
CA ARG A 67 1.54 11.46 -3.27
C ARG A 67 1.58 11.13 -4.76
N VAL A 68 2.69 10.57 -5.20
CA VAL A 68 2.85 10.21 -6.61
C VAL A 68 1.61 9.49 -7.13
N HIS A 69 1.15 8.48 -6.41
CA HIS A 69 -0.03 7.72 -6.80
C HIS A 69 -1.29 8.33 -6.19
N THR A 70 -2.45 7.86 -6.64
CA THR A 70 -3.73 8.36 -6.14
C THR A 70 -4.82 7.31 -6.29
N GLY A 71 -5.51 7.01 -5.19
CA GLY A 71 -6.57 6.03 -5.21
C GLY A 71 -7.64 6.29 -4.17
N SER A 72 -8.50 5.31 -3.94
CA SER A 72 -9.58 5.44 -2.96
C SER A 72 -9.20 4.78 -1.65
N GLY A 73 -9.33 5.52 -0.55
CA GLY A 73 -8.99 4.99 0.76
C GLY A 73 -8.17 5.95 1.59
N PRO A 74 -7.43 5.42 2.57
CA PRO A 74 -6.60 6.24 3.46
C PRO A 74 -5.39 6.82 2.73
N SER A 75 -5.57 8.01 2.16
CA SER A 75 -4.50 8.68 1.44
C SER A 75 -4.88 10.13 1.12
N SER A 76 -3.91 11.03 1.22
CA SER A 76 -4.15 12.44 0.95
C SER A 76 -3.25 12.92 -0.20
N GLY A 77 -3.87 13.53 -1.20
CA GLY A 77 -3.13 14.04 -2.34
C GLY A 77 -3.59 13.41 -3.64
N GLY A 1 -11.86 17.30 -7.83
CA GLY A 1 -11.17 18.42 -8.43
C GLY A 1 -10.81 18.15 -9.89
N SER A 2 -11.71 18.52 -10.80
CA SER A 2 -11.48 18.31 -12.23
C SER A 2 -10.82 19.53 -12.86
N SER A 3 -9.85 20.11 -12.15
CA SER A 3 -9.13 21.28 -12.63
C SER A 3 -7.68 20.95 -12.97
N GLY A 4 -7.42 20.73 -14.25
CA GLY A 4 -6.08 20.41 -14.68
C GLY A 4 -6.05 19.26 -15.68
N SER A 5 -6.23 18.05 -15.18
CA SER A 5 -6.22 16.87 -16.03
C SER A 5 -7.59 16.20 -16.06
N SER A 6 -8.16 16.07 -17.26
CA SER A 6 -9.47 15.47 -17.42
C SER A 6 -9.45 14.00 -16.98
N GLY A 7 -10.44 13.62 -16.18
CA GLY A 7 -10.53 12.26 -15.70
C GLY A 7 -11.68 12.06 -14.72
N ARG A 8 -12.10 10.80 -14.57
CA ARG A 8 -13.19 10.48 -13.66
C ARG A 8 -12.73 9.55 -12.54
N SER A 9 -12.68 10.09 -11.33
CA SER A 9 -12.24 9.32 -10.17
C SER A 9 -13.40 9.10 -9.19
N GLU A 10 -14.09 7.97 -9.34
CA GLU A 10 -15.21 7.64 -8.48
C GLU A 10 -14.73 6.99 -7.18
N TRP A 11 -14.60 7.81 -6.13
CA TRP A 11 -14.14 7.31 -4.84
C TRP A 11 -15.22 6.44 -4.20
N GLN A 12 -16.47 6.84 -4.33
CA GLN A 12 -17.58 6.10 -3.76
C GLN A 12 -17.31 4.60 -3.80
N GLN A 13 -16.90 4.11 -4.97
CA GLN A 13 -16.61 2.69 -5.14
C GLN A 13 -15.18 2.37 -4.73
N ARG A 14 -15.00 1.98 -3.47
CA ARG A 14 -13.68 1.66 -2.96
C ARG A 14 -13.40 0.17 -3.09
N GLU A 15 -12.29 -0.17 -3.74
CA GLU A 15 -11.91 -1.57 -3.93
C GLU A 15 -11.98 -2.33 -2.61
N ARG A 16 -11.89 -3.66 -2.70
CA ARG A 16 -11.94 -4.51 -1.52
C ARG A 16 -10.64 -5.30 -1.36
N ARG A 17 -10.57 -6.09 -0.30
CA ARG A 17 -9.38 -6.90 -0.03
C ARG A 17 -9.77 -8.29 0.43
N ARG A 18 -8.93 -9.27 0.10
CA ARG A 18 -9.19 -10.66 0.47
C ARG A 18 -8.21 -11.13 1.55
N TYR A 19 -6.92 -10.96 1.28
CA TYR A 19 -5.89 -11.36 2.23
C TYR A 19 -5.30 -10.15 2.93
N LYS A 20 -4.68 -10.38 4.09
CA LYS A 20 -4.07 -9.31 4.86
C LYS A 20 -2.93 -9.84 5.73
N CYS A 21 -1.91 -9.02 5.92
CA CYS A 21 -0.75 -9.41 6.73
C CYS A 21 -0.82 -8.77 8.11
N ASP A 22 -1.66 -9.34 8.98
CA ASP A 22 -1.81 -8.82 10.34
C ASP A 22 -0.46 -8.37 10.91
N GLU A 23 0.60 -9.04 10.47
CA GLU A 23 1.94 -8.71 10.94
C GLU A 23 2.20 -7.20 10.85
N CYS A 24 1.85 -6.62 9.71
CA CYS A 24 2.04 -5.19 9.50
C CYS A 24 0.71 -4.49 9.22
N GLY A 25 -0.08 -5.08 8.35
CA GLY A 25 -1.37 -4.51 8.01
C GLY A 25 -1.59 -4.40 6.51
N LYS A 26 -0.71 -5.03 5.74
CA LYS A 26 -0.81 -5.01 4.29
C LYS A 26 -1.96 -5.89 3.80
N SER A 27 -2.35 -5.70 2.54
CA SER A 27 -3.43 -6.49 1.96
C SER A 27 -3.16 -6.78 0.49
N PHE A 28 -3.36 -8.04 0.10
CA PHE A 28 -3.13 -8.46 -1.27
C PHE A 28 -4.32 -9.26 -1.81
N SER A 29 -4.62 -9.08 -3.08
CA SER A 29 -5.73 -9.79 -3.71
C SER A 29 -5.45 -11.29 -3.80
N HIS A 30 -4.24 -11.63 -4.23
CA HIS A 30 -3.83 -13.03 -4.36
C HIS A 30 -3.00 -13.47 -3.16
N SER A 31 -3.16 -14.73 -2.77
CA SER A 31 -2.43 -15.27 -1.64
C SER A 31 -0.94 -15.40 -1.96
N SER A 32 -0.64 -16.07 -3.07
CA SER A 32 0.74 -16.26 -3.48
C SER A 32 1.56 -14.99 -3.26
N ASP A 33 1.06 -13.87 -3.76
CA ASP A 33 1.73 -12.59 -3.61
C ASP A 33 2.05 -12.31 -2.15
N LEU A 34 1.02 -12.38 -1.31
CA LEU A 34 1.19 -12.14 0.13
C LEU A 34 2.36 -12.93 0.69
N SER A 35 2.49 -14.17 0.23
CA SER A 35 3.57 -15.04 0.70
C SER A 35 4.93 -14.41 0.41
N LYS A 36 5.05 -13.79 -0.76
CA LYS A 36 6.31 -13.15 -1.14
C LYS A 36 6.54 -11.87 -0.34
N HIS A 37 5.46 -11.29 0.15
CA HIS A 37 5.54 -10.06 0.93
C HIS A 37 6.11 -10.34 2.31
N ARG A 38 5.42 -11.17 3.08
CA ARG A 38 5.85 -11.53 4.43
C ARG A 38 7.37 -11.65 4.49
N ARG A 39 7.99 -11.98 3.36
CA ARG A 39 9.44 -12.12 3.29
C ARG A 39 10.13 -10.79 3.57
N THR A 40 9.66 -9.74 2.91
CA THR A 40 10.23 -8.41 3.09
C THR A 40 10.49 -8.11 4.56
N HIS A 41 9.70 -8.72 5.44
CA HIS A 41 9.85 -8.53 6.87
C HIS A 41 11.29 -8.79 7.31
N THR A 42 11.83 -9.93 6.88
CA THR A 42 13.19 -10.31 7.23
C THR A 42 14.13 -10.10 6.06
N GLY A 43 15.32 -9.59 6.34
CA GLY A 43 16.31 -9.36 5.29
C GLY A 43 15.84 -8.32 4.28
N GLU A 44 15.13 -7.31 4.77
CA GLU A 44 14.63 -6.24 3.91
C GLU A 44 14.05 -5.10 4.74
N LYS A 45 13.64 -4.04 4.05
CA LYS A 45 13.06 -2.88 4.73
C LYS A 45 11.69 -3.21 5.32
N PRO A 46 11.40 -2.63 6.50
CA PRO A 46 10.13 -2.86 7.19
C PRO A 46 8.96 -2.22 6.47
N TYR A 47 9.23 -1.59 5.33
CA TYR A 47 8.19 -0.94 4.55
C TYR A 47 8.40 -1.18 3.06
N LYS A 48 7.31 -1.45 2.35
CA LYS A 48 7.37 -1.70 0.91
C LYS A 48 6.05 -1.36 0.24
N CYS A 49 6.12 -0.94 -1.02
CA CYS A 49 4.92 -0.58 -1.77
C CYS A 49 4.64 -1.61 -2.87
N ASP A 50 3.41 -1.61 -3.37
CA ASP A 50 3.01 -2.54 -4.42
C ASP A 50 2.77 -1.81 -5.74
N GLU A 51 2.24 -0.59 -5.64
CA GLU A 51 1.96 0.22 -6.82
C GLU A 51 3.23 0.49 -7.61
N CYS A 52 4.27 0.94 -6.90
CA CYS A 52 5.55 1.25 -7.52
C CYS A 52 6.55 0.12 -7.29
N GLY A 53 6.53 -0.45 -6.10
CA GLY A 53 7.45 -1.53 -5.77
C GLY A 53 8.77 -1.03 -5.22
N LYS A 54 8.70 -0.06 -4.33
CA LYS A 54 9.90 0.51 -3.72
C LYS A 54 9.92 0.25 -2.22
N ALA A 55 11.13 0.12 -1.67
CA ALA A 55 11.30 -0.12 -0.24
C ALA A 55 11.64 1.15 0.51
N PHE A 56 11.41 1.15 1.82
CA PHE A 56 11.70 2.31 2.65
C PHE A 56 12.12 1.89 4.05
N ILE A 57 13.13 2.56 4.59
CA ILE A 57 13.62 2.26 5.93
C ILE A 57 12.76 2.92 7.00
N GLN A 58 12.62 4.25 6.90
CA GLN A 58 11.83 5.00 7.85
C GLN A 58 10.37 5.07 7.41
N ARG A 59 9.54 5.70 8.24
CA ARG A 59 8.12 5.84 7.93
C ARG A 59 7.87 7.00 6.97
N SER A 60 8.27 8.19 7.38
CA SER A 60 8.09 9.38 6.55
C SER A 60 8.39 9.08 5.09
N HIS A 61 9.31 8.14 4.86
CA HIS A 61 9.69 7.75 3.51
C HIS A 61 8.48 7.23 2.73
N LEU A 62 7.71 6.36 3.38
CA LEU A 62 6.53 5.78 2.75
C LEU A 62 5.30 6.67 2.97
N ILE A 63 5.19 7.21 4.17
CA ILE A 63 4.07 8.07 4.52
C ILE A 63 3.73 9.03 3.36
N GLY A 64 4.65 9.94 3.07
CA GLY A 64 4.44 10.89 1.99
C GLY A 64 4.25 10.20 0.66
N HIS A 65 5.04 9.17 0.40
CA HIS A 65 4.95 8.44 -0.86
C HIS A 65 3.49 8.15 -1.21
N HIS A 66 2.74 7.65 -0.25
CA HIS A 66 1.32 7.33 -0.47
C HIS A 66 0.66 8.39 -1.34
N ARG A 67 1.05 9.65 -1.14
CA ARG A 67 0.49 10.74 -1.91
C ARG A 67 0.78 10.58 -3.40
N VAL A 68 2.05 10.36 -3.73
CA VAL A 68 2.46 10.18 -5.11
C VAL A 68 1.53 9.22 -5.84
N HIS A 69 0.89 8.33 -5.08
CA HIS A 69 -0.03 7.36 -5.65
C HIS A 69 -1.47 7.85 -5.56
N THR A 70 -2.31 7.36 -6.47
CA THR A 70 -3.72 7.76 -6.49
C THR A 70 -4.44 7.28 -5.23
N GLY A 71 -5.16 8.20 -4.59
CA GLY A 71 -5.89 7.84 -3.39
C GLY A 71 -6.77 6.62 -3.57
N SER A 72 -7.56 6.29 -2.55
CA SER A 72 -8.45 5.14 -2.60
C SER A 72 -9.60 5.37 -3.58
N GLY A 73 -10.42 4.35 -3.77
CA GLY A 73 -11.56 4.47 -4.67
C GLY A 73 -11.37 3.63 -5.93
N PRO A 74 -11.25 4.32 -7.08
CA PRO A 74 -11.07 3.65 -8.38
C PRO A 74 -9.70 2.98 -8.51
N SER A 75 -9.70 1.76 -9.02
CA SER A 75 -8.46 1.01 -9.19
C SER A 75 -8.14 0.82 -10.67
N SER A 76 -7.05 1.44 -11.12
CA SER A 76 -6.64 1.34 -12.52
C SER A 76 -5.88 0.04 -12.77
N GLY A 77 -6.48 -0.83 -13.58
CA GLY A 77 -5.85 -2.10 -13.90
C GLY A 77 -5.68 -2.97 -12.68
N GLY A 1 11.20 1.37 -33.43
CA GLY A 1 10.42 1.38 -32.20
C GLY A 1 9.59 2.65 -32.05
N SER A 2 8.73 2.68 -31.05
CA SER A 2 7.88 3.84 -30.80
C SER A 2 7.53 3.96 -29.32
N SER A 3 6.87 5.05 -28.96
CA SER A 3 6.48 5.29 -27.58
C SER A 3 5.10 5.92 -27.50
N GLY A 4 4.43 5.75 -26.35
CA GLY A 4 3.10 6.30 -26.17
C GLY A 4 2.89 6.86 -24.78
N SER A 5 1.63 7.06 -24.41
CA SER A 5 1.30 7.60 -23.09
C SER A 5 2.13 6.93 -22.01
N SER A 6 2.38 7.66 -20.92
CA SER A 6 3.16 7.14 -19.81
C SER A 6 2.26 6.72 -18.66
N GLY A 7 1.34 7.61 -18.28
CA GLY A 7 0.43 7.31 -17.19
C GLY A 7 -1.03 7.33 -17.63
N ARG A 8 -1.86 6.55 -16.95
CA ARG A 8 -3.28 6.48 -17.27
C ARG A 8 -4.07 5.90 -16.11
N SER A 9 -5.39 6.06 -16.16
CA SER A 9 -6.26 5.55 -15.10
C SER A 9 -5.73 4.24 -14.54
N GLU A 10 -5.93 4.03 -13.24
CA GLU A 10 -5.46 2.81 -12.58
C GLU A 10 -6.45 1.68 -12.78
N TRP A 11 -5.95 0.45 -12.75
CA TRP A 11 -6.80 -0.73 -12.91
C TRP A 11 -7.23 -1.29 -11.57
N GLN A 12 -8.07 -0.54 -10.87
CA GLN A 12 -8.56 -0.96 -9.56
C GLN A 12 -10.01 -0.51 -9.35
N GLN A 13 -10.93 -1.47 -9.41
CA GLN A 13 -12.35 -1.17 -9.22
C GLN A 13 -13.05 -2.30 -8.47
N ARG A 14 -13.74 -1.94 -7.40
CA ARG A 14 -14.46 -2.92 -6.58
C ARG A 14 -13.50 -3.98 -6.05
N GLU A 15 -12.41 -3.53 -5.44
CA GLU A 15 -11.42 -4.45 -4.89
C GLU A 15 -12.08 -5.53 -4.06
N ARG A 16 -11.63 -6.78 -4.24
CA ARG A 16 -12.19 -7.91 -3.50
C ARG A 16 -11.11 -8.95 -3.21
N ARG A 17 -10.88 -9.21 -1.94
CA ARG A 17 -9.87 -10.18 -1.52
C ARG A 17 -10.33 -10.94 -0.28
N ARG A 18 -9.52 -11.92 0.14
CA ARG A 18 -9.85 -12.73 1.31
C ARG A 18 -8.72 -12.67 2.34
N TYR A 19 -7.54 -13.13 1.95
CA TYR A 19 -6.39 -13.13 2.83
C TYR A 19 -5.83 -11.72 3.01
N LYS A 20 -5.40 -11.41 4.23
CA LYS A 20 -4.84 -10.10 4.53
C LYS A 20 -3.59 -10.21 5.39
N CYS A 21 -2.59 -9.39 5.08
CA CYS A 21 -1.33 -9.41 5.82
C CYS A 21 -1.36 -8.42 6.98
N ASP A 22 -2.10 -8.76 8.04
CA ASP A 22 -2.22 -7.90 9.20
C ASP A 22 -0.90 -7.18 9.48
N GLU A 23 0.21 -7.86 9.18
CA GLU A 23 1.54 -7.29 9.40
C GLU A 23 1.62 -5.87 8.85
N CYS A 24 1.28 -5.71 7.57
CA CYS A 24 1.31 -4.41 6.92
C CYS A 24 -0.10 -3.90 6.64
N GLY A 25 -0.93 -4.77 6.06
CA GLY A 25 -2.30 -4.38 5.76
C GLY A 25 -2.64 -4.60 4.30
N LYS A 26 -1.98 -5.56 3.67
CA LYS A 26 -2.23 -5.87 2.27
C LYS A 26 -3.15 -7.07 2.12
N SER A 27 -3.58 -7.34 0.88
CA SER A 27 -4.47 -8.46 0.62
C SER A 27 -4.20 -9.05 -0.76
N PHE A 28 -4.40 -10.35 -0.89
CA PHE A 28 -4.17 -11.05 -2.15
C PHE A 28 -5.25 -12.11 -2.39
N SER A 29 -5.39 -12.53 -3.65
CA SER A 29 -6.37 -13.54 -4.01
C SER A 29 -5.86 -14.94 -3.70
N HIS A 30 -4.61 -15.20 -4.07
CA HIS A 30 -4.01 -16.50 -3.83
C HIS A 30 -3.11 -16.47 -2.60
N SER A 31 -3.14 -17.54 -1.82
CA SER A 31 -2.34 -17.64 -0.61
C SER A 31 -0.85 -17.70 -0.94
N SER A 32 -0.51 -18.56 -1.90
CA SER A 32 0.88 -18.72 -2.31
C SER A 32 1.56 -17.37 -2.47
N ASP A 33 0.89 -16.46 -3.17
CA ASP A 33 1.43 -15.12 -3.40
C ASP A 33 1.72 -14.41 -2.08
N LEU A 34 0.69 -14.28 -1.24
CA LEU A 34 0.84 -13.63 0.05
C LEU A 34 2.04 -14.18 0.81
N SER A 35 2.15 -15.51 0.86
CA SER A 35 3.25 -16.16 1.55
C SER A 35 4.59 -15.58 1.13
N LYS A 36 4.79 -15.48 -0.19
CA LYS A 36 6.02 -14.94 -0.73
C LYS A 36 6.20 -13.48 -0.34
N HIS A 37 5.11 -12.72 -0.40
CA HIS A 37 5.15 -11.30 -0.04
C HIS A 37 5.67 -11.11 1.38
N ARG A 38 5.05 -11.80 2.33
CA ARG A 38 5.44 -11.70 3.73
C ARG A 38 6.97 -11.64 3.86
N ARG A 39 7.66 -12.25 2.90
CA ARG A 39 9.11 -12.27 2.91
C ARG A 39 9.67 -10.86 3.03
N THR A 40 9.14 -9.94 2.24
CA THR A 40 9.58 -8.55 2.25
C THR A 40 9.75 -8.04 3.68
N HIS A 41 8.98 -8.61 4.59
CA HIS A 41 9.04 -8.22 6.00
C HIS A 41 10.30 -8.78 6.66
N THR A 42 11.43 -8.11 6.43
CA THR A 42 12.70 -8.53 7.00
C THR A 42 13.79 -7.49 6.75
N GLY A 43 14.47 -7.10 7.82
CA GLY A 43 15.53 -6.11 7.70
C GLY A 43 15.25 -4.86 8.50
N GLU A 44 16.01 -3.80 8.22
CA GLU A 44 15.84 -2.54 8.92
C GLU A 44 15.02 -1.55 8.09
N LYS A 45 13.94 -2.04 7.51
CA LYS A 45 13.07 -1.21 6.68
C LYS A 45 11.72 -0.97 7.36
N PRO A 46 11.71 -0.04 8.33
CA PRO A 46 10.50 0.30 9.08
C PRO A 46 9.47 1.03 8.23
N TYR A 47 9.84 1.31 6.98
CA TYR A 47 8.95 2.00 6.06
C TYR A 47 8.74 1.19 4.78
N LYS A 48 7.48 1.05 4.37
CA LYS A 48 7.14 0.30 3.18
C LYS A 48 5.74 0.66 2.69
N CYS A 49 5.58 0.76 1.37
CA CYS A 49 4.30 1.10 0.78
C CYS A 49 3.47 -0.16 0.50
N ASP A 50 2.17 0.01 0.38
CA ASP A 50 1.28 -1.12 0.11
C ASP A 50 0.90 -1.17 -1.37
N GLU A 51 0.42 -0.04 -1.89
CA GLU A 51 0.02 0.04 -3.28
C GLU A 51 1.05 -0.63 -4.19
N CYS A 52 2.27 -0.09 -4.20
CA CYS A 52 3.34 -0.63 -5.02
C CYS A 52 4.00 -1.82 -4.34
N GLY A 53 4.18 -1.71 -3.02
CA GLY A 53 4.80 -2.79 -2.27
C GLY A 53 6.31 -2.69 -2.25
N LYS A 54 6.83 -1.50 -1.93
CA LYS A 54 8.27 -1.28 -1.88
C LYS A 54 8.70 -0.81 -0.50
N ALA A 55 9.93 -1.15 -0.12
CA ALA A 55 10.46 -0.77 1.19
C ALA A 55 11.51 0.32 1.04
N PHE A 56 11.64 1.16 2.07
CA PHE A 56 12.62 2.24 2.06
C PHE A 56 13.31 2.37 3.41
N ILE A 57 14.44 3.07 3.42
CA ILE A 57 15.20 3.25 4.65
C ILE A 57 14.73 4.49 5.41
N GLN A 58 14.77 5.64 4.74
CA GLN A 58 14.33 6.89 5.34
C GLN A 58 12.85 7.15 5.09
N ARG A 59 12.15 7.63 6.11
CA ARG A 59 10.72 7.91 5.98
C ARG A 59 10.45 8.81 4.78
N SER A 60 11.23 9.87 4.65
CA SER A 60 11.07 10.82 3.55
C SER A 60 10.81 10.08 2.25
N HIS A 61 11.54 9.00 2.03
CA HIS A 61 11.40 8.20 0.82
C HIS A 61 9.94 7.79 0.61
N LEU A 62 9.29 7.40 1.69
CA LEU A 62 7.89 6.98 1.63
C LEU A 62 6.95 8.19 1.67
N ILE A 63 7.22 9.11 2.59
CA ILE A 63 6.41 10.31 2.73
C ILE A 63 6.10 10.92 1.37
N GLY A 64 7.14 11.23 0.60
CA GLY A 64 6.95 11.82 -0.71
C GLY A 64 6.36 10.84 -1.70
N HIS A 65 6.89 9.62 -1.71
CA HIS A 65 6.41 8.59 -2.62
C HIS A 65 4.89 8.44 -2.52
N HIS A 66 4.38 8.53 -1.31
CA HIS A 66 2.95 8.39 -1.07
C HIS A 66 2.16 9.22 -2.09
N ARG A 67 2.79 10.22 -2.65
CA ARG A 67 2.15 11.08 -3.64
C ARG A 67 2.48 10.62 -5.06
N VAL A 68 2.75 9.33 -5.20
CA VAL A 68 3.07 8.76 -6.51
C VAL A 68 1.84 8.14 -7.16
N HIS A 69 0.96 7.57 -6.33
CA HIS A 69 -0.26 6.95 -6.83
C HIS A 69 -1.42 7.93 -6.79
N THR A 70 -2.15 8.02 -7.90
CA THR A 70 -3.29 8.92 -8.00
C THR A 70 -4.55 8.17 -8.39
N GLY A 71 -5.68 8.56 -7.79
CA GLY A 71 -6.94 7.90 -8.09
C GLY A 71 -7.04 6.51 -7.48
N SER A 72 -7.20 6.46 -6.16
CA SER A 72 -7.30 5.18 -5.47
C SER A 72 -8.66 4.53 -5.73
N GLY A 73 -8.64 3.39 -6.41
CA GLY A 73 -9.87 2.67 -6.70
C GLY A 73 -10.89 3.56 -7.39
N PRO A 74 -12.18 3.27 -7.16
CA PRO A 74 -13.28 4.03 -7.76
C PRO A 74 -13.39 5.44 -7.19
N SER A 75 -14.13 6.30 -7.88
CA SER A 75 -14.31 7.67 -7.44
C SER A 75 -14.52 7.74 -5.93
N SER A 76 -13.63 8.46 -5.24
CA SER A 76 -13.72 8.59 -3.80
C SER A 76 -15.16 8.76 -3.34
N GLY A 77 -15.82 9.80 -3.86
CA GLY A 77 -17.20 10.05 -3.50
C GLY A 77 -17.99 8.78 -3.33
N GLY A 1 -16.67 -18.48 -15.91
CA GLY A 1 -16.42 -17.18 -15.32
C GLY A 1 -15.02 -16.66 -15.62
N SER A 2 -14.69 -15.50 -15.06
CA SER A 2 -13.37 -14.90 -15.27
C SER A 2 -13.17 -13.72 -14.33
N SER A 3 -11.93 -13.20 -14.30
CA SER A 3 -11.60 -12.08 -13.44
C SER A 3 -10.68 -11.10 -14.15
N GLY A 4 -10.86 -9.81 -13.87
CA GLY A 4 -10.03 -8.80 -14.50
C GLY A 4 -8.60 -8.82 -14.01
N SER A 5 -7.65 -8.76 -14.95
CA SER A 5 -6.24 -8.78 -14.60
C SER A 5 -5.76 -7.41 -14.18
N SER A 6 -4.49 -7.31 -13.79
CA SER A 6 -3.91 -6.05 -13.35
C SER A 6 -3.68 -5.12 -14.55
N GLY A 7 -4.58 -4.16 -14.72
CA GLY A 7 -4.46 -3.22 -15.83
C GLY A 7 -4.39 -1.79 -15.36
N ARG A 8 -5.47 -1.04 -15.59
CA ARG A 8 -5.52 0.36 -15.19
C ARG A 8 -5.25 0.52 -13.70
N SER A 9 -4.38 1.45 -13.36
CA SER A 9 -4.03 1.69 -11.96
C SER A 9 -4.92 2.77 -11.35
N GLU A 10 -6.21 2.71 -11.67
CA GLU A 10 -7.17 3.68 -11.16
C GLU A 10 -8.20 3.01 -10.25
N TRP A 11 -7.97 3.11 -8.94
CA TRP A 11 -8.88 2.50 -7.97
C TRP A 11 -9.09 3.44 -6.78
N GLN A 12 -10.35 3.60 -6.38
CA GLN A 12 -10.69 4.47 -5.26
C GLN A 12 -11.69 3.79 -4.34
N GLN A 13 -11.49 2.50 -4.09
CA GLN A 13 -12.38 1.74 -3.23
C GLN A 13 -11.62 0.63 -2.51
N ARG A 14 -12.25 0.07 -1.46
CA ARG A 14 -11.62 -1.00 -0.70
C ARG A 14 -11.35 -2.22 -1.58
N GLU A 15 -10.11 -2.70 -1.54
CA GLU A 15 -9.72 -3.85 -2.34
C GLU A 15 -10.68 -5.01 -2.12
N ARG A 16 -10.82 -5.85 -3.14
CA ARG A 16 -11.72 -7.00 -3.08
C ARG A 16 -11.49 -7.78 -1.79
N ARG A 17 -10.22 -8.01 -1.45
CA ARG A 17 -9.87 -8.75 -0.24
C ARG A 17 -9.63 -7.81 0.92
N ARG A 18 -9.81 -8.32 2.15
CA ARG A 18 -9.62 -7.52 3.34
C ARG A 18 -8.16 -7.06 3.46
N TYR A 19 -7.24 -7.95 3.11
CA TYR A 19 -5.82 -7.64 3.18
C TYR A 19 -5.04 -8.38 2.10
N LYS A 20 -4.08 -7.71 1.50
CA LYS A 20 -3.26 -8.30 0.45
C LYS A 20 -1.80 -7.84 0.57
N CYS A 21 -0.89 -8.77 0.29
CA CYS A 21 0.54 -8.47 0.37
C CYS A 21 1.08 -8.02 -0.99
N ASP A 22 0.80 -6.78 -1.35
CA ASP A 22 1.26 -6.22 -2.62
C ASP A 22 2.62 -6.79 -3.00
N GLU A 23 3.47 -7.00 -2.00
CA GLU A 23 4.80 -7.54 -2.23
C GLU A 23 4.75 -8.76 -3.16
N CYS A 24 3.97 -9.76 -2.76
CA CYS A 24 3.84 -10.98 -3.54
C CYS A 24 2.50 -11.00 -4.28
N GLY A 25 1.43 -10.68 -3.56
CA GLY A 25 0.11 -10.66 -4.16
C GLY A 25 -0.81 -11.71 -3.57
N LYS A 26 -0.65 -11.96 -2.26
CA LYS A 26 -1.47 -12.95 -1.58
C LYS A 26 -2.43 -12.27 -0.60
N SER A 27 -3.54 -12.92 -0.32
CA SER A 27 -4.55 -12.39 0.59
C SER A 27 -4.82 -13.36 1.73
N PHE A 28 -4.97 -12.82 2.95
CA PHE A 28 -5.24 -13.63 4.12
C PHE A 28 -6.56 -13.24 4.77
N SER A 29 -7.23 -14.21 5.38
CA SER A 29 -8.50 -13.96 6.04
C SER A 29 -8.29 -13.25 7.37
N HIS A 30 -7.26 -13.65 8.09
CA HIS A 30 -6.95 -13.04 9.39
C HIS A 30 -5.72 -12.15 9.29
N SER A 31 -5.93 -10.85 9.46
CA SER A 31 -4.83 -9.88 9.39
C SER A 31 -3.58 -10.43 10.07
N SER A 32 -3.78 -11.33 11.03
CA SER A 32 -2.67 -11.93 11.76
C SER A 32 -1.76 -12.70 10.82
N ASP A 33 -2.32 -13.69 10.13
CA ASP A 33 -1.55 -14.51 9.19
C ASP A 33 -0.65 -13.64 8.33
N LEU A 34 -1.25 -12.69 7.63
CA LEU A 34 -0.49 -11.79 6.76
C LEU A 34 0.76 -11.27 7.47
N SER A 35 0.55 -10.56 8.57
CA SER A 35 1.66 -10.01 9.34
C SER A 35 2.82 -11.00 9.41
N LYS A 36 2.51 -12.24 9.76
CA LYS A 36 3.53 -13.28 9.86
C LYS A 36 4.14 -13.59 8.49
N HIS A 37 3.28 -13.78 7.50
CA HIS A 37 3.74 -14.07 6.14
C HIS A 37 4.74 -13.03 5.67
N ARG A 38 4.34 -11.76 5.72
CA ARG A 38 5.21 -10.67 5.29
C ARG A 38 6.66 -10.94 5.67
N ARG A 39 6.85 -11.62 6.80
CA ARG A 39 8.19 -11.95 7.28
C ARG A 39 9.03 -12.57 6.16
N THR A 40 8.47 -13.57 5.49
CA THR A 40 9.17 -14.24 4.40
C THR A 40 9.86 -13.24 3.49
N HIS A 41 9.36 -12.00 3.49
CA HIS A 41 9.95 -10.95 2.66
C HIS A 41 11.12 -10.28 3.38
N THR A 42 12.31 -10.83 3.20
CA THR A 42 13.50 -10.29 3.83
C THR A 42 14.51 -9.81 2.78
N GLY A 43 15.59 -9.19 3.24
CA GLY A 43 16.61 -8.69 2.33
C GLY A 43 16.59 -7.18 2.21
N GLU A 44 16.07 -6.69 1.10
CA GLU A 44 16.00 -5.25 0.86
C GLU A 44 14.78 -4.65 1.56
N LYS A 45 14.81 -3.33 1.73
CA LYS A 45 13.71 -2.63 2.39
C LYS A 45 12.37 -3.27 2.06
N PRO A 46 11.59 -3.57 3.10
CA PRO A 46 10.27 -4.19 2.94
C PRO A 46 9.25 -3.24 2.31
N TYR A 47 9.69 -2.04 1.99
CA TYR A 47 8.82 -1.03 1.38
C TYR A 47 9.55 -0.27 0.27
N LYS A 48 8.87 -0.11 -0.86
CA LYS A 48 9.44 0.60 -2.00
C LYS A 48 8.35 0.99 -3.00
N CYS A 49 8.55 2.13 -3.66
CA CYS A 49 7.59 2.61 -4.64
C CYS A 49 8.07 2.33 -6.06
N ASP A 50 7.20 1.73 -6.87
CA ASP A 50 7.54 1.40 -8.25
C ASP A 50 7.44 2.64 -9.14
N GLU A 51 6.41 3.44 -8.92
CA GLU A 51 6.20 4.65 -9.70
C GLU A 51 7.50 5.45 -9.82
N CYS A 52 8.06 5.84 -8.68
CA CYS A 52 9.29 6.60 -8.66
C CYS A 52 10.51 5.68 -8.58
N GLY A 53 10.45 4.70 -7.69
CA GLY A 53 11.55 3.76 -7.53
C GLY A 53 12.39 4.05 -6.31
N LYS A 54 11.72 4.39 -5.21
CA LYS A 54 12.42 4.70 -3.96
C LYS A 54 12.07 3.67 -2.88
N ALA A 55 13.05 3.32 -2.06
CA ALA A 55 12.85 2.36 -0.98
C ALA A 55 12.84 3.05 0.38
N PHE A 56 12.01 2.54 1.28
CA PHE A 56 11.91 3.11 2.63
C PHE A 56 11.96 2.01 3.69
N ILE A 57 12.59 2.33 4.81
CA ILE A 57 12.71 1.36 5.91
C ILE A 57 11.35 1.14 6.59
N GLN A 58 10.81 2.21 7.17
CA GLN A 58 9.52 2.12 7.86
C GLN A 58 8.37 2.31 6.88
N ARG A 59 7.30 1.54 7.08
CA ARG A 59 6.14 1.61 6.20
C ARG A 59 5.64 3.05 6.10
N SER A 60 5.45 3.70 7.24
CA SER A 60 4.98 5.08 7.27
C SER A 60 5.66 5.92 6.20
N HIS A 61 6.99 5.86 6.17
CA HIS A 61 7.77 6.61 5.20
C HIS A 61 7.10 6.58 3.83
N LEU A 62 6.55 5.43 3.46
CA LEU A 62 5.88 5.27 2.18
C LEU A 62 4.48 5.87 2.21
N ILE A 63 3.78 5.66 3.31
CA ILE A 63 2.43 6.19 3.47
C ILE A 63 2.35 7.65 3.03
N GLY A 64 3.28 8.47 3.54
CA GLY A 64 3.31 9.87 3.19
C GLY A 64 3.77 10.10 1.76
N HIS A 65 4.88 9.47 1.41
CA HIS A 65 5.44 9.61 0.07
C HIS A 65 4.35 9.44 -1.00
N HIS A 66 3.53 8.41 -0.83
CA HIS A 66 2.44 8.15 -1.77
C HIS A 66 1.79 9.45 -2.25
N ARG A 67 1.68 10.41 -1.34
CA ARG A 67 1.08 11.70 -1.67
C ARG A 67 1.61 12.22 -2.99
N VAL A 68 2.93 12.32 -3.10
CA VAL A 68 3.57 12.81 -4.32
C VAL A 68 2.84 12.30 -5.55
N HIS A 69 2.21 11.13 -5.43
CA HIS A 69 1.49 10.53 -6.54
C HIS A 69 -0.01 10.47 -6.24
N THR A 70 -0.79 10.04 -7.22
CA THR A 70 -2.23 9.93 -7.06
C THR A 70 -2.67 8.48 -6.90
N GLY A 71 -2.73 8.01 -5.66
CA GLY A 71 -3.13 6.64 -5.39
C GLY A 71 -3.92 6.51 -4.11
N SER A 72 -4.98 5.72 -4.16
CA SER A 72 -5.83 5.51 -2.99
C SER A 72 -6.65 4.23 -3.14
N GLY A 73 -7.43 3.91 -2.11
CA GLY A 73 -8.26 2.72 -2.13
C GLY A 73 -9.35 2.73 -1.07
N PRO A 74 -8.93 2.67 0.20
CA PRO A 74 -9.85 2.68 1.33
C PRO A 74 -10.55 4.02 1.51
N SER A 75 -11.48 4.08 2.46
CA SER A 75 -12.21 5.31 2.73
C SER A 75 -11.44 6.22 3.67
N SER A 76 -11.70 7.52 3.59
CA SER A 76 -11.02 8.49 4.44
C SER A 76 -11.89 8.85 5.66
N GLY A 77 -13.13 9.25 5.39
CA GLY A 77 -14.04 9.61 6.46
C GLY A 77 -15.28 10.32 5.95
N GLY A 1 16.83 -2.79 -25.86
CA GLY A 1 15.63 -2.82 -26.67
C GLY A 1 14.40 -2.46 -25.88
N SER A 2 13.33 -2.08 -26.58
CA SER A 2 12.08 -1.71 -25.94
C SER A 2 10.96 -2.69 -26.30
N SER A 3 10.42 -3.36 -25.29
CA SER A 3 9.35 -4.33 -25.51
C SER A 3 8.31 -4.25 -24.39
N GLY A 4 7.06 -3.98 -24.78
CA GLY A 4 5.99 -3.88 -23.80
C GLY A 4 5.15 -5.14 -23.74
N SER A 5 4.26 -5.20 -22.74
CA SER A 5 3.39 -6.36 -22.57
C SER A 5 1.93 -5.94 -22.57
N SER A 6 1.03 -6.92 -22.49
CA SER A 6 -0.41 -6.66 -22.48
C SER A 6 -0.87 -6.28 -21.08
N GLY A 7 -0.10 -6.67 -20.07
CA GLY A 7 -0.45 -6.36 -18.70
C GLY A 7 -1.64 -7.17 -18.21
N ARG A 8 -2.82 -6.84 -18.70
CA ARG A 8 -4.04 -7.55 -18.30
C ARG A 8 -4.29 -7.39 -16.80
N SER A 9 -4.09 -6.18 -16.30
CA SER A 9 -4.30 -5.91 -14.88
C SER A 9 -5.49 -4.99 -14.67
N GLU A 10 -6.03 -5.00 -13.45
CA GLU A 10 -7.19 -4.18 -13.11
C GLU A 10 -6.82 -3.14 -12.06
N TRP A 11 -7.35 -1.93 -12.21
CA TRP A 11 -7.08 -0.85 -11.27
C TRP A 11 -8.31 0.04 -11.10
N GLN A 12 -8.18 1.05 -10.25
CA GLN A 12 -9.28 1.97 -10.00
C GLN A 12 -10.62 1.25 -10.07
N GLN A 13 -10.67 0.05 -9.52
CA GLN A 13 -11.90 -0.75 -9.53
C GLN A 13 -11.86 -1.80 -8.43
N ARG A 14 -12.93 -1.86 -7.63
CA ARG A 14 -13.02 -2.82 -6.54
C ARG A 14 -12.54 -4.20 -7.00
N GLU A 15 -11.89 -4.92 -6.08
CA GLU A 15 -11.37 -6.25 -6.39
C GLU A 15 -11.77 -7.25 -5.31
N ARG A 16 -11.88 -8.52 -5.69
CA ARG A 16 -12.25 -9.57 -4.76
C ARG A 16 -11.24 -10.71 -4.78
N ARG A 17 -10.90 -11.23 -3.61
CA ARG A 17 -9.94 -12.32 -3.50
C ARG A 17 -10.24 -13.19 -2.29
N ARG A 18 -9.68 -14.39 -2.27
CA ARG A 18 -9.89 -15.33 -1.17
C ARG A 18 -9.14 -14.88 0.08
N TYR A 19 -7.86 -14.58 -0.09
CA TYR A 19 -7.02 -14.14 1.02
C TYR A 19 -6.53 -12.71 0.80
N LYS A 20 -6.37 -11.97 1.90
CA LYS A 20 -5.90 -10.59 1.84
C LYS A 20 -5.11 -10.23 3.08
N CYS A 21 -3.91 -9.70 2.89
CA CYS A 21 -3.05 -9.31 3.99
C CYS A 21 -3.52 -7.98 4.59
N ASP A 22 -4.57 -8.05 5.39
CA ASP A 22 -5.12 -6.86 6.03
C ASP A 22 -4.00 -5.97 6.59
N GLU A 23 -2.90 -6.61 7.01
CA GLU A 23 -1.77 -5.89 7.56
C GLU A 23 -1.40 -4.69 6.69
N CYS A 24 -1.26 -4.94 5.39
CA CYS A 24 -0.92 -3.88 4.44
C CYS A 24 -2.08 -3.59 3.50
N GLY A 25 -2.69 -4.65 2.98
CA GLY A 25 -3.82 -4.48 2.07
C GLY A 25 -3.60 -5.19 0.75
N LYS A 26 -2.87 -6.29 0.77
CA LYS A 26 -2.58 -7.06 -0.43
C LYS A 26 -3.48 -8.29 -0.51
N SER A 27 -3.58 -8.86 -1.71
CA SER A 27 -4.41 -10.05 -1.93
C SER A 27 -3.63 -11.13 -2.68
N PHE A 28 -3.88 -12.38 -2.32
CA PHE A 28 -3.21 -13.50 -2.97
C PHE A 28 -4.21 -14.58 -3.36
N SER A 29 -3.75 -15.55 -4.15
CA SER A 29 -4.61 -16.63 -4.60
C SER A 29 -4.38 -17.89 -3.76
N HIS A 30 -3.13 -18.13 -3.40
CA HIS A 30 -2.78 -19.30 -2.59
C HIS A 30 -2.35 -18.88 -1.19
N SER A 31 -3.15 -19.23 -0.20
CA SER A 31 -2.86 -18.89 1.19
C SER A 31 -1.36 -19.04 1.48
N SER A 32 -0.79 -20.16 1.05
CA SER A 32 0.63 -20.43 1.26
C SER A 32 1.46 -19.19 0.96
N ASP A 33 1.15 -18.54 -0.16
CA ASP A 33 1.88 -17.34 -0.56
C ASP A 33 1.76 -16.25 0.50
N LEU A 34 0.55 -15.76 0.72
CA LEU A 34 0.30 -14.72 1.71
C LEU A 34 1.25 -14.87 2.90
N SER A 35 1.48 -16.11 3.30
CA SER A 35 2.36 -16.39 4.44
C SER A 35 3.78 -15.91 4.15
N LYS A 36 4.36 -16.40 3.07
CA LYS A 36 5.71 -16.02 2.68
C LYS A 36 5.82 -14.52 2.49
N HIS A 37 4.76 -13.91 1.98
CA HIS A 37 4.74 -12.46 1.76
C HIS A 37 4.97 -11.70 3.06
N ARG A 38 4.08 -11.90 4.03
CA ARG A 38 4.20 -11.23 5.32
C ARG A 38 5.66 -11.00 5.68
N ARG A 39 6.49 -12.02 5.50
CA ARG A 39 7.91 -11.93 5.80
C ARG A 39 8.47 -10.56 5.38
N THR A 40 8.20 -10.19 4.14
CA THR A 40 8.68 -8.92 3.61
C THR A 40 8.50 -7.80 4.64
N HIS A 41 7.39 -7.84 5.36
CA HIS A 41 7.11 -6.82 6.37
C HIS A 41 8.36 -6.50 7.19
N THR A 42 9.13 -7.55 7.51
CA THR A 42 10.35 -7.38 8.28
C THR A 42 11.05 -6.06 7.93
N GLY A 43 11.37 -5.90 6.66
CA GLY A 43 12.05 -4.69 6.21
C GLY A 43 13.34 -4.44 6.95
N GLU A 44 14.21 -3.61 6.37
CA GLU A 44 15.49 -3.29 6.98
C GLU A 44 15.70 -1.78 7.06
N LYS A 45 15.31 -1.08 5.99
CA LYS A 45 15.44 0.36 5.93
C LYS A 45 14.60 1.04 7.02
N PRO A 46 14.99 2.26 7.40
CA PRO A 46 14.29 3.04 8.42
C PRO A 46 12.91 3.52 7.94
N TYR A 47 12.55 3.12 6.74
CA TYR A 47 11.27 3.51 6.15
C TYR A 47 10.76 2.45 5.17
N LYS A 48 9.47 2.16 5.24
CA LYS A 48 8.86 1.18 4.35
C LYS A 48 7.38 1.47 4.15
N CYS A 49 6.93 1.43 2.90
CA CYS A 49 5.53 1.68 2.58
C CYS A 49 4.75 0.38 2.49
N ASP A 50 3.99 0.09 3.54
CA ASP A 50 3.18 -1.13 3.58
C ASP A 50 2.27 -1.23 2.36
N GLU A 51 1.62 -0.12 2.02
CA GLU A 51 0.72 -0.07 0.87
C GLU A 51 1.28 -0.90 -0.28
N CYS A 52 2.44 -0.48 -0.79
CA CYS A 52 3.08 -1.18 -1.90
C CYS A 52 4.04 -2.25 -1.38
N GLY A 53 4.94 -1.85 -0.50
CA GLY A 53 5.91 -2.80 0.05
C GLY A 53 7.32 -2.47 -0.34
N LYS A 54 7.61 -1.19 -0.54
CA LYS A 54 8.94 -0.74 -0.92
C LYS A 54 9.63 -0.01 0.22
N ALA A 55 10.95 -0.14 0.29
CA ALA A 55 11.72 0.52 1.34
C ALA A 55 12.49 1.71 0.80
N PHE A 56 12.65 2.74 1.63
CA PHE A 56 13.36 3.94 1.23
C PHE A 56 14.35 4.38 2.30
N ILE A 57 15.62 4.06 2.09
CA ILE A 57 16.67 4.41 3.04
C ILE A 57 16.41 5.78 3.66
N GLN A 58 16.10 6.76 2.82
CA GLN A 58 15.84 8.11 3.28
C GLN A 58 14.36 8.29 3.62
N ARG A 59 14.03 9.42 4.23
CA ARG A 59 12.65 9.70 4.61
C ARG A 59 11.90 10.41 3.48
N SER A 60 12.49 11.49 2.98
CA SER A 60 11.88 12.25 1.89
C SER A 60 11.45 11.33 0.76
N HIS A 61 12.39 10.52 0.28
CA HIS A 61 12.12 9.59 -0.81
C HIS A 61 10.73 8.98 -0.68
N LEU A 62 10.31 8.76 0.56
CA LEU A 62 9.00 8.18 0.83
C LEU A 62 7.90 9.24 0.76
N ILE A 63 8.19 10.41 1.32
CA ILE A 63 7.24 11.51 1.33
C ILE A 63 6.62 11.71 -0.06
N GLY A 64 7.47 11.67 -1.08
CA GLY A 64 6.99 11.83 -2.45
C GLY A 64 6.19 10.64 -2.93
N HIS A 65 6.78 9.45 -2.81
CA HIS A 65 6.11 8.23 -3.24
C HIS A 65 4.67 8.18 -2.73
N HIS A 66 4.50 8.52 -1.45
CA HIS A 66 3.17 8.51 -0.84
C HIS A 66 2.12 9.03 -1.82
N ARG A 67 2.54 9.90 -2.72
CA ARG A 67 1.63 10.47 -3.71
C ARG A 67 1.52 9.57 -4.93
N VAL A 68 1.67 8.27 -4.72
CA VAL A 68 1.60 7.30 -5.80
C VAL A 68 0.26 6.56 -5.78
N HIS A 69 -0.30 6.40 -4.59
CA HIS A 69 -1.57 5.70 -4.43
C HIS A 69 -2.72 6.70 -4.38
N THR A 70 -3.09 7.23 -5.55
CA THR A 70 -4.19 8.19 -5.63
C THR A 70 -5.53 7.54 -5.32
N GLY A 71 -5.74 6.34 -5.85
CA GLY A 71 -6.99 5.64 -5.61
C GLY A 71 -6.78 4.14 -5.46
N SER A 72 -7.19 3.60 -4.31
CA SER A 72 -7.04 2.17 -4.05
C SER A 72 -8.14 1.38 -4.75
N GLY A 73 -9.39 1.82 -4.59
CA GLY A 73 -10.50 1.14 -5.21
C GLY A 73 -11.18 1.99 -6.27
N PRO A 74 -12.50 1.78 -6.45
CA PRO A 74 -13.29 2.53 -7.42
C PRO A 74 -13.48 3.98 -7.03
N SER A 75 -12.78 4.87 -7.72
CA SER A 75 -12.87 6.30 -7.44
C SER A 75 -14.29 6.81 -7.63
N SER A 76 -14.91 6.40 -8.73
CA SER A 76 -16.29 6.80 -9.03
C SER A 76 -16.43 8.33 -8.92
N GLY A 77 -15.44 9.04 -9.45
CA GLY A 77 -15.47 10.49 -9.40
C GLY A 77 -14.37 11.07 -8.56
#